data_1KVV
# 
_entry.id   1KVV 
# 
_audit_conform.dict_name       mmcif_pdbx.dic 
_audit_conform.dict_version    5.392 
_audit_conform.dict_location   http://mmcif.pdb.org/dictionaries/ascii/mmcif_pdbx.dic 
# 
loop_
_database_2.database_id 
_database_2.database_code 
_database_2.pdbx_database_accession 
_database_2.pdbx_DOI 
PDB   1KVV         pdb_00001kvv 10.2210/pdb1kvv/pdb 
RCSB  RCSB015389   ?            ?                   
WWPDB D_1000015389 ?            ?                   
# 
loop_
_pdbx_audit_revision_history.ordinal 
_pdbx_audit_revision_history.data_content_type 
_pdbx_audit_revision_history.major_revision 
_pdbx_audit_revision_history.minor_revision 
_pdbx_audit_revision_history.revision_date 
1 'Structure model' 1 0 2002-03-20 
2 'Structure model' 1 1 2008-04-27 
3 'Structure model' 1 2 2011-07-13 
4 'Structure model' 1 3 2021-10-27 
5 'Structure model' 1 4 2024-05-22 
# 
_pdbx_audit_revision_details.ordinal             1 
_pdbx_audit_revision_details.revision_ordinal    1 
_pdbx_audit_revision_details.data_content_type   'Structure model' 
_pdbx_audit_revision_details.provider            repository 
_pdbx_audit_revision_details.type                'Initial release' 
_pdbx_audit_revision_details.description         ? 
_pdbx_audit_revision_details.details             ? 
# 
loop_
_pdbx_audit_revision_group.ordinal 
_pdbx_audit_revision_group.revision_ordinal 
_pdbx_audit_revision_group.data_content_type 
_pdbx_audit_revision_group.group 
1 2 'Structure model' 'Version format compliance' 
2 3 'Structure model' 'Version format compliance' 
3 4 'Structure model' 'Data collection'           
4 4 'Structure model' 'Database references'       
5 4 'Structure model' 'Derived calculations'      
6 5 'Structure model' 'Data collection'           
# 
loop_
_pdbx_audit_revision_category.ordinal 
_pdbx_audit_revision_category.revision_ordinal 
_pdbx_audit_revision_category.data_content_type 
_pdbx_audit_revision_category.category 
1 4 'Structure model' database_2            
2 4 'Structure model' pdbx_nmr_software     
3 4 'Structure model' pdbx_struct_assembly  
4 4 'Structure model' pdbx_struct_oper_list 
5 4 'Structure model' struct_ref_seq_dif    
6 5 'Structure model' chem_comp_atom        
7 5 'Structure model' chem_comp_bond        
# 
loop_
_pdbx_audit_revision_item.ordinal 
_pdbx_audit_revision_item.revision_ordinal 
_pdbx_audit_revision_item.data_content_type 
_pdbx_audit_revision_item.item 
1 4 'Structure model' '_database_2.pdbx_DOI'                
2 4 'Structure model' '_database_2.pdbx_database_accession' 
3 4 'Structure model' '_pdbx_nmr_software.name'             
4 4 'Structure model' '_struct_ref_seq_dif.details'         
# 
_pdbx_database_status.status_code                     REL 
_pdbx_database_status.entry_id                        1KVV 
_pdbx_database_status.recvd_initial_deposition_date   2002-01-27 
_pdbx_database_status.deposit_site                    RCSB 
_pdbx_database_status.process_site                    RCSB 
_pdbx_database_status.SG_entry                        . 
_pdbx_database_status.pdb_format_compatible           Y 
_pdbx_database_status.status_code_mr                  ? 
_pdbx_database_status.status_code_sf                  ? 
_pdbx_database_status.status_code_cs                  ? 
_pdbx_database_status.status_code_nmr_data            ? 
_pdbx_database_status.methods_development_category    ? 
# 
loop_
_pdbx_database_related.db_name 
_pdbx_database_related.db_id 
_pdbx_database_related.details 
_pdbx_database_related.content_type 
BMRB 4935 'Deposition 4935 contains assignments for protein SRP19 of  Archaeoglobus fulgidus.'                       unspecified 
PDB  1KVN '1KVN contains the coordinates for the ensemble of the ten lowest energy structures for the same protein.' unspecified 
# 
loop_
_audit_author.name 
_audit_author.pdbx_ordinal 
'Pakhomova, O.N.' 1 
'Deep, S.'        2 
'Huang, Q.'       3 
'Zwieb, C.'       4 
'Hinck, A.P.'     5 
# 
_citation.id                        primary 
_citation.title                     'Solution structure of protein SRP19 of Archaeoglobus fulgidus signal recognition particle.' 
_citation.journal_abbrev            J.Mol.Biol. 
_citation.journal_volume            317 
_citation.page_first                145 
_citation.page_last                 158 
_citation.year                      2002 
_citation.journal_id_ASTM           JMOBAK 
_citation.country                   UK 
_citation.journal_id_ISSN           0022-2836 
_citation.journal_id_CSD            0070 
_citation.book_publisher            ? 
_citation.pdbx_database_id_PubMed   11916385 
_citation.pdbx_database_id_DOI      10.1006/jmbi.2002.5411 
# 
loop_
_citation_author.citation_id 
_citation_author.name 
_citation_author.ordinal 
_citation_author.identifier_ORCID 
primary 'Pakhomova, O.N.' 1 ? 
primary 'Deep, S.'        2 ? 
primary 'Huang, Q.'       3 ? 
primary 'Zwieb, C.'       4 ? 
primary 'Hinck, A.P.'     5 ? 
# 
_entity.id                         1 
_entity.type                       polymer 
_entity.src_method                 man 
_entity.pdbx_description           SRP19 
_entity.formula_weight             12406.707 
_entity.pdbx_number_of_molecules   1 
_entity.pdbx_ec                    ? 
_entity.pdbx_mutation              C4S/C41S 
_entity.pdbx_fragment              ? 
_entity.details                    ? 
# 
_entity_name_com.entity_id   1 
_entity_name_com.name        'SIGNAL RECOGNITION PARTICLE 19 KDA PROTEIN' 
# 
_entity_poly.entity_id                      1 
_entity_poly.type                           'polypeptide(L)' 
_entity_poly.nstd_linkage                   no 
_entity_poly.nstd_monomer                   no 
_entity_poly.pdbx_seq_one_letter_code       
;MKESVVWTVNLDSKKSRAEGRRIPRRFAVPNVKLHELVEASKELGLKFRAEEKKYPKSWWEEGGRVVVEKRGTKTKLMIE
LARKIAEIREQKREQKKDKKKKKK
;
_entity_poly.pdbx_seq_one_letter_code_can   
;MKESVVWTVNLDSKKSRAEGRRIPRRFAVPNVKLHELVEASKELGLKFRAEEKKYPKSWWEEGGRVVVEKRGTKTKLMIE
LARKIAEIREQKREQKKDKKKKKK
;
_entity_poly.pdbx_strand_id                 A 
_entity_poly.pdbx_target_identifier         ? 
# 
loop_
_entity_poly_seq.entity_id 
_entity_poly_seq.num 
_entity_poly_seq.mon_id 
_entity_poly_seq.hetero 
1 1   MET n 
1 2   LYS n 
1 3   GLU n 
1 4   SER n 
1 5   VAL n 
1 6   VAL n 
1 7   TRP n 
1 8   THR n 
1 9   VAL n 
1 10  ASN n 
1 11  LEU n 
1 12  ASP n 
1 13  SER n 
1 14  LYS n 
1 15  LYS n 
1 16  SER n 
1 17  ARG n 
1 18  ALA n 
1 19  GLU n 
1 20  GLY n 
1 21  ARG n 
1 22  ARG n 
1 23  ILE n 
1 24  PRO n 
1 25  ARG n 
1 26  ARG n 
1 27  PHE n 
1 28  ALA n 
1 29  VAL n 
1 30  PRO n 
1 31  ASN n 
1 32  VAL n 
1 33  LYS n 
1 34  LEU n 
1 35  HIS n 
1 36  GLU n 
1 37  LEU n 
1 38  VAL n 
1 39  GLU n 
1 40  ALA n 
1 41  SER n 
1 42  LYS n 
1 43  GLU n 
1 44  LEU n 
1 45  GLY n 
1 46  LEU n 
1 47  LYS n 
1 48  PHE n 
1 49  ARG n 
1 50  ALA n 
1 51  GLU n 
1 52  GLU n 
1 53  LYS n 
1 54  LYS n 
1 55  TYR n 
1 56  PRO n 
1 57  LYS n 
1 58  SER n 
1 59  TRP n 
1 60  TRP n 
1 61  GLU n 
1 62  GLU n 
1 63  GLY n 
1 64  GLY n 
1 65  ARG n 
1 66  VAL n 
1 67  VAL n 
1 68  VAL n 
1 69  GLU n 
1 70  LYS n 
1 71  ARG n 
1 72  GLY n 
1 73  THR n 
1 74  LYS n 
1 75  THR n 
1 76  LYS n 
1 77  LEU n 
1 78  MET n 
1 79  ILE n 
1 80  GLU n 
1 81  LEU n 
1 82  ALA n 
1 83  ARG n 
1 84  LYS n 
1 85  ILE n 
1 86  ALA n 
1 87  GLU n 
1 88  ILE n 
1 89  ARG n 
1 90  GLU n 
1 91  GLN n 
1 92  LYS n 
1 93  ARG n 
1 94  GLU n 
1 95  GLN n 
1 96  LYS n 
1 97  LYS n 
1 98  ASP n 
1 99  LYS n 
1 100 LYS n 
1 101 LYS n 
1 102 LYS n 
1 103 LYS n 
1 104 LYS n 
# 
_entity_src_gen.entity_id                          1 
_entity_src_gen.pdbx_src_id                        1 
_entity_src_gen.pdbx_alt_source_flag               sample 
_entity_src_gen.pdbx_seq_type                      ? 
_entity_src_gen.pdbx_beg_seq_num                   ? 
_entity_src_gen.pdbx_end_seq_num                   ? 
_entity_src_gen.gene_src_common_name               ? 
_entity_src_gen.gene_src_genus                     Archaeoglobus 
_entity_src_gen.pdbx_gene_src_gene                 AF1258 
_entity_src_gen.gene_src_species                   ? 
_entity_src_gen.gene_src_strain                    ? 
_entity_src_gen.gene_src_tissue                    ? 
_entity_src_gen.gene_src_tissue_fraction           ? 
_entity_src_gen.gene_src_details                   ? 
_entity_src_gen.pdbx_gene_src_fragment             ? 
_entity_src_gen.pdbx_gene_src_scientific_name      'Archaeoglobus fulgidus' 
_entity_src_gen.pdbx_gene_src_ncbi_taxonomy_id     2234 
_entity_src_gen.pdbx_gene_src_variant              ? 
_entity_src_gen.pdbx_gene_src_cell_line            ? 
_entity_src_gen.pdbx_gene_src_atcc                 ? 
_entity_src_gen.pdbx_gene_src_organ                ? 
_entity_src_gen.pdbx_gene_src_organelle            ? 
_entity_src_gen.pdbx_gene_src_cell                 ? 
_entity_src_gen.pdbx_gene_src_cellular_location    ? 
_entity_src_gen.host_org_common_name               ? 
_entity_src_gen.pdbx_host_org_scientific_name      'Escherichia coli BL21(DE3)' 
_entity_src_gen.pdbx_host_org_ncbi_taxonomy_id     469008 
_entity_src_gen.host_org_genus                     Escherichia 
_entity_src_gen.pdbx_host_org_gene                 ? 
_entity_src_gen.pdbx_host_org_organ                ? 
_entity_src_gen.host_org_species                   'Escherichia coli' 
_entity_src_gen.pdbx_host_org_tissue               ? 
_entity_src_gen.pdbx_host_org_tissue_fraction      ? 
_entity_src_gen.pdbx_host_org_strain               'BL21(DE3)' 
_entity_src_gen.pdbx_host_org_variant              ? 
_entity_src_gen.pdbx_host_org_cell_line            ? 
_entity_src_gen.pdbx_host_org_atcc                 ? 
_entity_src_gen.pdbx_host_org_culture_collection   ? 
_entity_src_gen.pdbx_host_org_cell                 ? 
_entity_src_gen.pdbx_host_org_organelle            ? 
_entity_src_gen.pdbx_host_org_cellular_location    ? 
_entity_src_gen.pdbx_host_org_vector_type          plasmid 
_entity_src_gen.pdbx_host_org_vector               ? 
_entity_src_gen.host_org_details                   ? 
_entity_src_gen.expression_system_id               ? 
_entity_src_gen.plasmid_name                       'pET-23c(+)' 
_entity_src_gen.plasmid_details                    ? 
_entity_src_gen.pdbx_description                   ? 
# 
loop_
_chem_comp.id 
_chem_comp.type 
_chem_comp.mon_nstd_flag 
_chem_comp.name 
_chem_comp.pdbx_synonyms 
_chem_comp.formula 
_chem_comp.formula_weight 
ALA 'L-peptide linking' y ALANINE         ? 'C3 H7 N O2'     89.093  
ARG 'L-peptide linking' y ARGININE        ? 'C6 H15 N4 O2 1' 175.209 
ASN 'L-peptide linking' y ASPARAGINE      ? 'C4 H8 N2 O3'    132.118 
ASP 'L-peptide linking' y 'ASPARTIC ACID' ? 'C4 H7 N O4'     133.103 
CYS 'L-peptide linking' y CYSTEINE        ? 'C3 H7 N O2 S'   121.158 
GLN 'L-peptide linking' y GLUTAMINE       ? 'C5 H10 N2 O3'   146.144 
GLU 'L-peptide linking' y 'GLUTAMIC ACID' ? 'C5 H9 N O4'     147.129 
GLY 'peptide linking'   y GLYCINE         ? 'C2 H5 N O2'     75.067  
HIS 'L-peptide linking' y HISTIDINE       ? 'C6 H10 N3 O2 1' 156.162 
ILE 'L-peptide linking' y ISOLEUCINE      ? 'C6 H13 N O2'    131.173 
LEU 'L-peptide linking' y LEUCINE         ? 'C6 H13 N O2'    131.173 
LYS 'L-peptide linking' y LYSINE          ? 'C6 H15 N2 O2 1' 147.195 
MET 'L-peptide linking' y METHIONINE      ? 'C5 H11 N O2 S'  149.211 
PHE 'L-peptide linking' y PHENYLALANINE   ? 'C9 H11 N O2'    165.189 
PRO 'L-peptide linking' y PROLINE         ? 'C5 H9 N O2'     115.130 
SER 'L-peptide linking' y SERINE          ? 'C3 H7 N O3'     105.093 
THR 'L-peptide linking' y THREONINE       ? 'C4 H9 N O3'     119.119 
TRP 'L-peptide linking' y TRYPTOPHAN      ? 'C11 H12 N2 O2'  204.225 
TYR 'L-peptide linking' y TYROSINE        ? 'C9 H11 N O3'    181.189 
VAL 'L-peptide linking' y VALINE          ? 'C5 H11 N O2'    117.146 
# 
loop_
_pdbx_poly_seq_scheme.asym_id 
_pdbx_poly_seq_scheme.entity_id 
_pdbx_poly_seq_scheme.seq_id 
_pdbx_poly_seq_scheme.mon_id 
_pdbx_poly_seq_scheme.ndb_seq_num 
_pdbx_poly_seq_scheme.pdb_seq_num 
_pdbx_poly_seq_scheme.auth_seq_num 
_pdbx_poly_seq_scheme.pdb_mon_id 
_pdbx_poly_seq_scheme.auth_mon_id 
_pdbx_poly_seq_scheme.pdb_strand_id 
_pdbx_poly_seq_scheme.pdb_ins_code 
_pdbx_poly_seq_scheme.hetero 
A 1 1   MET 1   1   1   MET MET A . n 
A 1 2   LYS 2   2   2   LYS LYS A . n 
A 1 3   GLU 3   3   3   GLU GLU A . n 
A 1 4   SER 4   4   4   SER SER A . n 
A 1 5   VAL 5   5   5   VAL VAL A . n 
A 1 6   VAL 6   6   6   VAL VAL A . n 
A 1 7   TRP 7   7   7   TRP TRP A . n 
A 1 8   THR 8   8   8   THR THR A . n 
A 1 9   VAL 9   9   9   VAL VAL A . n 
A 1 10  ASN 10  10  10  ASN ASN A . n 
A 1 11  LEU 11  11  11  LEU LEU A . n 
A 1 12  ASP 12  12  12  ASP ASP A . n 
A 1 13  SER 13  13  13  SER SER A . n 
A 1 14  LYS 14  14  14  LYS LYS A . n 
A 1 15  LYS 15  15  15  LYS LYS A . n 
A 1 16  SER 16  16  16  SER SER A . n 
A 1 17  ARG 17  17  17  ARG ARG A . n 
A 1 18  ALA 18  18  18  ALA ALA A . n 
A 1 19  GLU 19  19  19  GLU GLU A . n 
A 1 20  GLY 20  20  20  GLY GLY A . n 
A 1 21  ARG 21  21  21  ARG ARG A . n 
A 1 22  ARG 22  22  22  ARG ARG A . n 
A 1 23  ILE 23  23  23  ILE ILE A . n 
A 1 24  PRO 24  24  24  PRO PRO A . n 
A 1 25  ARG 25  25  25  ARG ARG A . n 
A 1 26  ARG 26  26  26  ARG ARG A . n 
A 1 27  PHE 27  27  27  PHE PHE A . n 
A 1 28  ALA 28  28  28  ALA ALA A . n 
A 1 29  VAL 29  29  29  VAL VAL A . n 
A 1 30  PRO 30  30  30  PRO PRO A . n 
A 1 31  ASN 31  31  31  ASN ASN A . n 
A 1 32  VAL 32  32  32  VAL VAL A . n 
A 1 33  LYS 33  33  33  LYS LYS A . n 
A 1 34  LEU 34  34  34  LEU LEU A . n 
A 1 35  HIS 35  35  35  HIS HIS A . n 
A 1 36  GLU 36  36  36  GLU GLU A . n 
A 1 37  LEU 37  37  37  LEU LEU A . n 
A 1 38  VAL 38  38  38  VAL VAL A . n 
A 1 39  GLU 39  39  39  GLU GLU A . n 
A 1 40  ALA 40  40  40  ALA ALA A . n 
A 1 41  SER 41  41  41  SER SER A . n 
A 1 42  LYS 42  42  42  LYS LYS A . n 
A 1 43  GLU 43  43  43  GLU GLU A . n 
A 1 44  LEU 44  44  44  LEU LEU A . n 
A 1 45  GLY 45  45  45  GLY GLY A . n 
A 1 46  LEU 46  46  46  LEU LEU A . n 
A 1 47  LYS 47  47  47  LYS LYS A . n 
A 1 48  PHE 48  48  48  PHE PHE A . n 
A 1 49  ARG 49  49  49  ARG ARG A . n 
A 1 50  ALA 50  50  50  ALA ALA A . n 
A 1 51  GLU 51  51  51  GLU GLU A . n 
A 1 52  GLU 52  52  52  GLU GLU A . n 
A 1 53  LYS 53  53  53  LYS LYS A . n 
A 1 54  LYS 54  54  54  LYS LYS A . n 
A 1 55  TYR 55  55  55  TYR TYR A . n 
A 1 56  PRO 56  56  56  PRO PRO A . n 
A 1 57  LYS 57  57  57  LYS LYS A . n 
A 1 58  SER 58  58  58  SER SER A . n 
A 1 59  TRP 59  59  59  TRP TRP A . n 
A 1 60  TRP 60  60  60  TRP TRP A . n 
A 1 61  GLU 61  61  61  GLU GLU A . n 
A 1 62  GLU 62  62  62  GLU GLU A . n 
A 1 63  GLY 63  63  63  GLY GLY A . n 
A 1 64  GLY 64  64  64  GLY GLY A . n 
A 1 65  ARG 65  65  65  ARG ARG A . n 
A 1 66  VAL 66  66  66  VAL VAL A . n 
A 1 67  VAL 67  67  67  VAL VAL A . n 
A 1 68  VAL 68  68  68  VAL VAL A . n 
A 1 69  GLU 69  69  69  GLU GLU A . n 
A 1 70  LYS 70  70  70  LYS LYS A . n 
A 1 71  ARG 71  71  71  ARG ARG A . n 
A 1 72  GLY 72  72  72  GLY GLY A . n 
A 1 73  THR 73  73  73  THR THR A . n 
A 1 74  LYS 74  74  74  LYS LYS A . n 
A 1 75  THR 75  75  75  THR THR A . n 
A 1 76  LYS 76  76  76  LYS LYS A . n 
A 1 77  LEU 77  77  77  LEU LEU A . n 
A 1 78  MET 78  78  78  MET MET A . n 
A 1 79  ILE 79  79  79  ILE ILE A . n 
A 1 80  GLU 80  80  80  GLU GLU A . n 
A 1 81  LEU 81  81  81  LEU LEU A . n 
A 1 82  ALA 82  82  82  ALA ALA A . n 
A 1 83  ARG 83  83  83  ARG ARG A . n 
A 1 84  LYS 84  84  84  LYS LYS A . n 
A 1 85  ILE 85  85  85  ILE ILE A . n 
A 1 86  ALA 86  86  86  ALA ALA A . n 
A 1 87  GLU 87  87  87  GLU GLU A . n 
A 1 88  ILE 88  88  88  ILE ILE A . n 
A 1 89  ARG 89  89  89  ARG ARG A . n 
A 1 90  GLU 90  90  90  GLU GLU A . n 
A 1 91  GLN 91  91  91  GLN GLN A . n 
A 1 92  LYS 92  92  92  LYS LYS A . n 
A 1 93  ARG 93  93  93  ARG ARG A . n 
A 1 94  GLU 94  94  94  GLU GLU A . n 
A 1 95  GLN 95  95  95  GLN GLN A . n 
A 1 96  LYS 96  96  96  LYS LYS A . n 
A 1 97  LYS 97  97  97  LYS LYS A . n 
A 1 98  ASP 98  98  98  ASP ASP A . n 
A 1 99  LYS 99  99  99  LYS LYS A . n 
A 1 100 LYS 100 100 100 LYS LYS A . n 
A 1 101 LYS 101 101 101 LYS LYS A . n 
A 1 102 LYS 102 102 102 LYS LYS A . n 
A 1 103 LYS 103 103 103 LYS LYS A . n 
A 1 104 LYS 104 104 104 LYS LYS A . n 
# 
_exptl.entry_id          1KVV 
_exptl.method            'SOLUTION NMR' 
_exptl.crystals_number   ? 
# 
_exptl_crystal.id                    1 
_exptl_crystal.density_meas          ? 
_exptl_crystal.density_Matthews      ? 
_exptl_crystal.density_percent_sol   ? 
_exptl_crystal.description           ? 
# 
_diffrn.id                     1 
_diffrn.ambient_temp           ? 
_diffrn.ambient_temp_details   ? 
_diffrn.crystal_id             1 
# 
_diffrn_radiation.diffrn_id                        1 
_diffrn_radiation.wavelength_id                    1 
_diffrn_radiation.pdbx_monochromatic_or_laue_m_l   M 
_diffrn_radiation.monochromator                    ? 
_diffrn_radiation.pdbx_diffrn_protocol             'SINGLE WAVELENGTH' 
_diffrn_radiation.pdbx_scattering_type             ? 
# 
_diffrn_radiation_wavelength.id           1 
_diffrn_radiation_wavelength.wavelength   . 
_diffrn_radiation_wavelength.wt           1.0 
# 
_struct.entry_id                  1KVV 
_struct.title                     
'Solution Structure Of Protein SRP19 Of The Archaeoglobus fulgidus Signal Recognition Particle, Minimized Average Structure' 
_struct.pdbx_model_details        ? 
_struct.pdbx_CASP_flag            ? 
_struct.pdbx_model_type_details   'minimized average' 
# 
_struct_keywords.entry_id        1KVV 
_struct_keywords.pdbx_keywords   'RNA BINDING PROTEIN' 
_struct_keywords.text            'RNA binding protein' 
# 
_struct_asym.id                            A 
_struct_asym.pdbx_blank_PDB_chainid_flag   N 
_struct_asym.pdbx_modified                 N 
_struct_asym.entity_id                     1 
_struct_asym.details                       ? 
# 
_struct_ref.id                         1 
_struct_ref.db_name                    UNP 
_struct_ref.db_code                    SRP19_ARCFU 
_struct_ref.entity_id                  1 
_struct_ref.pdbx_seq_one_letter_code   
;MKECVVWTVNLDSKKSRAEGRRIPRRFAVPNVKLHELVEACKELGLKFRAEEKKYPKSWWEEGGRVVVEKRGTKTKLMIE
LARKIAEIREQKREQKKDKKKKKK
;
_struct_ref.pdbx_align_begin           1 
_struct_ref.pdbx_db_accession          O29010 
_struct_ref.pdbx_db_isoform            ? 
# 
_struct_ref_seq.align_id                      1 
_struct_ref_seq.ref_id                        1 
_struct_ref_seq.pdbx_PDB_id_code              1KVV 
_struct_ref_seq.pdbx_strand_id                A 
_struct_ref_seq.seq_align_beg                 1 
_struct_ref_seq.pdbx_seq_align_beg_ins_code   ? 
_struct_ref_seq.seq_align_end                 104 
_struct_ref_seq.pdbx_seq_align_end_ins_code   ? 
_struct_ref_seq.pdbx_db_accession             O29010 
_struct_ref_seq.db_align_beg                  1 
_struct_ref_seq.pdbx_db_align_beg_ins_code    ? 
_struct_ref_seq.db_align_end                  104 
_struct_ref_seq.pdbx_db_align_end_ins_code    ? 
_struct_ref_seq.pdbx_auth_seq_align_beg       1 
_struct_ref_seq.pdbx_auth_seq_align_end       104 
# 
loop_
_struct_ref_seq_dif.align_id 
_struct_ref_seq_dif.pdbx_pdb_id_code 
_struct_ref_seq_dif.mon_id 
_struct_ref_seq_dif.pdbx_pdb_strand_id 
_struct_ref_seq_dif.seq_num 
_struct_ref_seq_dif.pdbx_pdb_ins_code 
_struct_ref_seq_dif.pdbx_seq_db_name 
_struct_ref_seq_dif.pdbx_seq_db_accession_code 
_struct_ref_seq_dif.db_mon_id 
_struct_ref_seq_dif.pdbx_seq_db_seq_num 
_struct_ref_seq_dif.details 
_struct_ref_seq_dif.pdbx_auth_seq_num 
_struct_ref_seq_dif.pdbx_ordinal 
1 1KVV SER A 4  ? UNP O29010 CYS 4  'engineered mutation' 4  1 
1 1KVV SER A 41 ? UNP O29010 CYS 41 'engineered mutation' 41 2 
# 
_pdbx_struct_assembly.id                   1 
_pdbx_struct_assembly.details              author_defined_assembly 
_pdbx_struct_assembly.method_details       ? 
_pdbx_struct_assembly.oligomeric_details   monomeric 
_pdbx_struct_assembly.oligomeric_count     1 
# 
_pdbx_struct_assembly_gen.assembly_id       1 
_pdbx_struct_assembly_gen.oper_expression   1 
_pdbx_struct_assembly_gen.asym_id_list      A 
# 
_pdbx_struct_oper_list.id                   1 
_pdbx_struct_oper_list.type                 'identity operation' 
_pdbx_struct_oper_list.name                 1_555 
_pdbx_struct_oper_list.symmetry_operation   ? 
_pdbx_struct_oper_list.matrix[1][1]         1.0000000000 
_pdbx_struct_oper_list.matrix[1][2]         0.0000000000 
_pdbx_struct_oper_list.matrix[1][3]         0.0000000000 
_pdbx_struct_oper_list.vector[1]            0.0000000000 
_pdbx_struct_oper_list.matrix[2][1]         0.0000000000 
_pdbx_struct_oper_list.matrix[2][2]         1.0000000000 
_pdbx_struct_oper_list.matrix[2][3]         0.0000000000 
_pdbx_struct_oper_list.vector[2]            0.0000000000 
_pdbx_struct_oper_list.matrix[3][1]         0.0000000000 
_pdbx_struct_oper_list.matrix[3][2]         0.0000000000 
_pdbx_struct_oper_list.matrix[3][3]         1.0000000000 
_pdbx_struct_oper_list.vector[3]            0.0000000000 
# 
_struct_biol.id   1 
# 
loop_
_struct_conf.conf_type_id 
_struct_conf.id 
_struct_conf.pdbx_PDB_helix_id 
_struct_conf.beg_label_comp_id 
_struct_conf.beg_label_asym_id 
_struct_conf.beg_label_seq_id 
_struct_conf.pdbx_beg_PDB_ins_code 
_struct_conf.end_label_comp_id 
_struct_conf.end_label_asym_id 
_struct_conf.end_label_seq_id 
_struct_conf.pdbx_end_PDB_ins_code 
_struct_conf.beg_auth_comp_id 
_struct_conf.beg_auth_asym_id 
_struct_conf.beg_auth_seq_id 
_struct_conf.end_auth_comp_id 
_struct_conf.end_auth_asym_id 
_struct_conf.end_auth_seq_id 
_struct_conf.pdbx_PDB_helix_class 
_struct_conf.details 
_struct_conf.pdbx_PDB_helix_length 
HELX_P HELX_P1 1 LYS A 33 ? GLY A 45 ? LYS A 33 GLY A 45 1 ? 13 
HELX_P HELX_P2 2 LYS A 74 ? GLN A 95 ? LYS A 74 GLN A 95 1 ? 22 
# 
_struct_conf_type.id          HELX_P 
_struct_conf_type.criteria    ? 
_struct_conf_type.reference   ? 
# 
_struct_sheet.id               A 
_struct_sheet.type             ? 
_struct_sheet.number_strands   3 
_struct_sheet.details          ? 
# 
loop_
_struct_sheet_order.sheet_id 
_struct_sheet_order.range_id_1 
_struct_sheet_order.range_id_2 
_struct_sheet_order.offset 
_struct_sheet_order.sense 
A 1 2 ? anti-parallel 
A 2 3 ? anti-parallel 
# 
loop_
_struct_sheet_range.sheet_id 
_struct_sheet_range.id 
_struct_sheet_range.beg_label_comp_id 
_struct_sheet_range.beg_label_asym_id 
_struct_sheet_range.beg_label_seq_id 
_struct_sheet_range.pdbx_beg_PDB_ins_code 
_struct_sheet_range.end_label_comp_id 
_struct_sheet_range.end_label_asym_id 
_struct_sheet_range.end_label_seq_id 
_struct_sheet_range.pdbx_end_PDB_ins_code 
_struct_sheet_range.beg_auth_comp_id 
_struct_sheet_range.beg_auth_asym_id 
_struct_sheet_range.beg_auth_seq_id 
_struct_sheet_range.end_auth_comp_id 
_struct_sheet_range.end_auth_asym_id 
_struct_sheet_range.end_auth_seq_id 
A 1 SER A 4  ? TRP A 7  ? SER A 4  TRP A 7  
A 2 ARG A 65 ? VAL A 68 ? ARG A 65 VAL A 68 
A 3 PHE A 48 ? GLU A 51 ? PHE A 48 GLU A 51 
# 
loop_
_pdbx_struct_sheet_hbond.sheet_id 
_pdbx_struct_sheet_hbond.range_id_1 
_pdbx_struct_sheet_hbond.range_id_2 
_pdbx_struct_sheet_hbond.range_1_label_atom_id 
_pdbx_struct_sheet_hbond.range_1_label_comp_id 
_pdbx_struct_sheet_hbond.range_1_label_asym_id 
_pdbx_struct_sheet_hbond.range_1_label_seq_id 
_pdbx_struct_sheet_hbond.range_1_PDB_ins_code 
_pdbx_struct_sheet_hbond.range_1_auth_atom_id 
_pdbx_struct_sheet_hbond.range_1_auth_comp_id 
_pdbx_struct_sheet_hbond.range_1_auth_asym_id 
_pdbx_struct_sheet_hbond.range_1_auth_seq_id 
_pdbx_struct_sheet_hbond.range_2_label_atom_id 
_pdbx_struct_sheet_hbond.range_2_label_comp_id 
_pdbx_struct_sheet_hbond.range_2_label_asym_id 
_pdbx_struct_sheet_hbond.range_2_label_seq_id 
_pdbx_struct_sheet_hbond.range_2_PDB_ins_code 
_pdbx_struct_sheet_hbond.range_2_auth_atom_id 
_pdbx_struct_sheet_hbond.range_2_auth_comp_id 
_pdbx_struct_sheet_hbond.range_2_auth_asym_id 
_pdbx_struct_sheet_hbond.range_2_auth_seq_id 
A 1 2 N VAL A 6  ? N VAL A 6  O VAL A 66 ? O VAL A 66 
A 2 3 O ARG A 65 ? O ARG A 65 N GLU A 51 ? N GLU A 51 
# 
loop_
_pdbx_validate_close_contact.id 
_pdbx_validate_close_contact.PDB_model_num 
_pdbx_validate_close_contact.auth_atom_id_1 
_pdbx_validate_close_contact.auth_asym_id_1 
_pdbx_validate_close_contact.auth_comp_id_1 
_pdbx_validate_close_contact.auth_seq_id_1 
_pdbx_validate_close_contact.PDB_ins_code_1 
_pdbx_validate_close_contact.label_alt_id_1 
_pdbx_validate_close_contact.auth_atom_id_2 
_pdbx_validate_close_contact.auth_asym_id_2 
_pdbx_validate_close_contact.auth_comp_id_2 
_pdbx_validate_close_contact.auth_seq_id_2 
_pdbx_validate_close_contact.PDB_ins_code_2 
_pdbx_validate_close_contact.label_alt_id_2 
_pdbx_validate_close_contact.dist 
1 1 O A ALA 82 ? ? H A ALA 86 ? ? 1.50 
2 1 O A LEU 77 ? ? H A LEU 81 ? ? 1.50 
3 1 O A LYS 47 ? ? H A GLU 69 ? ? 1.55 
4 1 H A GLU 51 ? ? O A ARG 65 ? ? 1.56 
5 1 H A ARG 49 ? ? O A VAL 67 ? ? 1.56 
6 1 O A MET 78 ? ? H A ALA 82 ? ? 1.58 
# 
loop_
_pdbx_validate_torsion.id 
_pdbx_validate_torsion.PDB_model_num 
_pdbx_validate_torsion.auth_comp_id 
_pdbx_validate_torsion.auth_asym_id 
_pdbx_validate_torsion.auth_seq_id 
_pdbx_validate_torsion.PDB_ins_code 
_pdbx_validate_torsion.label_alt_id 
_pdbx_validate_torsion.phi 
_pdbx_validate_torsion.psi 
1  1 LYS A 2  ? ? -117.87 -155.85 
2  1 ASN A 31 ? ? 72.58   110.26  
3  1 LEU A 46 ? ? 178.96  96.59   
4  1 LYS A 47 ? ? -149.08 -42.48  
5  1 LYS A 53 ? ? -43.59  153.51  
6  1 TRP A 60 ? ? 57.50   77.84   
7  1 LYS A 70 ? ? -178.13 -61.06  
8  1 ARG A 71 ? ? 53.86   170.49  
9  1 LYS A 74 ? ? -121.15 -94.90  
10 1 LYS A 97 ? ? 52.21   19.99   
11 1 ASP A 98 ? ? -138.71 -45.38  
# 
loop_
_pdbx_validate_planes.id 
_pdbx_validate_planes.PDB_model_num 
_pdbx_validate_planes.auth_comp_id 
_pdbx_validate_planes.auth_asym_id 
_pdbx_validate_planes.auth_seq_id 
_pdbx_validate_planes.PDB_ins_code 
_pdbx_validate_planes.label_alt_id 
_pdbx_validate_planes.rmsd 
_pdbx_validate_planes.type 
1  1 ARG A 17 ? ? 0.297 'SIDE CHAIN' 
2  1 ARG A 21 ? ? 0.316 'SIDE CHAIN' 
3  1 ARG A 22 ? ? 0.199 'SIDE CHAIN' 
4  1 ARG A 25 ? ? 0.266 'SIDE CHAIN' 
5  1 ARG A 26 ? ? 0.215 'SIDE CHAIN' 
6  1 ARG A 49 ? ? 0.299 'SIDE CHAIN' 
7  1 ARG A 65 ? ? 0.166 'SIDE CHAIN' 
8  1 ARG A 71 ? ? 0.317 'SIDE CHAIN' 
9  1 ARG A 83 ? ? 0.160 'SIDE CHAIN' 
10 1 ARG A 89 ? ? 0.259 'SIDE CHAIN' 
11 1 ARG A 93 ? ? 0.242 'SIDE CHAIN' 
# 
_pdbx_nmr_ensemble.entry_id                             1KVV 
_pdbx_nmr_ensemble.conformers_calculated_total_number   ? 
_pdbx_nmr_ensemble.conformers_submitted_total_number    1 
_pdbx_nmr_ensemble.conformer_selection_criteria         ? 
# 
_pdbx_nmr_representative.entry_id             1KVV 
_pdbx_nmr_representative.conformer_id         ? 
_pdbx_nmr_representative.selection_criteria   'minimized average structure' 
# 
loop_
_pdbx_nmr_sample_details.solution_id 
_pdbx_nmr_sample_details.contents 
_pdbx_nmr_sample_details.solvent_system 
1 '25mM KH2PO4, 50mM NaCl, 95% H2O, 5% D2O' '95% H2O/5% D2O' 
2 '25mM KH2PO4, 50mM NaCl, 99.99% D2O'      '99.99% D2O'     
# 
loop_
_pdbx_nmr_exptl_sample_conditions.conditions_id 
_pdbx_nmr_exptl_sample_conditions.temperature 
_pdbx_nmr_exptl_sample_conditions.pressure 
_pdbx_nmr_exptl_sample_conditions.pH 
_pdbx_nmr_exptl_sample_conditions.ionic_strength 
_pdbx_nmr_exptl_sample_conditions.pressure_units 
_pdbx_nmr_exptl_sample_conditions.temperature_units 
1 300 ambient 6.0 '75 mM' ? K 
2 310 ambient 6.0 '75 mM' ? K 
# 
loop_
_pdbx_nmr_exptl.experiment_id 
_pdbx_nmr_exptl.solution_id 
_pdbx_nmr_exptl.conditions_id 
_pdbx_nmr_exptl.type 
1 1 1 3D_15N-separated_NOESY                                                     
2 2 1 3D_13C-separated_NOESY                                                     
3 2 1 4D_13C-separated_NOESY                                                     
4 1 1 '3D 15N-separated NOESY with 13C chemical shift evolution in F2 dimension' 
5 1 2 IPAP-HSQC                                                                  
# 
_pdbx_nmr_details.entry_id   1KVV 
_pdbx_nmr_details.text       
;IPAP-HSQC experiment was performed in a sample of the protein in either an unstressed or mechanically stressed 8% polyacrylamide gel.
;
# 
_pdbx_nmr_refine.entry_id           1KVV 
_pdbx_nmr_refine.method             'Distance geometry/simulated annealing protocol' 
_pdbx_nmr_refine.details            
;The structures are based on a total of 886 restraints, 690 are NOE-derived distance constraints, 130 dihegral angle restraints, 66 1H-15N residual dipolar coupling restraints.
;
_pdbx_nmr_refine.software_ordinal   1 
# 
loop_
_pdbx_nmr_software.name 
_pdbx_nmr_software.version 
_pdbx_nmr_software.classification 
_pdbx_nmr_software.authors 
_pdbx_nmr_software.ordinal 
XwinNMR 2.5          collection           'Bruker analytic GmbH'                                                  1 
NMRPipe 1.8          processing           'Delaglio,F., Grzesiek, S., Vuister, G., Zhu, W., Pfeifer, J., Bax, A.' 2 
PIPP    4.3.1        'data analysis'      'Garrett, D. C., Powers, R., Gronenborn, A.M., Clore, G. M.'            3 
X-PLOR  3.851        'structure solution' 'Brunger, A. T.; Clore, G.M., Gronenborn, A.M.,  Tjundra, N.'           4 
TALOS   98.040.28.02 'data analysis'      'Cornilescu, G., Delaglio, F., Bax, A.'                                 5 
PALES   2.1          'data analysis'      'Zweckstetter, M., Bax, A.'                                             6 
X-PLOR  3.851        refinement           'Brunger, A.T.;  Clore, G.M., Gronenborn, A.M., Tjundra, N.'            7 
# 
loop_
_chem_comp_atom.comp_id 
_chem_comp_atom.atom_id 
_chem_comp_atom.type_symbol 
_chem_comp_atom.pdbx_aromatic_flag 
_chem_comp_atom.pdbx_stereo_config 
_chem_comp_atom.pdbx_ordinal 
ALA N    N N N 1   
ALA CA   C N S 2   
ALA C    C N N 3   
ALA O    O N N 4   
ALA CB   C N N 5   
ALA OXT  O N N 6   
ALA H    H N N 7   
ALA H2   H N N 8   
ALA HA   H N N 9   
ALA HB1  H N N 10  
ALA HB2  H N N 11  
ALA HB3  H N N 12  
ALA HXT  H N N 13  
ARG N    N N N 14  
ARG CA   C N S 15  
ARG C    C N N 16  
ARG O    O N N 17  
ARG CB   C N N 18  
ARG CG   C N N 19  
ARG CD   C N N 20  
ARG NE   N N N 21  
ARG CZ   C N N 22  
ARG NH1  N N N 23  
ARG NH2  N N N 24  
ARG OXT  O N N 25  
ARG H    H N N 26  
ARG H2   H N N 27  
ARG HA   H N N 28  
ARG HB2  H N N 29  
ARG HB3  H N N 30  
ARG HG2  H N N 31  
ARG HG3  H N N 32  
ARG HD2  H N N 33  
ARG HD3  H N N 34  
ARG HE   H N N 35  
ARG HH11 H N N 36  
ARG HH12 H N N 37  
ARG HH21 H N N 38  
ARG HH22 H N N 39  
ARG HXT  H N N 40  
ASN N    N N N 41  
ASN CA   C N S 42  
ASN C    C N N 43  
ASN O    O N N 44  
ASN CB   C N N 45  
ASN CG   C N N 46  
ASN OD1  O N N 47  
ASN ND2  N N N 48  
ASN OXT  O N N 49  
ASN H    H N N 50  
ASN H2   H N N 51  
ASN HA   H N N 52  
ASN HB2  H N N 53  
ASN HB3  H N N 54  
ASN HD21 H N N 55  
ASN HD22 H N N 56  
ASN HXT  H N N 57  
ASP N    N N N 58  
ASP CA   C N S 59  
ASP C    C N N 60  
ASP O    O N N 61  
ASP CB   C N N 62  
ASP CG   C N N 63  
ASP OD1  O N N 64  
ASP OD2  O N N 65  
ASP OXT  O N N 66  
ASP H    H N N 67  
ASP H2   H N N 68  
ASP HA   H N N 69  
ASP HB2  H N N 70  
ASP HB3  H N N 71  
ASP HD2  H N N 72  
ASP HXT  H N N 73  
CYS N    N N N 74  
CYS CA   C N R 75  
CYS C    C N N 76  
CYS O    O N N 77  
CYS CB   C N N 78  
CYS SG   S N N 79  
CYS OXT  O N N 80  
CYS H    H N N 81  
CYS H2   H N N 82  
CYS HA   H N N 83  
CYS HB2  H N N 84  
CYS HB3  H N N 85  
CYS HG   H N N 86  
CYS HXT  H N N 87  
GLN N    N N N 88  
GLN CA   C N S 89  
GLN C    C N N 90  
GLN O    O N N 91  
GLN CB   C N N 92  
GLN CG   C N N 93  
GLN CD   C N N 94  
GLN OE1  O N N 95  
GLN NE2  N N N 96  
GLN OXT  O N N 97  
GLN H    H N N 98  
GLN H2   H N N 99  
GLN HA   H N N 100 
GLN HB2  H N N 101 
GLN HB3  H N N 102 
GLN HG2  H N N 103 
GLN HG3  H N N 104 
GLN HE21 H N N 105 
GLN HE22 H N N 106 
GLN HXT  H N N 107 
GLU N    N N N 108 
GLU CA   C N S 109 
GLU C    C N N 110 
GLU O    O N N 111 
GLU CB   C N N 112 
GLU CG   C N N 113 
GLU CD   C N N 114 
GLU OE1  O N N 115 
GLU OE2  O N N 116 
GLU OXT  O N N 117 
GLU H    H N N 118 
GLU H2   H N N 119 
GLU HA   H N N 120 
GLU HB2  H N N 121 
GLU HB3  H N N 122 
GLU HG2  H N N 123 
GLU HG3  H N N 124 
GLU HE2  H N N 125 
GLU HXT  H N N 126 
GLY N    N N N 127 
GLY CA   C N N 128 
GLY C    C N N 129 
GLY O    O N N 130 
GLY OXT  O N N 131 
GLY H    H N N 132 
GLY H2   H N N 133 
GLY HA2  H N N 134 
GLY HA3  H N N 135 
GLY HXT  H N N 136 
HIS N    N N N 137 
HIS CA   C N S 138 
HIS C    C N N 139 
HIS O    O N N 140 
HIS CB   C N N 141 
HIS CG   C Y N 142 
HIS ND1  N Y N 143 
HIS CD2  C Y N 144 
HIS CE1  C Y N 145 
HIS NE2  N Y N 146 
HIS OXT  O N N 147 
HIS H    H N N 148 
HIS H2   H N N 149 
HIS HA   H N N 150 
HIS HB2  H N N 151 
HIS HB3  H N N 152 
HIS HD1  H N N 153 
HIS HD2  H N N 154 
HIS HE1  H N N 155 
HIS HE2  H N N 156 
HIS HXT  H N N 157 
ILE N    N N N 158 
ILE CA   C N S 159 
ILE C    C N N 160 
ILE O    O N N 161 
ILE CB   C N S 162 
ILE CG1  C N N 163 
ILE CG2  C N N 164 
ILE CD1  C N N 165 
ILE OXT  O N N 166 
ILE H    H N N 167 
ILE H2   H N N 168 
ILE HA   H N N 169 
ILE HB   H N N 170 
ILE HG12 H N N 171 
ILE HG13 H N N 172 
ILE HG21 H N N 173 
ILE HG22 H N N 174 
ILE HG23 H N N 175 
ILE HD11 H N N 176 
ILE HD12 H N N 177 
ILE HD13 H N N 178 
ILE HXT  H N N 179 
LEU N    N N N 180 
LEU CA   C N S 181 
LEU C    C N N 182 
LEU O    O N N 183 
LEU CB   C N N 184 
LEU CG   C N N 185 
LEU CD1  C N N 186 
LEU CD2  C N N 187 
LEU OXT  O N N 188 
LEU H    H N N 189 
LEU H2   H N N 190 
LEU HA   H N N 191 
LEU HB2  H N N 192 
LEU HB3  H N N 193 
LEU HG   H N N 194 
LEU HD11 H N N 195 
LEU HD12 H N N 196 
LEU HD13 H N N 197 
LEU HD21 H N N 198 
LEU HD22 H N N 199 
LEU HD23 H N N 200 
LEU HXT  H N N 201 
LYS N    N N N 202 
LYS CA   C N S 203 
LYS C    C N N 204 
LYS O    O N N 205 
LYS CB   C N N 206 
LYS CG   C N N 207 
LYS CD   C N N 208 
LYS CE   C N N 209 
LYS NZ   N N N 210 
LYS OXT  O N N 211 
LYS H    H N N 212 
LYS H2   H N N 213 
LYS HA   H N N 214 
LYS HB2  H N N 215 
LYS HB3  H N N 216 
LYS HG2  H N N 217 
LYS HG3  H N N 218 
LYS HD2  H N N 219 
LYS HD3  H N N 220 
LYS HE2  H N N 221 
LYS HE3  H N N 222 
LYS HZ1  H N N 223 
LYS HZ2  H N N 224 
LYS HZ3  H N N 225 
LYS HXT  H N N 226 
MET N    N N N 227 
MET CA   C N S 228 
MET C    C N N 229 
MET O    O N N 230 
MET CB   C N N 231 
MET CG   C N N 232 
MET SD   S N N 233 
MET CE   C N N 234 
MET OXT  O N N 235 
MET H    H N N 236 
MET H2   H N N 237 
MET HA   H N N 238 
MET HB2  H N N 239 
MET HB3  H N N 240 
MET HG2  H N N 241 
MET HG3  H N N 242 
MET HE1  H N N 243 
MET HE2  H N N 244 
MET HE3  H N N 245 
MET HXT  H N N 246 
PHE N    N N N 247 
PHE CA   C N S 248 
PHE C    C N N 249 
PHE O    O N N 250 
PHE CB   C N N 251 
PHE CG   C Y N 252 
PHE CD1  C Y N 253 
PHE CD2  C Y N 254 
PHE CE1  C Y N 255 
PHE CE2  C Y N 256 
PHE CZ   C Y N 257 
PHE OXT  O N N 258 
PHE H    H N N 259 
PHE H2   H N N 260 
PHE HA   H N N 261 
PHE HB2  H N N 262 
PHE HB3  H N N 263 
PHE HD1  H N N 264 
PHE HD2  H N N 265 
PHE HE1  H N N 266 
PHE HE2  H N N 267 
PHE HZ   H N N 268 
PHE HXT  H N N 269 
PRO N    N N N 270 
PRO CA   C N S 271 
PRO C    C N N 272 
PRO O    O N N 273 
PRO CB   C N N 274 
PRO CG   C N N 275 
PRO CD   C N N 276 
PRO OXT  O N N 277 
PRO H    H N N 278 
PRO HA   H N N 279 
PRO HB2  H N N 280 
PRO HB3  H N N 281 
PRO HG2  H N N 282 
PRO HG3  H N N 283 
PRO HD2  H N N 284 
PRO HD3  H N N 285 
PRO HXT  H N N 286 
SER N    N N N 287 
SER CA   C N S 288 
SER C    C N N 289 
SER O    O N N 290 
SER CB   C N N 291 
SER OG   O N N 292 
SER OXT  O N N 293 
SER H    H N N 294 
SER H2   H N N 295 
SER HA   H N N 296 
SER HB2  H N N 297 
SER HB3  H N N 298 
SER HG   H N N 299 
SER HXT  H N N 300 
THR N    N N N 301 
THR CA   C N S 302 
THR C    C N N 303 
THR O    O N N 304 
THR CB   C N R 305 
THR OG1  O N N 306 
THR CG2  C N N 307 
THR OXT  O N N 308 
THR H    H N N 309 
THR H2   H N N 310 
THR HA   H N N 311 
THR HB   H N N 312 
THR HG1  H N N 313 
THR HG21 H N N 314 
THR HG22 H N N 315 
THR HG23 H N N 316 
THR HXT  H N N 317 
TRP N    N N N 318 
TRP CA   C N S 319 
TRP C    C N N 320 
TRP O    O N N 321 
TRP CB   C N N 322 
TRP CG   C Y N 323 
TRP CD1  C Y N 324 
TRP CD2  C Y N 325 
TRP NE1  N Y N 326 
TRP CE2  C Y N 327 
TRP CE3  C Y N 328 
TRP CZ2  C Y N 329 
TRP CZ3  C Y N 330 
TRP CH2  C Y N 331 
TRP OXT  O N N 332 
TRP H    H N N 333 
TRP H2   H N N 334 
TRP HA   H N N 335 
TRP HB2  H N N 336 
TRP HB3  H N N 337 
TRP HD1  H N N 338 
TRP HE1  H N N 339 
TRP HE3  H N N 340 
TRP HZ2  H N N 341 
TRP HZ3  H N N 342 
TRP HH2  H N N 343 
TRP HXT  H N N 344 
TYR N    N N N 345 
TYR CA   C N S 346 
TYR C    C N N 347 
TYR O    O N N 348 
TYR CB   C N N 349 
TYR CG   C Y N 350 
TYR CD1  C Y N 351 
TYR CD2  C Y N 352 
TYR CE1  C Y N 353 
TYR CE2  C Y N 354 
TYR CZ   C Y N 355 
TYR OH   O N N 356 
TYR OXT  O N N 357 
TYR H    H N N 358 
TYR H2   H N N 359 
TYR HA   H N N 360 
TYR HB2  H N N 361 
TYR HB3  H N N 362 
TYR HD1  H N N 363 
TYR HD2  H N N 364 
TYR HE1  H N N 365 
TYR HE2  H N N 366 
TYR HH   H N N 367 
TYR HXT  H N N 368 
VAL N    N N N 369 
VAL CA   C N S 370 
VAL C    C N N 371 
VAL O    O N N 372 
VAL CB   C N N 373 
VAL CG1  C N N 374 
VAL CG2  C N N 375 
VAL OXT  O N N 376 
VAL H    H N N 377 
VAL H2   H N N 378 
VAL HA   H N N 379 
VAL HB   H N N 380 
VAL HG11 H N N 381 
VAL HG12 H N N 382 
VAL HG13 H N N 383 
VAL HG21 H N N 384 
VAL HG22 H N N 385 
VAL HG23 H N N 386 
VAL HXT  H N N 387 
# 
loop_
_chem_comp_bond.comp_id 
_chem_comp_bond.atom_id_1 
_chem_comp_bond.atom_id_2 
_chem_comp_bond.value_order 
_chem_comp_bond.pdbx_aromatic_flag 
_chem_comp_bond.pdbx_stereo_config 
_chem_comp_bond.pdbx_ordinal 
ALA N   CA   sing N N 1   
ALA N   H    sing N N 2   
ALA N   H2   sing N N 3   
ALA CA  C    sing N N 4   
ALA CA  CB   sing N N 5   
ALA CA  HA   sing N N 6   
ALA C   O    doub N N 7   
ALA C   OXT  sing N N 8   
ALA CB  HB1  sing N N 9   
ALA CB  HB2  sing N N 10  
ALA CB  HB3  sing N N 11  
ALA OXT HXT  sing N N 12  
ARG N   CA   sing N N 13  
ARG N   H    sing N N 14  
ARG N   H2   sing N N 15  
ARG CA  C    sing N N 16  
ARG CA  CB   sing N N 17  
ARG CA  HA   sing N N 18  
ARG C   O    doub N N 19  
ARG C   OXT  sing N N 20  
ARG CB  CG   sing N N 21  
ARG CB  HB2  sing N N 22  
ARG CB  HB3  sing N N 23  
ARG CG  CD   sing N N 24  
ARG CG  HG2  sing N N 25  
ARG CG  HG3  sing N N 26  
ARG CD  NE   sing N N 27  
ARG CD  HD2  sing N N 28  
ARG CD  HD3  sing N N 29  
ARG NE  CZ   sing N N 30  
ARG NE  HE   sing N N 31  
ARG CZ  NH1  sing N N 32  
ARG CZ  NH2  doub N N 33  
ARG NH1 HH11 sing N N 34  
ARG NH1 HH12 sing N N 35  
ARG NH2 HH21 sing N N 36  
ARG NH2 HH22 sing N N 37  
ARG OXT HXT  sing N N 38  
ASN N   CA   sing N N 39  
ASN N   H    sing N N 40  
ASN N   H2   sing N N 41  
ASN CA  C    sing N N 42  
ASN CA  CB   sing N N 43  
ASN CA  HA   sing N N 44  
ASN C   O    doub N N 45  
ASN C   OXT  sing N N 46  
ASN CB  CG   sing N N 47  
ASN CB  HB2  sing N N 48  
ASN CB  HB3  sing N N 49  
ASN CG  OD1  doub N N 50  
ASN CG  ND2  sing N N 51  
ASN ND2 HD21 sing N N 52  
ASN ND2 HD22 sing N N 53  
ASN OXT HXT  sing N N 54  
ASP N   CA   sing N N 55  
ASP N   H    sing N N 56  
ASP N   H2   sing N N 57  
ASP CA  C    sing N N 58  
ASP CA  CB   sing N N 59  
ASP CA  HA   sing N N 60  
ASP C   O    doub N N 61  
ASP C   OXT  sing N N 62  
ASP CB  CG   sing N N 63  
ASP CB  HB2  sing N N 64  
ASP CB  HB3  sing N N 65  
ASP CG  OD1  doub N N 66  
ASP CG  OD2  sing N N 67  
ASP OD2 HD2  sing N N 68  
ASP OXT HXT  sing N N 69  
CYS N   CA   sing N N 70  
CYS N   H    sing N N 71  
CYS N   H2   sing N N 72  
CYS CA  C    sing N N 73  
CYS CA  CB   sing N N 74  
CYS CA  HA   sing N N 75  
CYS C   O    doub N N 76  
CYS C   OXT  sing N N 77  
CYS CB  SG   sing N N 78  
CYS CB  HB2  sing N N 79  
CYS CB  HB3  sing N N 80  
CYS SG  HG   sing N N 81  
CYS OXT HXT  sing N N 82  
GLN N   CA   sing N N 83  
GLN N   H    sing N N 84  
GLN N   H2   sing N N 85  
GLN CA  C    sing N N 86  
GLN CA  CB   sing N N 87  
GLN CA  HA   sing N N 88  
GLN C   O    doub N N 89  
GLN C   OXT  sing N N 90  
GLN CB  CG   sing N N 91  
GLN CB  HB2  sing N N 92  
GLN CB  HB3  sing N N 93  
GLN CG  CD   sing N N 94  
GLN CG  HG2  sing N N 95  
GLN CG  HG3  sing N N 96  
GLN CD  OE1  doub N N 97  
GLN CD  NE2  sing N N 98  
GLN NE2 HE21 sing N N 99  
GLN NE2 HE22 sing N N 100 
GLN OXT HXT  sing N N 101 
GLU N   CA   sing N N 102 
GLU N   H    sing N N 103 
GLU N   H2   sing N N 104 
GLU CA  C    sing N N 105 
GLU CA  CB   sing N N 106 
GLU CA  HA   sing N N 107 
GLU C   O    doub N N 108 
GLU C   OXT  sing N N 109 
GLU CB  CG   sing N N 110 
GLU CB  HB2  sing N N 111 
GLU CB  HB3  sing N N 112 
GLU CG  CD   sing N N 113 
GLU CG  HG2  sing N N 114 
GLU CG  HG3  sing N N 115 
GLU CD  OE1  doub N N 116 
GLU CD  OE2  sing N N 117 
GLU OE2 HE2  sing N N 118 
GLU OXT HXT  sing N N 119 
GLY N   CA   sing N N 120 
GLY N   H    sing N N 121 
GLY N   H2   sing N N 122 
GLY CA  C    sing N N 123 
GLY CA  HA2  sing N N 124 
GLY CA  HA3  sing N N 125 
GLY C   O    doub N N 126 
GLY C   OXT  sing N N 127 
GLY OXT HXT  sing N N 128 
HIS N   CA   sing N N 129 
HIS N   H    sing N N 130 
HIS N   H2   sing N N 131 
HIS CA  C    sing N N 132 
HIS CA  CB   sing N N 133 
HIS CA  HA   sing N N 134 
HIS C   O    doub N N 135 
HIS C   OXT  sing N N 136 
HIS CB  CG   sing N N 137 
HIS CB  HB2  sing N N 138 
HIS CB  HB3  sing N N 139 
HIS CG  ND1  sing Y N 140 
HIS CG  CD2  doub Y N 141 
HIS ND1 CE1  doub Y N 142 
HIS ND1 HD1  sing N N 143 
HIS CD2 NE2  sing Y N 144 
HIS CD2 HD2  sing N N 145 
HIS CE1 NE2  sing Y N 146 
HIS CE1 HE1  sing N N 147 
HIS NE2 HE2  sing N N 148 
HIS OXT HXT  sing N N 149 
ILE N   CA   sing N N 150 
ILE N   H    sing N N 151 
ILE N   H2   sing N N 152 
ILE CA  C    sing N N 153 
ILE CA  CB   sing N N 154 
ILE CA  HA   sing N N 155 
ILE C   O    doub N N 156 
ILE C   OXT  sing N N 157 
ILE CB  CG1  sing N N 158 
ILE CB  CG2  sing N N 159 
ILE CB  HB   sing N N 160 
ILE CG1 CD1  sing N N 161 
ILE CG1 HG12 sing N N 162 
ILE CG1 HG13 sing N N 163 
ILE CG2 HG21 sing N N 164 
ILE CG2 HG22 sing N N 165 
ILE CG2 HG23 sing N N 166 
ILE CD1 HD11 sing N N 167 
ILE CD1 HD12 sing N N 168 
ILE CD1 HD13 sing N N 169 
ILE OXT HXT  sing N N 170 
LEU N   CA   sing N N 171 
LEU N   H    sing N N 172 
LEU N   H2   sing N N 173 
LEU CA  C    sing N N 174 
LEU CA  CB   sing N N 175 
LEU CA  HA   sing N N 176 
LEU C   O    doub N N 177 
LEU C   OXT  sing N N 178 
LEU CB  CG   sing N N 179 
LEU CB  HB2  sing N N 180 
LEU CB  HB3  sing N N 181 
LEU CG  CD1  sing N N 182 
LEU CG  CD2  sing N N 183 
LEU CG  HG   sing N N 184 
LEU CD1 HD11 sing N N 185 
LEU CD1 HD12 sing N N 186 
LEU CD1 HD13 sing N N 187 
LEU CD2 HD21 sing N N 188 
LEU CD2 HD22 sing N N 189 
LEU CD2 HD23 sing N N 190 
LEU OXT HXT  sing N N 191 
LYS N   CA   sing N N 192 
LYS N   H    sing N N 193 
LYS N   H2   sing N N 194 
LYS CA  C    sing N N 195 
LYS CA  CB   sing N N 196 
LYS CA  HA   sing N N 197 
LYS C   O    doub N N 198 
LYS C   OXT  sing N N 199 
LYS CB  CG   sing N N 200 
LYS CB  HB2  sing N N 201 
LYS CB  HB3  sing N N 202 
LYS CG  CD   sing N N 203 
LYS CG  HG2  sing N N 204 
LYS CG  HG3  sing N N 205 
LYS CD  CE   sing N N 206 
LYS CD  HD2  sing N N 207 
LYS CD  HD3  sing N N 208 
LYS CE  NZ   sing N N 209 
LYS CE  HE2  sing N N 210 
LYS CE  HE3  sing N N 211 
LYS NZ  HZ1  sing N N 212 
LYS NZ  HZ2  sing N N 213 
LYS NZ  HZ3  sing N N 214 
LYS OXT HXT  sing N N 215 
MET N   CA   sing N N 216 
MET N   H    sing N N 217 
MET N   H2   sing N N 218 
MET CA  C    sing N N 219 
MET CA  CB   sing N N 220 
MET CA  HA   sing N N 221 
MET C   O    doub N N 222 
MET C   OXT  sing N N 223 
MET CB  CG   sing N N 224 
MET CB  HB2  sing N N 225 
MET CB  HB3  sing N N 226 
MET CG  SD   sing N N 227 
MET CG  HG2  sing N N 228 
MET CG  HG3  sing N N 229 
MET SD  CE   sing N N 230 
MET CE  HE1  sing N N 231 
MET CE  HE2  sing N N 232 
MET CE  HE3  sing N N 233 
MET OXT HXT  sing N N 234 
PHE N   CA   sing N N 235 
PHE N   H    sing N N 236 
PHE N   H2   sing N N 237 
PHE CA  C    sing N N 238 
PHE CA  CB   sing N N 239 
PHE CA  HA   sing N N 240 
PHE C   O    doub N N 241 
PHE C   OXT  sing N N 242 
PHE CB  CG   sing N N 243 
PHE CB  HB2  sing N N 244 
PHE CB  HB3  sing N N 245 
PHE CG  CD1  doub Y N 246 
PHE CG  CD2  sing Y N 247 
PHE CD1 CE1  sing Y N 248 
PHE CD1 HD1  sing N N 249 
PHE CD2 CE2  doub Y N 250 
PHE CD2 HD2  sing N N 251 
PHE CE1 CZ   doub Y N 252 
PHE CE1 HE1  sing N N 253 
PHE CE2 CZ   sing Y N 254 
PHE CE2 HE2  sing N N 255 
PHE CZ  HZ   sing N N 256 
PHE OXT HXT  sing N N 257 
PRO N   CA   sing N N 258 
PRO N   CD   sing N N 259 
PRO N   H    sing N N 260 
PRO CA  C    sing N N 261 
PRO CA  CB   sing N N 262 
PRO CA  HA   sing N N 263 
PRO C   O    doub N N 264 
PRO C   OXT  sing N N 265 
PRO CB  CG   sing N N 266 
PRO CB  HB2  sing N N 267 
PRO CB  HB3  sing N N 268 
PRO CG  CD   sing N N 269 
PRO CG  HG2  sing N N 270 
PRO CG  HG3  sing N N 271 
PRO CD  HD2  sing N N 272 
PRO CD  HD3  sing N N 273 
PRO OXT HXT  sing N N 274 
SER N   CA   sing N N 275 
SER N   H    sing N N 276 
SER N   H2   sing N N 277 
SER CA  C    sing N N 278 
SER CA  CB   sing N N 279 
SER CA  HA   sing N N 280 
SER C   O    doub N N 281 
SER C   OXT  sing N N 282 
SER CB  OG   sing N N 283 
SER CB  HB2  sing N N 284 
SER CB  HB3  sing N N 285 
SER OG  HG   sing N N 286 
SER OXT HXT  sing N N 287 
THR N   CA   sing N N 288 
THR N   H    sing N N 289 
THR N   H2   sing N N 290 
THR CA  C    sing N N 291 
THR CA  CB   sing N N 292 
THR CA  HA   sing N N 293 
THR C   O    doub N N 294 
THR C   OXT  sing N N 295 
THR CB  OG1  sing N N 296 
THR CB  CG2  sing N N 297 
THR CB  HB   sing N N 298 
THR OG1 HG1  sing N N 299 
THR CG2 HG21 sing N N 300 
THR CG2 HG22 sing N N 301 
THR CG2 HG23 sing N N 302 
THR OXT HXT  sing N N 303 
TRP N   CA   sing N N 304 
TRP N   H    sing N N 305 
TRP N   H2   sing N N 306 
TRP CA  C    sing N N 307 
TRP CA  CB   sing N N 308 
TRP CA  HA   sing N N 309 
TRP C   O    doub N N 310 
TRP C   OXT  sing N N 311 
TRP CB  CG   sing N N 312 
TRP CB  HB2  sing N N 313 
TRP CB  HB3  sing N N 314 
TRP CG  CD1  doub Y N 315 
TRP CG  CD2  sing Y N 316 
TRP CD1 NE1  sing Y N 317 
TRP CD1 HD1  sing N N 318 
TRP CD2 CE2  doub Y N 319 
TRP CD2 CE3  sing Y N 320 
TRP NE1 CE2  sing Y N 321 
TRP NE1 HE1  sing N N 322 
TRP CE2 CZ2  sing Y N 323 
TRP CE3 CZ3  doub Y N 324 
TRP CE3 HE3  sing N N 325 
TRP CZ2 CH2  doub Y N 326 
TRP CZ2 HZ2  sing N N 327 
TRP CZ3 CH2  sing Y N 328 
TRP CZ3 HZ3  sing N N 329 
TRP CH2 HH2  sing N N 330 
TRP OXT HXT  sing N N 331 
TYR N   CA   sing N N 332 
TYR N   H    sing N N 333 
TYR N   H2   sing N N 334 
TYR CA  C    sing N N 335 
TYR CA  CB   sing N N 336 
TYR CA  HA   sing N N 337 
TYR C   O    doub N N 338 
TYR C   OXT  sing N N 339 
TYR CB  CG   sing N N 340 
TYR CB  HB2  sing N N 341 
TYR CB  HB3  sing N N 342 
TYR CG  CD1  doub Y N 343 
TYR CG  CD2  sing Y N 344 
TYR CD1 CE1  sing Y N 345 
TYR CD1 HD1  sing N N 346 
TYR CD2 CE2  doub Y N 347 
TYR CD2 HD2  sing N N 348 
TYR CE1 CZ   doub Y N 349 
TYR CE1 HE1  sing N N 350 
TYR CE2 CZ   sing Y N 351 
TYR CE2 HE2  sing N N 352 
TYR CZ  OH   sing N N 353 
TYR OH  HH   sing N N 354 
TYR OXT HXT  sing N N 355 
VAL N   CA   sing N N 356 
VAL N   H    sing N N 357 
VAL N   H2   sing N N 358 
VAL CA  C    sing N N 359 
VAL CA  CB   sing N N 360 
VAL CA  HA   sing N N 361 
VAL C   O    doub N N 362 
VAL C   OXT  sing N N 363 
VAL CB  CG1  sing N N 364 
VAL CB  CG2  sing N N 365 
VAL CB  HB   sing N N 366 
VAL CG1 HG11 sing N N 367 
VAL CG1 HG12 sing N N 368 
VAL CG1 HG13 sing N N 369 
VAL CG2 HG21 sing N N 370 
VAL CG2 HG22 sing N N 371 
VAL CG2 HG23 sing N N 372 
VAL OXT HXT  sing N N 373 
# 
_pdbx_nmr_spectrometer.spectrometer_id   1 
_pdbx_nmr_spectrometer.type              ? 
_pdbx_nmr_spectrometer.manufacturer      Bruker 
_pdbx_nmr_spectrometer.model             AMX2 
_pdbx_nmr_spectrometer.field_strength    500 
# 
_atom_sites.entry_id                    1KVV 
_atom_sites.fract_transf_matrix[1][1]   1.000000 
_atom_sites.fract_transf_matrix[1][2]   0.000000 
_atom_sites.fract_transf_matrix[1][3]   0.000000 
_atom_sites.fract_transf_matrix[2][1]   0.000000 
_atom_sites.fract_transf_matrix[2][2]   1.000000 
_atom_sites.fract_transf_matrix[2][3]   0.000000 
_atom_sites.fract_transf_matrix[3][1]   0.000000 
_atom_sites.fract_transf_matrix[3][2]   0.000000 
_atom_sites.fract_transf_matrix[3][3]   1.000000 
_atom_sites.fract_transf_vector[1]      0.00000 
_atom_sites.fract_transf_vector[2]      0.00000 
_atom_sites.fract_transf_vector[3]      0.00000 
# 
loop_
_atom_type.symbol 
C 
H 
N 
O 
S 
# 
loop_
_atom_site.group_PDB 
_atom_site.id 
_atom_site.type_symbol 
_atom_site.label_atom_id 
_atom_site.label_alt_id 
_atom_site.label_comp_id 
_atom_site.label_asym_id 
_atom_site.label_entity_id 
_atom_site.label_seq_id 
_atom_site.pdbx_PDB_ins_code 
_atom_site.Cartn_x 
_atom_site.Cartn_y 
_atom_site.Cartn_z 
_atom_site.occupancy 
_atom_site.B_iso_or_equiv 
_atom_site.pdbx_formal_charge 
_atom_site.auth_seq_id 
_atom_site.auth_comp_id 
_atom_site.auth_asym_id 
_atom_site.auth_atom_id 
_atom_site.pdbx_PDB_model_num 
ATOM 1    N N    . MET A 1 1   ? 16.733  -8.032  -3.911  1.00 3.27  ? 1   MET A N    1 
ATOM 2    C CA   . MET A 1 1   ? 17.798  -6.988  -3.964  1.00 2.42  ? 1   MET A CA   1 
ATOM 3    C C    . MET A 1 1   ? 17.715  -6.231  -5.289  1.00 1.56  ? 1   MET A C    1 
ATOM 4    O O    . MET A 1 1   ? 18.689  -5.679  -5.762  1.00 1.46  ? 1   MET A O    1 
ATOM 5    C CB   . MET A 1 1   ? 19.129  -7.743  -3.860  1.00 2.72  ? 1   MET A CB   1 
ATOM 6    C CG   . MET A 1 1   ? 19.298  -8.312  -2.447  1.00 3.52  ? 1   MET A CG   1 
ATOM 7    S SD   . MET A 1 1   ? 20.967  -8.987  -2.265  1.00 4.26  ? 1   MET A SD   1 
ATOM 8    C CE   . MET A 1 1   ? 21.838  -7.407  -2.135  1.00 4.61  ? 1   MET A CE   1 
ATOM 9    H H1   . MET A 1 1   ? 16.985  -8.756  -3.213  1.00 3.53  ? 1   MET A H1   1 
ATOM 10   H H2   . MET A 1 1   ? 16.634  -8.474  -4.848  1.00 3.75  ? 1   MET A H2   1 
ATOM 11   H H3   . MET A 1 1   ? 15.831  -7.591  -3.638  1.00 3.66  ? 1   MET A H3   1 
ATOM 12   H HA   . MET A 1 1   ? 17.696  -6.306  -3.135  1.00 2.91  ? 1   MET A HA   1 
ATOM 13   H HB2  . MET A 1 1   ? 19.140  -8.553  -4.577  1.00 3.07  ? 1   MET A HB2  1 
ATOM 14   H HB3  . MET A 1 1   ? 19.943  -7.066  -4.071  1.00 2.82  ? 1   MET A HB3  1 
ATOM 15   H HG2  . MET A 1 1   ? 19.147  -7.526  -1.721  1.00 3.80  ? 1   MET A HG2  1 
ATOM 16   H HG3  . MET A 1 1   ? 18.577  -9.098  -2.281  1.00 3.95  ? 1   MET A HG3  1 
ATOM 17   H HE1  . MET A 1 1   ? 22.827  -7.574  -1.727  1.00 4.93  ? 1   MET A HE1  1 
ATOM 18   H HE2  . MET A 1 1   ? 21.290  -6.746  -1.485  1.00 4.73  ? 1   MET A HE2  1 
ATOM 19   H HE3  . MET A 1 1   ? 21.918  -6.960  -3.116  1.00 4.90  ? 1   MET A HE3  1 
ATOM 20   N N    . LYS A 1 2   ? 16.558  -6.202  -5.896  1.00 1.39  ? 2   LYS A N    1 
ATOM 21   C CA   . LYS A 1 2   ? 16.410  -5.485  -7.193  1.00 1.17  ? 2   LYS A CA   1 
ATOM 22   C C    . LYS A 1 2   ? 15.406  -4.337  -7.045  1.00 1.06  ? 2   LYS A C    1 
ATOM 23   O O    . LYS A 1 2   ? 15.209  -3.823  -5.963  1.00 1.14  ? 2   LYS A O    1 
ATOM 24   C CB   . LYS A 1 2   ? 15.911  -6.553  -8.165  1.00 1.88  ? 2   LYS A CB   1 
ATOM 25   C CG   . LYS A 1 2   ? 17.026  -7.579  -8.376  1.00 2.34  ? 2   LYS A CG   1 
ATOM 26   C CD   . LYS A 1 2   ? 16.595  -8.613  -9.414  1.00 3.17  ? 2   LYS A CD   1 
ATOM 27   C CE   . LYS A 1 2   ? 17.726  -9.625  -9.605  1.00 3.97  ? 2   LYS A CE   1 
ATOM 28   N NZ   . LYS A 1 2   ? 17.043  -10.933 -9.787  1.00 4.68  ? 2   LYS A NZ   1 
ATOM 29   H H    . LYS A 1 2   ? 15.780  -6.652  -5.504  1.00 1.83  ? 2   LYS A H    1 
ATOM 30   H HA   . LYS A 1 2   ? 17.365  -5.107  -7.522  1.00 1.42  ? 2   LYS A HA   1 
ATOM 31   H HB2  . LYS A 1 2   ? 15.041  -7.040  -7.751  1.00 2.26  ? 2   LYS A HB2  1 
ATOM 32   H HB3  . LYS A 1 2   ? 15.660  -6.100  -9.107  1.00 2.26  ? 2   LYS A HB3  1 
ATOM 33   H HG2  . LYS A 1 2   ? 17.916  -7.074  -8.719  1.00 2.45  ? 2   LYS A HG2  1 
ATOM 34   H HG3  . LYS A 1 2   ? 17.235  -8.078  -7.441  1.00 2.45  ? 2   LYS A HG3  1 
ATOM 35   H HD2  . LYS A 1 2   ? 15.708  -9.124  -9.069  1.00 3.35  ? 2   LYS A HD2  1 
ATOM 36   H HD3  . LYS A 1 2   ? 16.391  -8.123  -10.354 1.00 3.44  ? 2   LYS A HD3  1 
ATOM 37   H HE2  . LYS A 1 2   ? 18.309  -9.375  -10.482 1.00 4.10  ? 2   LYS A HE2  1 
ATOM 38   H HE3  . LYS A 1 2   ? 18.356  -9.655  -8.729  1.00 4.36  ? 2   LYS A HE3  1 
ATOM 39   H HZ1  . LYS A 1 2   ? 16.468  -10.906 -10.652 1.00 4.94  ? 2   LYS A HZ1  1 
ATOM 40   H HZ2  . LYS A 1 2   ? 16.430  -11.120 -8.966  1.00 4.89  ? 2   LYS A HZ2  1 
ATOM 41   H HZ3  . LYS A 1 2   ? 17.754  -11.687 -9.868  1.00 5.10  ? 2   LYS A HZ3  1 
ATOM 42   N N    . GLU A 1 3   ? 14.784  -3.906  -8.114  1.00 1.00  ? 3   GLU A N    1 
ATOM 43   C CA   . GLU A 1 3   ? 13.820  -2.771  -7.991  1.00 0.90  ? 3   GLU A CA   1 
ATOM 44   C C    . GLU A 1 3   ? 12.460  -3.094  -8.627  1.00 0.84  ? 3   GLU A C    1 
ATOM 45   O O    . GLU A 1 3   ? 12.377  -3.634  -9.712  1.00 0.86  ? 3   GLU A O    1 
ATOM 46   C CB   . GLU A 1 3   ? 14.489  -1.619  -8.740  1.00 0.94  ? 3   GLU A CB   1 
ATOM 47   C CG   . GLU A 1 3   ? 15.859  -1.334  -8.123  1.00 1.21  ? 3   GLU A CG   1 
ATOM 48   C CD   . GLU A 1 3   ? 16.922  -2.210  -8.795  1.00 1.76  ? 3   GLU A CD   1 
ATOM 49   O OE1  . GLU A 1 3   ? 16.568  -2.964  -9.688  1.00 2.50  ? 3   GLU A OE1  1 
ATOM 50   O OE2  . GLU A 1 3   ? 18.073  -2.110  -8.405  1.00 2.31  ? 3   GLU A OE2  1 
ATOM 51   H H    . GLU A 1 3   ? 14.961  -4.312  -8.988  1.00 1.12  ? 3   GLU A H    1 
ATOM 52   H HA   . GLU A 1 3   ? 13.693  -2.500  -6.955  1.00 0.91  ? 3   GLU A HA   1 
ATOM 53   H HB2  . GLU A 1 3   ? 14.612  -1.891  -9.779  1.00 1.07  ? 3   GLU A HB2  1 
ATOM 54   H HB3  . GLU A 1 3   ? 13.873  -0.736  -8.670  1.00 1.15  ? 3   GLU A HB3  1 
ATOM 55   H HG2  . GLU A 1 3   ? 16.107  -0.292  -8.264  1.00 1.74  ? 3   GLU A HG2  1 
ATOM 56   H HG3  . GLU A 1 3   ? 15.829  -1.558  -7.067  1.00 1.64  ? 3   GLU A HG3  1 
ATOM 57   N N    . SER A 1 4   ? 11.394  -2.734  -7.958  1.00 0.77  ? 4   SER A N    1 
ATOM 58   C CA   . SER A 1 4   ? 10.032  -2.981  -8.517  1.00 0.73  ? 4   SER A CA   1 
ATOM 59   C C    . SER A 1 4   ? 9.175   -1.726  -8.337  1.00 0.65  ? 4   SER A C    1 
ATOM 60   O O    . SER A 1 4   ? 9.237   -1.073  -7.319  1.00 0.61  ? 4   SER A O    1 
ATOM 61   C CB   . SER A 1 4   ? 9.466   -4.149  -7.709  1.00 0.76  ? 4   SER A CB   1 
ATOM 62   O OG   . SER A 1 4   ? 8.357   -4.705  -8.403  1.00 1.32  ? 4   SER A OG   1 
ATOM 63   H H    . SER A 1 4   ? 11.509  -2.286  -7.090  1.00 0.76  ? 4   SER A H    1 
ATOM 64   H HA   . SER A 1 4   ? 10.096  -3.249  -9.562  1.00 0.76  ? 4   SER A HA   1 
ATOM 65   H HB2  . SER A 1 4   ? 10.223  -4.906  -7.588  1.00 1.16  ? 4   SER A HB2  1 
ATOM 66   H HB3  . SER A 1 4   ? 9.153   -3.796  -6.737  1.00 1.26  ? 4   SER A HB3  1 
ATOM 67   H HG   . SER A 1 4   ? 8.546   -5.631  -8.572  1.00 1.76  ? 4   SER A HG   1 
ATOM 68   N N    . VAL A 1 5   ? 8.380   -1.373  -9.312  1.00 0.64  ? 5   VAL A N    1 
ATOM 69   C CA   . VAL A 1 5   ? 7.541   -0.147  -9.165  1.00 0.58  ? 5   VAL A CA   1 
ATOM 70   C C    . VAL A 1 5   ? 6.066   -0.514  -9.029  1.00 0.55  ? 5   VAL A C    1 
ATOM 71   O O    . VAL A 1 5   ? 5.499   -1.199  -9.859  1.00 0.67  ? 5   VAL A O    1 
ATOM 72   C CB   . VAL A 1 5   ? 7.778   0.652   -10.447 1.00 0.67  ? 5   VAL A CB   1 
ATOM 73   C CG1  . VAL A 1 5   ? 6.980   1.957   -10.392 1.00 1.56  ? 5   VAL A CG1  1 
ATOM 74   C CG2  . VAL A 1 5   ? 9.270   0.974   -10.574 1.00 1.54  ? 5   VAL A CG2  1 
ATOM 75   H H    . VAL A 1 5   ? 8.334   -1.905  -10.133 1.00 0.68  ? 5   VAL A H    1 
ATOM 76   H HA   . VAL A 1 5   ? 7.864   0.428   -8.311  1.00 0.56  ? 5   VAL A HA   1 
ATOM 77   H HB   . VAL A 1 5   ? 7.459   0.070   -11.297 1.00 1.22  ? 5   VAL A HB   1 
ATOM 78   H HG11 . VAL A 1 5   ? 5.939   1.734   -10.213 1.00 2.10  ? 5   VAL A HG11 1 
ATOM 79   H HG12 . VAL A 1 5   ? 7.079   2.478   -11.334 1.00 2.10  ? 5   VAL A HG12 1 
ATOM 80   H HG13 . VAL A 1 5   ? 7.359   2.579   -9.595  1.00 2.12  ? 5   VAL A HG13 1 
ATOM 81   H HG21 . VAL A 1 5   ? 9.443   1.526   -11.485 1.00 2.05  ? 5   VAL A HG21 1 
ATOM 82   H HG22 . VAL A 1 5   ? 9.836   0.054   -10.596 1.00 2.09  ? 5   VAL A HG22 1 
ATOM 83   H HG23 . VAL A 1 5   ? 9.583   1.570   -9.728  1.00 2.15  ? 5   VAL A HG23 1 
ATOM 84   N N    . VAL A 1 6   ? 5.439   -0.049  -7.988  1.00 0.48  ? 6   VAL A N    1 
ATOM 85   C CA   . VAL A 1 6   ? 4.002   -0.340  -7.776  1.00 0.50  ? 6   VAL A CA   1 
ATOM 86   C C    . VAL A 1 6   ? 3.273   0.964   -7.456  1.00 0.47  ? 6   VAL A C    1 
ATOM 87   O O    . VAL A 1 6   ? 3.768   1.796   -6.729  1.00 0.48  ? 6   VAL A O    1 
ATOM 88   C CB   . VAL A 1 6   ? 3.961   -1.290  -6.580  1.00 0.55  ? 6   VAL A CB   1 
ATOM 89   C CG1  . VAL A 1 6   ? 2.521   -1.740  -6.334  1.00 0.64  ? 6   VAL A CG1  1 
ATOM 90   C CG2  . VAL A 1 6   ? 4.835   -2.512  -6.869  1.00 0.60  ? 6   VAL A CG2  1 
ATOM 91   H H    . VAL A 1 6   ? 5.911   0.512   -7.345  1.00 0.50  ? 6   VAL A H    1 
ATOM 92   H HA   . VAL A 1 6   ? 3.576   -0.813  -8.647  1.00 0.57  ? 6   VAL A HA   1 
ATOM 93   H HB   . VAL A 1 6   ? 4.333   -0.779  -5.706  1.00 0.54  ? 6   VAL A HB   1 
ATOM 94   H HG11 . VAL A 1 6   ? 2.164   -1.308  -5.411  1.00 1.16  ? 6   VAL A HG11 1 
ATOM 95   H HG12 . VAL A 1 6   ? 2.487   -2.817  -6.265  1.00 1.27  ? 6   VAL A HG12 1 
ATOM 96   H HG13 . VAL A 1 6   ? 1.897   -1.410  -7.152  1.00 1.19  ? 6   VAL A HG13 1 
ATOM 97   H HG21 . VAL A 1 6   ? 4.647   -2.861  -7.873  1.00 1.11  ? 6   VAL A HG21 1 
ATOM 98   H HG22 . VAL A 1 6   ? 4.599   -3.297  -6.165  1.00 1.21  ? 6   VAL A HG22 1 
ATOM 99   H HG23 . VAL A 1 6   ? 5.876   -2.241  -6.770  1.00 1.17  ? 6   VAL A HG23 1 
ATOM 100  N N    . TRP A 1 7   ? 2.108   1.160   -7.975  1.00 0.56  ? 7   TRP A N    1 
ATOM 101  C CA   . TRP A 1 7   ? 1.373   2.414   -7.669  1.00 0.55  ? 7   TRP A CA   1 
ATOM 102  C C    . TRP A 1 7   ? 0.416   2.166   -6.504  1.00 0.57  ? 7   TRP A C    1 
ATOM 103  O O    . TRP A 1 7   ? 0.157   1.040   -6.131  1.00 0.60  ? 7   TRP A O    1 
ATOM 104  C CB   . TRP A 1 7   ? 0.599   2.748   -8.949  1.00 0.59  ? 7   TRP A CB   1 
ATOM 105  C CG   . TRP A 1 7   ? 1.542   2.934   -10.108 1.00 0.80  ? 7   TRP A CG   1 
ATOM 106  C CD1  . TRP A 1 7   ? 2.898   2.857   -10.053 1.00 1.65  ? 7   TRP A CD1  1 
ATOM 107  C CD2  . TRP A 1 7   ? 1.213   3.231   -11.495 1.00 1.07  ? 7   TRP A CD2  1 
ATOM 108  N NE1  . TRP A 1 7   ? 3.411   3.083   -11.316 1.00 1.67  ? 7   TRP A NE1  1 
ATOM 109  C CE2  . TRP A 1 7   ? 2.412   3.318   -12.240 1.00 1.24  ? 7   TRP A CE2  1 
ATOM 110  C CE3  . TRP A 1 7   ? -0.004  3.428   -12.173 1.00 2.01  ? 7   TRP A CE3  1 
ATOM 111  C CZ2  . TRP A 1 7   ? 2.407   3.592   -13.607 1.00 1.70  ? 7   TRP A CZ2  1 
ATOM 112  C CZ3  . TRP A 1 7   ? -0.013  3.705   -13.550 1.00 2.76  ? 7   TRP A CZ3  1 
ATOM 113  C CH2  . TRP A 1 7   ? 1.190   3.785   -14.266 1.00 2.47  ? 7   TRP A CH2  1 
ATOM 114  H H    . TRP A 1 7   ? 1.700   0.495   -8.557  1.00 0.69  ? 7   TRP A H    1 
ATOM 115  H HA   . TRP A 1 7   ? 2.062   3.213   -7.431  1.00 0.52  ? 7   TRP A HA   1 
ATOM 116  H HB2  . TRP A 1 7   ? -0.082  1.940   -9.172  1.00 0.66  ? 7   TRP A HB2  1 
ATOM 117  H HB3  . TRP A 1 7   ? 0.035   3.656   -8.797  1.00 0.69  ? 7   TRP A HB3  1 
ATOM 118  H HD1  . TRP A 1 7   ? 3.480   2.652   -9.168  1.00 2.42  ? 7   TRP A HD1  1 
ATOM 119  H HE1  . TRP A 1 7   ? 4.364   3.081   -11.548 1.00 2.24  ? 7   TRP A HE1  1 
ATOM 120  H HE3  . TRP A 1 7   ? -0.936  3.369   -11.631 1.00 2.34  ? 7   TRP A HE3  1 
ATOM 121  H HZ2  . TRP A 1 7   ? 3.337   3.652   -14.155 1.00 1.84  ? 7   TRP A HZ2  1 
ATOM 122  H HZ3  . TRP A 1 7   ? -0.953  3.855   -14.060 1.00 3.64  ? 7   TRP A HZ3  1 
ATOM 123  H HH2  . TRP A 1 7   ? 1.175   3.999   -15.324 1.00 3.05  ? 7   TRP A HH2  1 
ATOM 124  N N    . THR A 1 8   ? -0.129  3.202   -5.942  1.00 0.57  ? 8   THR A N    1 
ATOM 125  C CA   . THR A 1 8   ? -1.095  3.015   -4.821  1.00 0.62  ? 8   THR A CA   1 
ATOM 126  C C    . THR A 1 8   ? -2.374  2.366   -5.354  1.00 0.63  ? 8   THR A C    1 
ATOM 127  O O    . THR A 1 8   ? -3.026  1.591   -4.680  1.00 0.66  ? 8   THR A O    1 
ATOM 128  C CB   . THR A 1 8   ? -1.411  4.423   -4.290  1.00 0.69  ? 8   THR A CB   1 
ATOM 129  O OG1  . THR A 1 8   ? -0.974  5.406   -5.216  1.00 1.10  ? 8   THR A OG1  1 
ATOM 130  C CG2  . THR A 1 8   ? -0.721  4.634   -2.942  1.00 0.87  ? 8   THR A CG2  1 
ATOM 131  H H    . THR A 1 8   ? 0.069   4.100   -6.282  1.00 0.56  ? 8   THR A H    1 
ATOM 132  H HA   . THR A 1 8   ? -0.659  2.412   -4.040  1.00 0.65  ? 8   THR A HA   1 
ATOM 133  H HB   . THR A 1 8   ? -2.474  4.522   -4.154  1.00 0.79  ? 8   THR A HB   1 
ATOM 134  H HG1  . THR A 1 8   ? -1.627  6.111   -5.231  1.00 1.73  ? 8   THR A HG1  1 
ATOM 135  H HG21 . THR A 1 8   ? -1.382  4.319   -2.145  1.00 1.42  ? 8   THR A HG21 1 
ATOM 136  H HG22 . THR A 1 8   ? -0.483  5.680   -2.818  1.00 1.28  ? 8   THR A HG22 1 
ATOM 137  H HG23 . THR A 1 8   ? 0.188   4.052   -2.908  1.00 1.44  ? 8   THR A HG23 1 
ATOM 138  N N    . VAL A 1 9   ? -2.748  2.709   -6.556  1.00 0.64  ? 9   VAL A N    1 
ATOM 139  C CA   . VAL A 1 9   ? -4.002  2.160   -7.148  1.00 0.73  ? 9   VAL A CA   1 
ATOM 140  C C    . VAL A 1 9   ? -3.927  0.644   -7.387  1.00 0.75  ? 9   VAL A C    1 
ATOM 141  O O    . VAL A 1 9   ? -4.900  -0.056  -7.195  1.00 0.85  ? 9   VAL A O    1 
ATOM 142  C CB   . VAL A 1 9   ? -4.157  2.900   -8.478  1.00 0.81  ? 9   VAL A CB   1 
ATOM 143  C CG1  . VAL A 1 9   ? -4.149  4.411   -8.228  1.00 1.45  ? 9   VAL A CG1  1 
ATOM 144  C CG2  . VAL A 1 9   ? -2.994  2.532   -9.406  1.00 1.61  ? 9   VAL A CG2  1 
ATOM 145  H H    . VAL A 1 9   ? -2.213  3.355   -7.065  1.00 0.63  ? 9   VAL A H    1 
ATOM 146  H HA   . VAL A 1 9   ? -4.841  2.392   -6.512  1.00 0.78  ? 9   VAL A HA   1 
ATOM 147  H HB   . VAL A 1 9   ? -5.090  2.616   -8.939  1.00 1.46  ? 9   VAL A HB   1 
ATOM 148  H HG11 . VAL A 1 9   ? -3.958  4.605   -7.182  1.00 2.07  ? 9   VAL A HG11 1 
ATOM 149  H HG12 . VAL A 1 9   ? -5.107  4.827   -8.502  1.00 1.83  ? 9   VAL A HG12 1 
ATOM 150  H HG13 . VAL A 1 9   ? -3.374  4.869   -8.825  1.00 2.04  ? 9   VAL A HG13 1 
ATOM 151  H HG21 . VAL A 1 9   ? -3.048  1.480   -9.650  1.00 2.20  ? 9   VAL A HG21 1 
ATOM 152  H HG22 . VAL A 1 9   ? -2.057  2.739   -8.912  1.00 2.05  ? 9   VAL A HG22 1 
ATOM 153  H HG23 . VAL A 1 9   ? -3.059  3.115   -10.314 1.00 2.18  ? 9   VAL A HG23 1 
ATOM 154  N N    . ASN A 1 10  ? -2.807  0.126   -7.826  1.00 0.71  ? 10  ASN A N    1 
ATOM 155  C CA   . ASN A 1 10  ? -2.736  -1.345  -8.092  1.00 0.82  ? 10  ASN A CA   1 
ATOM 156  C C    . ASN A 1 10  ? -3.265  -2.152  -6.903  1.00 0.76  ? 10  ASN A C    1 
ATOM 157  O O    . ASN A 1 10  ? -4.158  -2.963  -7.049  1.00 0.79  ? 10  ASN A O    1 
ATOM 158  C CB   . ASN A 1 10  ? -1.254  -1.634  -8.321  1.00 0.98  ? 10  ASN A CB   1 
ATOM 159  C CG   . ASN A 1 10  ? -0.806  -0.941  -9.607  1.00 1.62  ? 10  ASN A CG   1 
ATOM 160  O OD1  . ASN A 1 10  ? -1.626  -0.485  -10.380 1.00 2.40  ? 10  ASN A OD1  1 
ATOM 161  N ND2  . ASN A 1 10  ? 0.465   -0.843  -9.877  1.00 2.31  ? 10  ASN A ND2  1 
ATOM 162  H H    . ASN A 1 10  ? -2.029  0.697   -8.002  1.00 0.66  ? 10  ASN A H    1 
ATOM 163  H HA   . ASN A 1 10  ? -3.292  -1.589  -8.980  1.00 0.92  ? 10  ASN A HA   1 
ATOM 164  H HB2  . ASN A 1 10  ? -0.680  -1.259  -7.485  1.00 1.28  ? 10  ASN A HB2  1 
ATOM 165  H HB3  . ASN A 1 10  ? -1.103  -2.699  -8.414  1.00 1.64  ? 10  ASN A HB3  1 
ATOM 166  H HD21 . ASN A 1 10  ? 1.127   -1.215  -9.257  1.00 2.51  ? 10  ASN A HD21 1 
ATOM 167  H HD22 . ASN A 1 10  ? 0.758   -0.399  -10.699 1.00 3.03  ? 10  ASN A HD22 1 
ATOM 168  N N    . LEU A 1 11  ? -2.717  -1.959  -5.736  1.00 0.77  ? 11  LEU A N    1 
ATOM 169  C CA   . LEU A 1 11  ? -3.177  -2.737  -4.544  1.00 0.78  ? 11  LEU A CA   1 
ATOM 170  C C    . LEU A 1 11  ? -4.600  -2.344  -4.112  1.00 0.73  ? 11  LEU A C    1 
ATOM 171  O O    . LEU A 1 11  ? -5.138  -2.894  -3.172  1.00 0.89  ? 11  LEU A O    1 
ATOM 172  C CB   . LEU A 1 11  ? -2.179  -2.368  -3.444  1.00 0.91  ? 11  LEU A CB   1 
ATOM 173  C CG   . LEU A 1 11  ? -2.373  -3.286  -2.235  1.00 1.19  ? 11  LEU A CG   1 
ATOM 174  C CD1  . LEU A 1 11  ? -1.891  -4.691  -2.588  1.00 1.73  ? 11  LEU A CD1  1 
ATOM 175  C CD2  . LEU A 1 11  ? -1.555  -2.754  -1.058  1.00 1.51  ? 11  LEU A CD2  1 
ATOM 176  H H    . LEU A 1 11  ? -1.970  -1.332  -5.631  1.00 0.81  ? 11  LEU A H    1 
ATOM 177  H HA   . LEU A 1 11  ? -3.117  -3.794  -4.742  1.00 0.82  ? 11  LEU A HA   1 
ATOM 178  H HB2  . LEU A 1 11  ? -1.173  -2.477  -3.822  1.00 1.25  ? 11  LEU A HB2  1 
ATOM 179  H HB3  . LEU A 1 11  ? -2.342  -1.344  -3.144  1.00 1.11  ? 11  LEU A HB3  1 
ATOM 180  H HG   . LEU A 1 11  ? -3.417  -3.321  -1.965  1.00 1.50  ? 11  LEU A HG   1 
ATOM 181  H HD11 . LEU A 1 11  ? -1.829  -4.786  -3.661  1.00 2.12  ? 11  LEU A HD11 1 
ATOM 182  H HD12 . LEU A 1 11  ? -2.586  -5.419  -2.200  1.00 2.22  ? 11  LEU A HD12 1 
ATOM 183  H HD13 . LEU A 1 11  ? -0.916  -4.857  -2.155  1.00 2.15  ? 11  LEU A HD13 1 
ATOM 184  H HD21 . LEU A 1 11  ? -1.810  -1.719  -0.881  1.00 1.85  ? 11  LEU A HD21 1 
ATOM 185  H HD22 . LEU A 1 11  ? -0.504  -2.829  -1.292  1.00 1.98  ? 11  LEU A HD22 1 
ATOM 186  H HD23 . LEU A 1 11  ? -1.770  -3.336  -0.174  1.00 1.94  ? 11  LEU A HD23 1 
ATOM 187  N N    . ASP A 1 12  ? -5.217  -1.401  -4.769  1.00 0.71  ? 12  ASP A N    1 
ATOM 188  C CA   . ASP A 1 12  ? -6.593  -0.991  -4.355  1.00 0.72  ? 12  ASP A CA   1 
ATOM 189  C C    . ASP A 1 12  ? -7.661  -1.757  -5.145  1.00 0.69  ? 12  ASP A C    1 
ATOM 190  O O    . ASP A 1 12  ? -7.679  -1.748  -6.360  1.00 0.69  ? 12  ASP A O    1 
ATOM 191  C CB   . ASP A 1 12  ? -6.660  0.504   -4.673  1.00 0.84  ? 12  ASP A CB   1 
ATOM 192  C CG   . ASP A 1 12  ? -7.999  1.076   -4.202  1.00 0.97  ? 12  ASP A CG   1 
ATOM 193  O OD1  . ASP A 1 12  ? -8.797  0.319   -3.674  1.00 1.60  ? 12  ASP A OD1  1 
ATOM 194  O OD2  . ASP A 1 12  ? -8.203  2.267   -4.374  1.00 1.62  ? 12  ASP A OD2  1 
ATOM 195  H H    . ASP A 1 12  ? -4.785  -0.956  -5.523  1.00 0.85  ? 12  ASP A H    1 
ATOM 196  H HA   . ASP A 1 12  ? -6.726  -1.145  -3.297  1.00 0.79  ? 12  ASP A HA   1 
ATOM 197  H HB2  . ASP A 1 12  ? -5.854  1.014   -4.168  1.00 1.25  ? 12  ASP A HB2  1 
ATOM 198  H HB3  . ASP A 1 12  ? -6.565  0.648   -5.739  1.00 1.46  ? 12  ASP A HB3  1 
ATOM 199  N N    . SER A 1 13  ? -8.562  -2.414  -4.457  1.00 0.76  ? 13  SER A N    1 
ATOM 200  C CA   . SER A 1 13  ? -9.642  -3.171  -5.160  1.00 0.83  ? 13  SER A CA   1 
ATOM 201  C C    . SER A 1 13  ? -10.635 -2.201  -5.812  1.00 0.85  ? 13  SER A C    1 
ATOM 202  O O    . SER A 1 13  ? -11.110 -2.422  -6.908  1.00 0.93  ? 13  SER A O    1 
ATOM 203  C CB   . SER A 1 13  ? -10.328 -3.982  -4.063  1.00 0.92  ? 13  SER A CB   1 
ATOM 204  O OG   . SER A 1 13  ? -11.260 -4.877  -4.654  1.00 1.63  ? 13  SER A OG   1 
ATOM 205  H H    . SER A 1 13  ? -8.532  -2.401  -3.477  1.00 0.83  ? 13  SER A H    1 
ATOM 206  H HA   . SER A 1 13  ? -9.219  -3.832  -5.899  1.00 0.85  ? 13  SER A HA   1 
ATOM 207  H HB2  . SER A 1 13  ? -9.590  -4.546  -3.516  1.00 1.33  ? 13  SER A HB2  1 
ATOM 208  H HB3  . SER A 1 13  ? -10.837 -3.310  -3.385  1.00 1.43  ? 13  SER A HB3  1 
ATOM 209  H HG   . SER A 1 13  ? -11.389 -5.612  -4.050  1.00 1.99  ? 13  SER A HG   1 
ATOM 210  N N    . LYS A 1 14  ? -10.955 -1.132  -5.134  1.00 0.84  ? 14  LYS A N    1 
ATOM 211  C CA   . LYS A 1 14  ? -11.921 -0.133  -5.688  1.00 0.91  ? 14  LYS A CA   1 
ATOM 212  C C    . LYS A 1 14  ? -11.456 0.377   -7.056  1.00 0.92  ? 14  LYS A C    1 
ATOM 213  O O    . LYS A 1 14  ? -12.234 0.883   -7.841  1.00 1.01  ? 14  LYS A O    1 
ATOM 214  C CB   . LYS A 1 14  ? -11.928 1.004   -4.669  1.00 0.97  ? 14  LYS A CB   1 
ATOM 215  C CG   . LYS A 1 14  ? -13.006 2.023   -5.042  1.00 1.37  ? 14  LYS A CG   1 
ATOM 216  C CD   . LYS A 1 14  ? -12.951 3.197   -4.067  1.00 1.84  ? 14  LYS A CD   1 
ATOM 217  C CE   . LYS A 1 14  ? -14.138 4.128   -4.319  1.00 2.30  ? 14  LYS A CE   1 
ATOM 218  N NZ   . LYS A 1 14  ? -13.544 5.488   -4.439  1.00 3.08  ? 14  LYS A NZ   1 
ATOM 219  H H    . LYS A 1 14  ? -10.563 -0.983  -4.248  1.00 0.83  ? 14  LYS A H    1 
ATOM 220  H HA   . LYS A 1 14  ? -12.905 -0.563  -5.763  1.00 0.95  ? 14  LYS A HA   1 
ATOM 221  H HB2  . LYS A 1 14  ? -12.134 0.604   -3.686  1.00 1.15  ? 14  LYS A HB2  1 
ATOM 222  H HB3  . LYS A 1 14  ? -10.964 1.490   -4.664  1.00 1.23  ? 14  LYS A HB3  1 
ATOM 223  H HG2  . LYS A 1 14  ? -12.834 2.378   -6.047  1.00 1.90  ? 14  LYS A HG2  1 
ATOM 224  H HG3  . LYS A 1 14  ? -13.977 1.555   -4.985  1.00 1.83  ? 14  LYS A HG3  1 
ATOM 225  H HD2  . LYS A 1 14  ? -12.991 2.824   -3.053  1.00 2.22  ? 14  LYS A HD2  1 
ATOM 226  H HD3  . LYS A 1 14  ? -12.030 3.741   -4.213  1.00 2.30  ? 14  LYS A HD3  1 
ATOM 227  H HE2  . LYS A 1 14  ? -14.641 3.852   -5.236  1.00 2.52  ? 14  LYS A HE2  1 
ATOM 228  H HE3  . LYS A 1 14  ? -14.826 4.097   -3.488  1.00 2.55  ? 14  LYS A HE3  1 
ATOM 229  H HZ1  . LYS A 1 14  ? -13.101 5.592   -5.374  1.00 3.36  ? 14  LYS A HZ1  1 
ATOM 230  H HZ2  . LYS A 1 14  ? -12.826 5.619   -3.698  1.00 3.55  ? 14  LYS A HZ2  1 
ATOM 231  H HZ3  . LYS A 1 14  ? -14.290 6.205   -4.332  1.00 3.47  ? 14  LYS A HZ3  1 
ATOM 232  N N    . LYS A 1 15  ? -10.199 0.230   -7.351  1.00 0.87  ? 15  LYS A N    1 
ATOM 233  C CA   . LYS A 1 15  ? -9.688  0.690   -8.674  1.00 0.89  ? 15  LYS A CA   1 
ATOM 234  C C    . LYS A 1 15  ? -9.747  -0.462  -9.678  1.00 0.95  ? 15  LYS A C    1 
ATOM 235  O O    . LYS A 1 15  ? -9.038  -1.438  -9.553  1.00 1.01  ? 15  LYS A O    1 
ATOM 236  C CB   . LYS A 1 15  ? -8.244  1.111   -8.419  1.00 0.91  ? 15  LYS A CB   1 
ATOM 237  C CG   . LYS A 1 15  ? -8.219  2.159   -7.308  1.00 1.42  ? 15  LYS A CG   1 
ATOM 238  C CD   . LYS A 1 15  ? -8.978  3.404   -7.768  1.00 2.33  ? 15  LYS A CD   1 
ATOM 239  C CE   . LYS A 1 15  ? -8.857  4.493   -6.701  1.00 3.20  ? 15  LYS A CE   1 
ATOM 240  N NZ   . LYS A 1 15  ? -9.929  5.475   -7.027  1.00 3.92  ? 15  LYS A NZ   1 
ATOM 241  H H    . LYS A 1 15  ? -9.610  -0.212  -6.705  1.00 0.85  ? 15  LYS A H    1 
ATOM 242  H HA   . LYS A 1 15  ? -10.262 1.531   -9.030  1.00 0.95  ? 15  LYS A HA   1 
ATOM 243  H HB2  . LYS A 1 15  ? -7.664  0.250   -8.118  1.00 1.21  ? 15  LYS A HB2  1 
ATOM 244  H HB3  . LYS A 1 15  ? -7.825  1.533   -9.320  1.00 1.07  ? 15  LYS A HB3  1 
ATOM 245  H HG2  . LYS A 1 15  ? -8.694  1.754   -6.428  1.00 1.72  ? 15  LYS A HG2  1 
ATOM 246  H HG3  . LYS A 1 15  ? -7.198  2.423   -7.081  1.00 1.80  ? 15  LYS A HG3  1 
ATOM 247  H HD2  . LYS A 1 15  ? -8.557  3.759   -8.698  1.00 2.64  ? 15  LYS A HD2  1 
ATOM 248  H HD3  . LYS A 1 15  ? -10.019 3.159   -7.914  1.00 2.63  ? 15  LYS A HD3  1 
ATOM 249  H HE2  . LYS A 1 15  ? -9.016  4.071   -5.717  1.00 3.40  ? 15  LYS A HE2  1 
ATOM 250  H HE3  . LYS A 1 15  ? -7.890  4.968   -6.756  1.00 3.54  ? 15  LYS A HE3  1 
ATOM 251  H HZ1  . LYS A 1 15  ? -10.003 6.175   -6.262  1.00 4.25  ? 15  LYS A HZ1  1 
ATOM 252  H HZ2  . LYS A 1 15  ? -10.836 4.976   -7.131  1.00 4.18  ? 15  LYS A HZ2  1 
ATOM 253  H HZ3  . LYS A 1 15  ? -9.696  5.961   -7.917  1.00 4.29  ? 15  LYS A HZ3  1 
ATOM 254  N N    . SER A 1 16  ? -10.602 -0.369  -10.661 1.00 1.00  ? 16  SER A N    1 
ATOM 255  C CA   . SER A 1 16  ? -10.720 -1.471  -11.658 1.00 1.14  ? 16  SER A CA   1 
ATOM 256  C C    . SER A 1 16  ? -9.470  -1.541  -12.539 1.00 1.10  ? 16  SER A C    1 
ATOM 257  O O    . SER A 1 16  ? -8.575  -0.724  -12.437 1.00 0.99  ? 16  SER A O    1 
ATOM 258  C CB   . SER A 1 16  ? -11.949 -1.113  -12.493 1.00 1.28  ? 16  SER A CB   1 
ATOM 259  O OG   . SER A 1 16  ? -13.092 -1.064  -11.647 1.00 1.76  ? 16  SER A OG   1 
ATOM 260  H H    . SER A 1 16  ? -11.197 0.405   -10.743 1.00 1.00  ? 16  SER A H    1 
ATOM 261  H HA   . SER A 1 16  ? -10.879 -2.413  -11.158 1.00 1.27  ? 16  SER A HA   1 
ATOM 262  H HB2  . SER A 1 16  ? -11.807 -0.150  -12.953 1.00 1.61  ? 16  SER A HB2  1 
ATOM 263  H HB3  . SER A 1 16  ? -12.090 -1.860  -13.262 1.00 1.75  ? 16  SER A HB3  1 
ATOM 264  H HG   . SER A 1 16  ? -13.699 -0.413  -12.006 1.00 2.04  ? 16  SER A HG   1 
ATOM 265  N N    . ARG A 1 17  ? -9.406  -2.516  -13.404 1.00 1.27  ? 17  ARG A N    1 
ATOM 266  C CA   . ARG A 1 17  ? -8.220  -2.654  -14.296 1.00 1.37  ? 17  ARG A CA   1 
ATOM 267  C C    . ARG A 1 17  ? -7.955  -1.342  -15.033 1.00 1.28  ? 17  ARG A C    1 
ATOM 268  O O    . ARG A 1 17  ? -6.824  -0.928  -15.189 1.00 1.34  ? 17  ARG A O    1 
ATOM 269  C CB   . ARG A 1 17  ? -8.605  -3.755  -15.285 1.00 1.61  ? 17  ARG A CB   1 
ATOM 270  C CG   . ARG A 1 17  ? -7.421  -4.062  -16.204 1.00 2.13  ? 17  ARG A CG   1 
ATOM 271  C CD   . ARG A 1 17  ? -7.858  -5.061  -17.278 1.00 2.47  ? 17  ARG A CD   1 
ATOM 272  N NE   . ARG A 1 17  ? -8.269  -6.278  -16.523 1.00 2.79  ? 17  ARG A NE   1 
ATOM 273  C CZ   . ARG A 1 17  ? -9.451  -6.798  -16.710 1.00 3.24  ? 17  ARG A CZ   1 
ATOM 274  N NH1  . ARG A 1 17  ? -10.515 -6.172  -16.285 1.00 4.03  ? 17  ARG A NH1  1 
ATOM 275  N NH2  . ARG A 1 17  ? -9.571  -7.947  -17.320 1.00 3.28  ? 17  ARG A NH2  1 
ATOM 276  H H    . ARG A 1 17  ? -10.148 -3.151  -13.474 1.00 1.40  ? 17  ARG A H    1 
ATOM 277  H HA   . ARG A 1 17  ? -7.353  -2.953  -13.729 1.00 1.41  ? 17  ARG A HA   1 
ATOM 278  H HB2  . ARG A 1 17  ? -8.877  -4.646  -14.739 1.00 2.05  ? 17  ARG A HB2  1 
ATOM 279  H HB3  . ARG A 1 17  ? -9.443  -3.425  -15.878 1.00 1.84  ? 17  ARG A HB3  1 
ATOM 280  H HG2  . ARG A 1 17  ? -7.082  -3.149  -16.674 1.00 2.43  ? 17  ARG A HG2  1 
ATOM 281  H HG3  . ARG A 1 17  ? -6.616  -4.489  -15.625 1.00 2.63  ? 17  ARG A HG3  1 
ATOM 282  H HD2  . ARG A 1 17  ? -8.692  -4.664  -17.842 1.00 2.81  ? 17  ARG A HD2  1 
ATOM 283  H HD3  . ARG A 1 17  ? -7.034  -5.295  -17.934 1.00 2.82  ? 17  ARG A HD3  1 
ATOM 284  H HE   . ARG A 1 17  ? -7.651  -6.687  -15.882 1.00 3.12  ? 17  ARG A HE   1 
ATOM 285  H HH11 . ARG A 1 17  ? -10.424 -5.293  -15.817 1.00 4.25  ? 17  ARG A HH11 1 
ATOM 286  H HH12 . ARG A 1 17  ? -11.421 -6.572  -16.429 1.00 4.58  ? 17  ARG A HH12 1 
ATOM 287  H HH21 . ARG A 1 17  ? -8.755  -8.426  -17.643 1.00 3.09  ? 17  ARG A HH21 1 
ATOM 288  H HH22 . ARG A 1 17  ? -10.475 -8.346  -17.462 1.00 3.76  ? 17  ARG A HH22 1 
ATOM 289  N N    . ALA A 1 18  ? -8.985  -0.676  -15.478 1.00 1.23  ? 18  ALA A N    1 
ATOM 290  C CA   . ALA A 1 18  ? -8.768  0.613   -16.187 1.00 1.24  ? 18  ALA A CA   1 
ATOM 291  C C    . ALA A 1 18  ? -8.094  1.598   -15.233 1.00 1.15  ? 18  ALA A C    1 
ATOM 292  O O    . ALA A 1 18  ? -7.205  2.336   -15.607 1.00 1.28  ? 18  ALA A O    1 
ATOM 293  C CB   . ALA A 1 18  ? -10.164 1.099   -16.582 1.00 1.31  ? 18  ALA A CB   1 
ATOM 294  H H    . ALA A 1 18  ? -9.893  -1.016  -15.336 1.00 1.26  ? 18  ALA A H    1 
ATOM 295  H HA   . ALA A 1 18  ? -8.163  0.464   -17.068 1.00 1.38  ? 18  ALA A HA   1 
ATOM 296  H HB1  . ALA A 1 18  ? -10.088 2.065   -17.060 1.00 1.61  ? 18  ALA A HB1  1 
ATOM 297  H HB2  . ALA A 1 18  ? -10.780 1.183   -15.698 1.00 1.73  ? 18  ALA A HB2  1 
ATOM 298  H HB3  . ALA A 1 18  ? -10.611 0.394   -17.266 1.00 1.67  ? 18  ALA A HB3  1 
ATOM 299  N N    . GLU A 1 19  ? -8.506  1.599   -13.994 1.00 1.05  ? 19  GLU A N    1 
ATOM 300  C CA   . GLU A 1 19  ? -7.884  2.518   -13.000 1.00 1.12  ? 19  GLU A CA   1 
ATOM 301  C C    . GLU A 1 19  ? -6.424  2.120   -12.763 1.00 1.22  ? 19  GLU A C    1 
ATOM 302  O O    . GLU A 1 19  ? -5.591  2.942   -12.440 1.00 1.40  ? 19  GLU A O    1 
ATOM 303  C CB   . GLU A 1 19  ? -8.708  2.340   -11.723 1.00 1.10  ? 19  GLU A CB   1 
ATOM 304  C CG   . GLU A 1 19  ? -10.132 2.848   -11.961 1.00 1.54  ? 19  GLU A CG   1 
ATOM 305  C CD   . GLU A 1 19  ? -10.092 4.335   -12.324 1.00 1.73  ? 19  GLU A CD   1 
ATOM 306  O OE1  . GLU A 1 19  ? -9.068  4.957   -12.090 1.00 1.82  ? 19  GLU A OE1  1 
ATOM 307  O OE2  . GLU A 1 19  ? -11.087 4.825   -12.831 1.00 2.47  ? 19  GLU A OE2  1 
ATOM 308  H H    . GLU A 1 19  ? -9.220  0.985   -13.718 1.00 1.01  ? 19  GLU A H    1 
ATOM 309  H HA   . GLU A 1 19  ? -7.947  3.539   -13.340 1.00 1.24  ? 19  GLU A HA   1 
ATOM 310  H HB2  . GLU A 1 19  ? -8.737  1.293   -11.455 1.00 1.30  ? 19  GLU A HB2  1 
ATOM 311  H HB3  . GLU A 1 19  ? -8.255  2.905   -10.921 1.00 1.36  ? 19  GLU A HB3  1 
ATOM 312  H HG2  . GLU A 1 19  ? -10.583 2.290   -12.769 1.00 1.96  ? 19  GLU A HG2  1 
ATOM 313  H HG3  . GLU A 1 19  ? -10.716 2.716   -11.062 1.00 2.02  ? 19  GLU A HG3  1 
ATOM 314  N N    . GLY A 1 20  ? -6.113  0.860   -12.916 1.00 1.23  ? 20  GLY A N    1 
ATOM 315  C CA   . GLY A 1 20  ? -4.712  0.403   -12.694 1.00 1.49  ? 20  GLY A CA   1 
ATOM 316  C C    . GLY A 1 20  ? -4.693  -0.614  -11.553 1.00 1.12  ? 20  GLY A C    1 
ATOM 317  O O    . GLY A 1 20  ? -4.242  -0.326  -10.463 1.00 1.39  ? 20  GLY A O    1 
ATOM 318  H H    . GLY A 1 20  ? -6.803  0.214   -13.172 1.00 1.15  ? 20  GLY A H    1 
ATOM 319  H HA2  . GLY A 1 20  ? -4.332  -0.055  -13.596 1.00 1.75  ? 20  GLY A HA2  1 
ATOM 320  H HA3  . GLY A 1 20  ? -4.095  1.248   -12.429 1.00 1.88  ? 20  GLY A HA3  1 
ATOM 321  N N    . ARG A 1 21  ? -5.200  -1.794  -11.789 1.00 1.28  ? 21  ARG A N    1 
ATOM 322  C CA   . ARG A 1 21  ? -5.233  -2.825  -10.711 1.00 1.02  ? 21  ARG A CA   1 
ATOM 323  C C    . ARG A 1 21  ? -4.308  -3.999  -11.043 1.00 1.10  ? 21  ARG A C    1 
ATOM 324  O O    . ARG A 1 21  ? -4.404  -4.605  -12.092 1.00 1.39  ? 21  ARG A O    1 
ATOM 325  C CB   . ARG A 1 21  ? -6.690  -3.283  -10.678 1.00 1.09  ? 21  ARG A CB   1 
ATOM 326  C CG   . ARG A 1 21  ? -6.856  -4.444  -9.696  1.00 1.28  ? 21  ARG A CG   1 
ATOM 327  C CD   . ARG A 1 21  ? -8.332  -4.849  -9.651  1.00 1.73  ? 21  ARG A CD   1 
ATOM 328  N NE   . ARG A 1 21  ? -8.397  -5.979  -8.685  1.00 2.21  ? 21  ARG A NE   1 
ATOM 329  C CZ   . ARG A 1 21  ? -9.148  -7.014  -8.949  1.00 2.90  ? 21  ARG A CZ   1 
ATOM 330  N NH1  . ARG A 1 21  ? -8.698  -7.970  -9.714  1.00 3.46  ? 21  ARG A NH1  1 
ATOM 331  N NH2  . ARG A 1 21  ? -10.351 -7.091  -8.448  1.00 3.40  ? 21  ARG A NH2  1 
ATOM 332  H H    . ARG A 1 21  ? -5.579  -1.996  -12.670 1.00 1.88  ? 21  ARG A H    1 
ATOM 333  H HA   . ARG A 1 21  ? -4.965  -2.389  -9.763  1.00 1.10  ? 21  ARG A HA   1 
ATOM 334  H HB2  . ARG A 1 21  ? -7.314  -2.460  -10.368 1.00 1.68  ? 21  ARG A HB2  1 
ATOM 335  H HB3  . ARG A 1 21  ? -6.986  -3.605  -11.665 1.00 1.44  ? 21  ARG A HB3  1 
ATOM 336  H HG2  . ARG A 1 21  ? -6.260  -5.283  -10.026 1.00 1.61  ? 21  ARG A HG2  1 
ATOM 337  H HG3  . ARG A 1 21  ? -6.537  -4.137  -8.712  1.00 1.89  ? 21  ARG A HG3  1 
ATOM 338  H HD2  . ARG A 1 21  ? -8.935  -4.020  -9.306  1.00 2.15  ? 21  ARG A HD2  1 
ATOM 339  H HD3  . ARG A 1 21  ? -8.661  -5.175  -10.626 1.00 2.23  ? 21  ARG A HD3  1 
ATOM 340  H HE   . ARG A 1 21  ? -7.879  -5.946  -7.854  1.00 2.55  ? 21  ARG A HE   1 
ATOM 341  H HH11 . ARG A 1 21  ? -7.776  -7.909  -10.100 1.00 3.37  ? 21  ARG A HH11 1 
ATOM 342  H HH12 . ARG A 1 21  ? -9.273  -8.762  -9.916  1.00 4.16  ? 21  ARG A HH12 1 
ATOM 343  H HH21 . ARG A 1 21  ? -10.697 -6.358  -7.863  1.00 3.27  ? 21  ARG A HH21 1 
ATOM 344  H HH22 . ARG A 1 21  ? -10.926 -7.883  -8.650  1.00 4.11  ? 21  ARG A HH22 1 
ATOM 345  N N    . ARG A 1 22  ? -3.417  -4.326  -10.145 1.00 1.02  ? 22  ARG A N    1 
ATOM 346  C CA   . ARG A 1 22  ? -2.482  -5.462  -10.385 1.00 1.27  ? 22  ARG A CA   1 
ATOM 347  C C    . ARG A 1 22  ? -2.488  -6.403  -9.171  1.00 1.23  ? 22  ARG A C    1 
ATOM 348  O O    . ARG A 1 22  ? -1.661  -7.286  -9.053  1.00 1.52  ? 22  ARG A O    1 
ATOM 349  C CB   . ARG A 1 22  ? -1.111  -4.804  -10.544 1.00 1.49  ? 22  ARG A CB   1 
ATOM 350  C CG   . ARG A 1 22  ? -1.179  -3.733  -11.638 1.00 1.26  ? 22  ARG A CG   1 
ATOM 351  C CD   . ARG A 1 22  ? 0.141   -2.963  -11.677 1.00 1.13  ? 22  ARG A CD   1 
ATOM 352  N NE   . ARG A 1 22  ? 1.006   -3.720  -12.624 1.00 1.44  ? 22  ARG A NE   1 
ATOM 353  C CZ   . ARG A 1 22  ? 1.675   -3.085  -13.547 1.00 1.57  ? 22  ARG A CZ   1 
ATOM 354  N NH1  . ARG A 1 22  ? 1.125   -2.082  -14.178 1.00 1.99  ? 22  ARG A NH1  1 
ATOM 355  N NH2  . ARG A 1 22  ? 2.895   -3.449  -13.839 1.00 2.02  ? 22  ARG A NH2  1 
ATOM 356  H H    . ARG A 1 22  ? -3.361  -3.825  -9.306  1.00 0.94  ? 22  ARG A H    1 
ATOM 357  H HA   . ARG A 1 22  ? -2.749  -5.994  -11.285 1.00 1.44  ? 22  ARG A HA   1 
ATOM 358  H HB2  . ARG A 1 22  ? -0.823  -4.346  -9.609  1.00 2.01  ? 22  ARG A HB2  1 
ATOM 359  H HB3  . ARG A 1 22  ? -0.383  -5.552  -10.820 1.00 2.00  ? 22  ARG A HB3  1 
ATOM 360  H HG2  . ARG A 1 22  ? -1.350  -4.208  -12.594 1.00 1.78  ? 22  ARG A HG2  1 
ATOM 361  H HG3  . ARG A 1 22  ? -1.988  -3.050  -11.424 1.00 1.82  ? 22  ARG A HG3  1 
ATOM 362  H HD2  . ARG A 1 22  ? -0.025  -1.954  -12.032 1.00 1.55  ? 22  ARG A HD2  1 
ATOM 363  H HD3  . ARG A 1 22  ? 0.591   -2.947  -10.696 1.00 1.36  ? 22  ARG A HD3  1 
ATOM 364  H HE   . ARG A 1 22  ? 1.071   -4.696  -12.555 1.00 2.10  ? 22  ARG A HE   1 
ATOM 365  H HH11 . ARG A 1 22  ? 0.192   -1.802  -13.954 1.00 2.29  ? 22  ARG A HH11 1 
ATOM 366  H HH12 . ARG A 1 22  ? 1.638   -1.596  -14.885 1.00 2.38  ? 22  ARG A HH12 1 
ATOM 367  H HH21 . ARG A 1 22  ? 3.317   -4.215  -13.356 1.00 2.38  ? 22  ARG A HH21 1 
ATOM 368  H HH22 . ARG A 1 22  ? 3.406   -2.961  -14.547 1.00 2.35  ? 22  ARG A HH22 1 
ATOM 369  N N    . ILE A 1 23  ? -3.407  -6.208  -8.261  1.00 0.96  ? 23  ILE A N    1 
ATOM 370  C CA   . ILE A 1 23  ? -3.467  -7.071  -7.048  1.00 0.99  ? 23  ILE A CA   1 
ATOM 371  C C    . ILE A 1 23  ? -4.742  -7.922  -7.076  1.00 0.92  ? 23  ILE A C    1 
ATOM 372  O O    . ILE A 1 23  ? -5.775  -7.459  -7.519  1.00 0.80  ? 23  ILE A O    1 
ATOM 373  C CB   . ILE A 1 23  ? -3.495  -6.071  -5.883  1.00 0.96  ? 23  ILE A CB   1 
ATOM 374  C CG1  . ILE A 1 23  ? -3.277  -6.808  -4.561  1.00 1.58  ? 23  ILE A CG1  1 
ATOM 375  C CG2  . ILE A 1 23  ? -4.849  -5.348  -5.842  1.00 1.32  ? 23  ILE A CG2  1 
ATOM 376  C CD1  . ILE A 1 23  ? -1.818  -7.266  -4.469  1.00 1.67  ? 23  ILE A CD1  1 
ATOM 377  H H    . ILE A 1 23  ? -4.059  -5.488  -8.371  1.00 0.86  ? 23  ILE A H    1 
ATOM 378  H HA   . ILE A 1 23  ? -2.591  -7.696  -6.980  1.00 1.22  ? 23  ILE A HA   1 
ATOM 379  H HB   . ILE A 1 23  ? -2.709  -5.343  -6.022  1.00 1.14  ? 23  ILE A HB   1 
ATOM 380  H HG12 . ILE A 1 23  ? -3.499  -6.141  -3.740  1.00 2.23  ? 23  ILE A HG12 1 
ATOM 381  H HG13 . ILE A 1 23  ? -3.928  -7.666  -4.514  1.00 2.18  ? 23  ILE A HG13 1 
ATOM 382  H HG21 . ILE A 1 23  ? -5.624  -6.051  -5.572  1.00 1.75  ? 23  ILE A HG21 1 
ATOM 383  H HG22 . ILE A 1 23  ? -5.066  -4.932  -6.814  1.00 1.75  ? 23  ILE A HG22 1 
ATOM 384  H HG23 . ILE A 1 23  ? -4.816  -4.555  -5.113  1.00 1.91  ? 23  ILE A HG23 1 
ATOM 385  H HD11 . ILE A 1 23  ? -1.578  -7.876  -5.328  1.00 1.98  ? 23  ILE A HD11 1 
ATOM 386  H HD12 . ILE A 1 23  ? -1.677  -7.843  -3.567  1.00 2.20  ? 23  ILE A HD12 1 
ATOM 387  H HD13 . ILE A 1 23  ? -1.170  -6.404  -4.448  1.00 1.95  ? 23  ILE A HD13 1 
ATOM 388  N N    . PRO A 1 24  ? -4.643  -9.135  -6.600  1.00 1.08  ? 24  PRO A N    1 
ATOM 389  C CA   . PRO A 1 24  ? -5.821  -10.018 -6.580  1.00 1.07  ? 24  PRO A CA   1 
ATOM 390  C C    . PRO A 1 24  ? -6.815  -9.538  -5.531  1.00 0.84  ? 24  PRO A C    1 
ATOM 391  O O    . PRO A 1 24  ? -6.458  -9.010  -4.497  1.00 0.87  ? 24  PRO A O    1 
ATOM 392  C CB   . PRO A 1 24  ? -5.265  -11.383 -6.218  1.00 1.34  ? 24  PRO A CB   1 
ATOM 393  C CG   . PRO A 1 24  ? -4.004  -11.093 -5.485  1.00 1.47  ? 24  PRO A CG   1 
ATOM 394  C CD   . PRO A 1 24  ? -3.460  -9.795  -6.040  1.00 1.38  ? 24  PRO A CD   1 
ATOM 395  H HA   . PRO A 1 24  ? -6.284  -10.054 -7.553  1.00 1.13  ? 24  PRO A HA   1 
ATOM 396  H HB2  . PRO A 1 24  ? -5.959  -11.916 -5.583  1.00 1.31  ? 24  PRO A HB2  1 
ATOM 397  H HB3  . PRO A 1 24  ? -5.052  -11.952 -7.109  1.00 1.53  ? 24  PRO A HB3  1 
ATOM 398  H HG2  . PRO A 1 24  ? -4.208  -10.991 -4.427  1.00 1.44  ? 24  PRO A HG2  1 
ATOM 399  H HG3  . PRO A 1 24  ? -3.299  -11.888 -5.653  1.00 1.72  ? 24  PRO A HG3  1 
ATOM 400  H HD2  . PRO A 1 24  ? -3.026  -9.202  -5.250  1.00 1.42  ? 24  PRO A HD2  1 
ATOM 401  H HD3  . PRO A 1 24  ? -2.738  -9.986  -6.817  1.00 1.55  ? 24  PRO A HD3  1 
ATOM 402  N N    . ARG A 1 25  ? -8.056  -9.723  -5.811  1.00 0.76  ? 25  ARG A N    1 
ATOM 403  C CA   . ARG A 1 25  ? -9.126  -9.296  -4.876  1.00 0.69  ? 25  ARG A CA   1 
ATOM 404  C C    . ARG A 1 25  ? -8.997  -9.996  -3.516  1.00 0.70  ? 25  ARG A C    1 
ATOM 405  O O    . ARG A 1 25  ? -9.420  -9.479  -2.501  1.00 0.75  ? 25  ARG A O    1 
ATOM 406  C CB   . ARG A 1 25  ? -10.397 -9.729  -5.582  1.00 0.82  ? 25  ARG A CB   1 
ATOM 407  C CG   . ARG A 1 25  ? -11.614 -9.171  -4.848  1.00 1.22  ? 25  ARG A CG   1 
ATOM 408  C CD   . ARG A 1 25  ? -12.871 -9.444  -5.674  1.00 1.52  ? 25  ARG A CD   1 
ATOM 409  N NE   . ARG A 1 25  ? -13.094 -10.909 -5.555  1.00 2.27  ? 25  ARG A NE   1 
ATOM 410  C CZ   . ARG A 1 25  ? -14.301 -11.370 -5.388  1.00 2.96  ? 25  ARG A CZ   1 
ATOM 411  N NH1  . ARG A 1 25  ? -15.011 -10.980 -4.364  1.00 3.59  ? 25  ARG A NH1  1 
ATOM 412  N NH2  . ARG A 1 25  ? -14.799 -12.220 -6.244  1.00 3.40  ? 25  ARG A NH2  1 
ATOM 413  H H    . ARG A 1 25  ? -8.289  -10.153 -6.661  1.00 0.89  ? 25  ARG A H    1 
ATOM 414  H HA   . ARG A 1 25  ? -9.120  -8.226  -4.754  1.00 0.70  ? 25  ARG A HA   1 
ATOM 415  H HB2  . ARG A 1 25  ? -10.376 -9.360  -6.597  1.00 1.17  ? 25  ARG A HB2  1 
ATOM 416  H HB3  . ARG A 1 25  ? -10.440 -10.807 -5.593  1.00 0.97  ? 25  ARG A HB3  1 
ATOM 417  H HG2  . ARG A 1 25  ? -11.704 -9.649  -3.884  1.00 1.49  ? 25  ARG A HG2  1 
ATOM 418  H HG3  . ARG A 1 25  ? -11.498 -8.105  -4.713  1.00 1.58  ? 25  ARG A HG3  1 
ATOM 419  H HD2  . ARG A 1 25  ? -13.712 -8.896  -5.272  1.00 1.86  ? 25  ARG A HD2  1 
ATOM 420  H HD3  . ARG A 1 25  ? -12.707 -9.179  -6.707  1.00 1.80  ? 25  ARG A HD3  1 
ATOM 421  H HE   . ARG A 1 25  ? -12.335 -11.527 -5.602  1.00 2.70  ? 25  ARG A HE   1 
ATOM 422  H HH11 . ARG A 1 25  ? -14.628 -10.328 -3.710  1.00 3.61  ? 25  ARG A HH11 1 
ATOM 423  H HH12 . ARG A 1 25  ? -15.938 -11.333 -4.235  1.00 4.25  ? 25  ARG A HH12 1 
ATOM 424  H HH21 . ARG A 1 25  ? -14.254 -12.517 -7.028  1.00 3.32  ? 25  ARG A HH21 1 
ATOM 425  H HH22 . ARG A 1 25  ? -15.726 -12.573 -6.117  1.00 4.07  ? 25  ARG A HH22 1 
ATOM 426  N N    . ARG A 1 26  ? -8.455  -11.182 -3.491  1.00 0.77  ? 26  ARG A N    1 
ATOM 427  C CA   . ARG A 1 26  ? -8.349  -11.924 -2.198  1.00 0.87  ? 26  ARG A CA   1 
ATOM 428  C C    . ARG A 1 26  ? -7.545  -11.143 -1.146  1.00 0.94  ? 26  ARG A C    1 
ATOM 429  O O    . ARG A 1 26  ? -7.900  -11.132 0.017   1.00 1.02  ? 26  ARG A O    1 
ATOM 430  C CB   . ARG A 1 26  ? -7.624  -13.220 -2.557  1.00 1.01  ? 26  ARG A CB   1 
ATOM 431  C CG   . ARG A 1 26  ? -8.501  -14.054 -3.494  1.00 1.51  ? 26  ARG A CG   1 
ATOM 432  C CD   . ARG A 1 26  ? -7.762  -15.337 -3.885  1.00 1.79  ? 26  ARG A CD   1 
ATOM 433  N NE   . ARG A 1 26  ? -7.651  -16.122 -2.624  1.00 2.27  ? 26  ARG A NE   1 
ATOM 434  C CZ   . ARG A 1 26  ? -8.080  -17.354 -2.583  1.00 2.75  ? 26  ARG A CZ   1 
ATOM 435  N NH1  . ARG A 1 26  ? -9.223  -17.665 -3.128  1.00 3.48  ? 26  ARG A NH1  1 
ATOM 436  N NH2  . ARG A 1 26  ? -7.365  -18.274 -1.996  1.00 2.97  ? 26  ARG A NH2  1 
ATOM 437  H H    . ARG A 1 26  ? -8.146  -11.599 -4.322  1.00 0.81  ? 26  ARG A H    1 
ATOM 438  H HA   . ARG A 1 26  ? -9.331  -12.154 -1.820  1.00 0.85  ? 26  ARG A HA   1 
ATOM 439  H HB2  . ARG A 1 26  ? -6.691  -12.986 -3.049  1.00 1.40  ? 26  ARG A HB2  1 
ATOM 440  H HB3  . ARG A 1 26  ? -7.426  -13.783 -1.658  1.00 1.30  ? 26  ARG A HB3  1 
ATOM 441  H HG2  . ARG A 1 26  ? -9.423  -14.308 -2.991  1.00 1.97  ? 26  ARG A HG2  1 
ATOM 442  H HG3  . ARG A 1 26  ? -8.722  -13.483 -4.384  1.00 2.11  ? 26  ARG A HG3  1 
ATOM 443  H HD2  . ARG A 1 26  ? -8.332  -15.885 -4.623  1.00 2.17  ? 26  ARG A HD2  1 
ATOM 444  H HD3  . ARG A 1 26  ? -6.779  -15.103 -4.264  1.00 2.25  ? 26  ARG A HD3  1 
ATOM 445  H HE   . ARG A 1 26  ? -7.255  -15.714 -1.826  1.00 2.70  ? 26  ARG A HE   1 
ATOM 446  H HH11 . ARG A 1 26  ? -9.771  -16.961 -3.578  1.00 3.71  ? 26  ARG A HH11 1 
ATOM 447  H HH12 . ARG A 1 26  ? -9.552  -18.609 -3.096  1.00 4.04  ? 26  ARG A HH12 1 
ATOM 448  H HH21 . ARG A 1 26  ? -6.488  -18.036 -1.578  1.00 2.96  ? 26  ARG A HH21 1 
ATOM 449  H HH22 . ARG A 1 26  ? -7.693  -19.219 -1.964  1.00 3.46  ? 26  ARG A HH22 1 
ATOM 450  N N    . PHE A 1 27  ? -6.467  -10.503 -1.517  1.00 0.95  ? 27  PHE A N    1 
ATOM 451  C CA   . PHE A 1 27  ? -5.668  -9.751  -0.499  1.00 1.06  ? 27  PHE A CA   1 
ATOM 452  C C    . PHE A 1 27  ? -5.617  -8.253  -0.831  1.00 0.98  ? 27  PHE A C    1 
ATOM 453  O O    . PHE A 1 27  ? -4.799  -7.519  -0.313  1.00 1.03  ? 27  PHE A O    1 
ATOM 454  C CB   . PHE A 1 27  ? -4.271  -10.369 -0.571  1.00 1.23  ? 27  PHE A CB   1 
ATOM 455  C CG   . PHE A 1 27  ? -4.335  -11.819 -0.149  1.00 1.37  ? 27  PHE A CG   1 
ATOM 456  C CD1  . PHE A 1 27  ? -4.277  -12.156 1.209   1.00 1.57  ? 27  PHE A CD1  1 
ATOM 457  C CD2  . PHE A 1 27  ? -4.449  -12.826 -1.115  1.00 1.58  ? 27  PHE A CD2  1 
ATOM 458  C CE1  . PHE A 1 27  ? -4.335  -13.499 1.601   1.00 1.89  ? 27  PHE A CE1  1 
ATOM 459  C CE2  . PHE A 1 27  ? -4.506  -14.170 -0.723  1.00 1.89  ? 27  PHE A CE2  1 
ATOM 460  C CZ   . PHE A 1 27  ? -4.449  -14.506 0.635   1.00 2.02  ? 27  PHE A CZ   1 
ATOM 461  H H    . PHE A 1 27  ? -6.165  -10.523 -2.449  1.00 0.91  ? 27  PHE A H    1 
ATOM 462  H HA   . PHE A 1 27  ? -6.081  -9.901  0.485   1.00 1.12  ? 27  PHE A HA   1 
ATOM 463  H HB2  . PHE A 1 27  ? -3.902  -10.306 -1.584  1.00 1.35  ? 27  PHE A HB2  1 
ATOM 464  H HB3  . PHE A 1 27  ? -3.604  -9.832  0.088   1.00 1.34  ? 27  PHE A HB3  1 
ATOM 465  H HD1  . PHE A 1 27  ? -4.191  -11.379 1.955   1.00 1.63  ? 27  PHE A HD1  1 
ATOM 466  H HD2  . PHE A 1 27  ? -4.494  -12.568 -2.162  1.00 1.67  ? 27  PHE A HD2  1 
ATOM 467  H HE1  . PHE A 1 27  ? -4.291  -13.759 2.649   1.00 2.17  ? 27  PHE A HE1  1 
ATOM 468  H HE2  . PHE A 1 27  ? -4.594  -14.946 -1.468  1.00 2.16  ? 27  PHE A HE2  1 
ATOM 469  H HZ   . PHE A 1 27  ? -4.492  -15.542 0.937   1.00 2.34  ? 27  PHE A HZ   1 
ATOM 470  N N    . ALA A 1 28  ? -6.466  -7.804  -1.712  1.00 0.87  ? 28  ALA A N    1 
ATOM 471  C CA   . ALA A 1 28  ? -6.446  -6.363  -2.101  1.00 0.83  ? 28  ALA A CA   1 
ATOM 472  C C    . ALA A 1 28  ? -7.040  -5.485  -0.998  1.00 0.80  ? 28  ALA A C    1 
ATOM 473  O O    . ALA A 1 28  ? -7.999  -5.846  -0.345  1.00 0.83  ? 28  ALA A O    1 
ATOM 474  C CB   . ALA A 1 28  ? -7.315  -6.280  -3.354  1.00 0.85  ? 28  ALA A CB   1 
ATOM 475  H H    . ALA A 1 28  ? -7.085  -8.430  -2.135  1.00 0.84  ? 28  ALA A H    1 
ATOM 476  H HA   . ALA A 1 28  ? -5.441  -6.050  -2.332  1.00 0.84  ? 28  ALA A HA   1 
ATOM 477  H HB1  . ALA A 1 28  ? -7.507  -5.244  -3.588  1.00 1.32  ? 28  ALA A HB1  1 
ATOM 478  H HB2  . ALA A 1 28  ? -8.252  -6.787  -3.174  1.00 1.47  ? 28  ALA A HB2  1 
ATOM 479  H HB3  . ALA A 1 28  ? -6.804  -6.749  -4.180  1.00 1.14  ? 28  ALA A HB3  1 
ATOM 480  N N    . VAL A 1 29  ? -6.482  -4.321  -0.810  1.00 0.78  ? 29  VAL A N    1 
ATOM 481  C CA   . VAL A 1 29  ? -7.010  -3.387  0.226   1.00 0.80  ? 29  VAL A CA   1 
ATOM 482  C C    . VAL A 1 29  ? -7.776  -2.255  -0.472  1.00 0.77  ? 29  VAL A C    1 
ATOM 483  O O    . VAL A 1 29  ? -7.188  -1.460  -1.177  1.00 0.77  ? 29  VAL A O    1 
ATOM 484  C CB   . VAL A 1 29  ? -5.775  -2.849  0.969   1.00 0.84  ? 29  VAL A CB   1 
ATOM 485  C CG1  . VAL A 1 29  ? -5.056  -4.006  1.666   1.00 1.76  ? 29  VAL A CG1  1 
ATOM 486  C CG2  . VAL A 1 29  ? -4.807  -2.169  -0.009  1.00 1.31  ? 29  VAL A CG2  1 
ATOM 487  H H    . VAL A 1 29  ? -5.724  -4.052  -1.369  1.00 0.79  ? 29  VAL A H    1 
ATOM 488  H HA   . VAL A 1 29  ? -7.653  -3.914  0.917   1.00 0.84  ? 29  VAL A HA   1 
ATOM 489  H HB   . VAL A 1 29  ? -6.095  -2.134  1.715   1.00 1.48  ? 29  VAL A HB   1 
ATOM 490  H HG11 . VAL A 1 29  ? -4.563  -4.623  0.930   1.00 2.38  ? 29  VAL A HG11 1 
ATOM 491  H HG12 . VAL A 1 29  ? -5.774  -4.601  2.210   1.00 2.18  ? 29  VAL A HG12 1 
ATOM 492  H HG13 . VAL A 1 29  ? -4.321  -3.611  2.354   1.00 2.25  ? 29  VAL A HG13 1 
ATOM 493  H HG21 . VAL A 1 29  ? -4.696  -1.128  0.260   1.00 1.84  ? 29  VAL A HG21 1 
ATOM 494  H HG22 . VAL A 1 29  ? -5.191  -2.241  -1.014  1.00 1.90  ? 29  VAL A HG22 1 
ATOM 495  H HG23 . VAL A 1 29  ? -3.843  -2.654  0.043   1.00 1.90  ? 29  VAL A HG23 1 
ATOM 496  N N    . PRO A 1 30  ? -9.072  -2.215  -0.272  1.00 0.79  ? 30  PRO A N    1 
ATOM 497  C CA   . PRO A 1 30  ? -9.892  -1.164  -0.919  1.00 0.81  ? 30  PRO A CA   1 
ATOM 498  C C    . PRO A 1 30  ? -9.506  0.203   -0.363  1.00 0.78  ? 30  PRO A C    1 
ATOM 499  O O    . PRO A 1 30  ? -9.388  0.382   0.833   1.00 0.81  ? 30  PRO A O    1 
ATOM 500  C CB   . PRO A 1 30  ? -11.326 -1.545  -0.551  1.00 0.88  ? 30  PRO A CB   1 
ATOM 501  C CG   . PRO A 1 30  ? -11.192 -2.365  0.690   1.00 0.90  ? 30  PRO A CG   1 
ATOM 502  C CD   . PRO A 1 30  ? -9.885  -3.105  0.567   1.00 0.86  ? 30  PRO A CD   1 
ATOM 503  H HA   . PRO A 1 30  ? -9.766  -1.189  -1.989  1.00 0.82  ? 30  PRO A HA   1 
ATOM 504  H HB2  . PRO A 1 30  ? -11.913 -0.656  -0.359  1.00 0.91  ? 30  PRO A HB2  1 
ATOM 505  H HB3  . PRO A 1 30  ? -11.775 -2.133  -1.336  1.00 0.93  ? 30  PRO A HB3  1 
ATOM 506  H HG2  . PRO A 1 30  ? -11.178 -1.720  1.559   1.00 0.90  ? 30  PRO A HG2  1 
ATOM 507  H HG3  . PRO A 1 30  ? -12.006 -3.070  0.762   1.00 0.98  ? 30  PRO A HG3  1 
ATOM 508  H HD2  . PRO A 1 30  ? -9.432  -3.238  1.540   1.00 0.87  ? 30  PRO A HD2  1 
ATOM 509  H HD3  . PRO A 1 30  ? -10.027 -4.055  0.076   1.00 0.89  ? 30  PRO A HD3  1 
ATOM 510  N N    . ASN A 1 31  ? -9.265  1.160   -1.230  1.00 0.76  ? 31  ASN A N    1 
ATOM 511  C CA   . ASN A 1 31  ? -8.838  2.528   -0.780  1.00 0.78  ? 31  ASN A CA   1 
ATOM 512  C C    . ASN A 1 31  ? -7.389  2.463   -0.283  1.00 0.77  ? 31  ASN A C    1 
ATOM 513  O O    . ASN A 1 31  ? -7.099  1.881   0.744   1.00 0.78  ? 31  ASN A O    1 
ATOM 514  C CB   . ASN A 1 31  ? -9.786  2.942   0.356   1.00 0.81  ? 31  ASN A CB   1 
ATOM 515  C CG   . ASN A 1 31  ? -9.807  4.467   0.483   1.00 1.36  ? 31  ASN A CG   1 
ATOM 516  O OD1  . ASN A 1 31  ? -9.222  5.164   -0.321  1.00 2.14  ? 31  ASN A OD1  1 
ATOM 517  N ND2  . ASN A 1 31  ? -10.460 5.015   1.471   1.00 1.89  ? 31  ASN A ND2  1 
ATOM 518  H H    . ASN A 1 31  ? -9.324  0.966   -2.189  1.00 0.75  ? 31  ASN A H    1 
ATOM 519  H HA   . ASN A 1 31  ? -8.918  3.227   -1.598  1.00 0.82  ? 31  ASN A HA   1 
ATOM 520  H HB2  . ASN A 1 31  ? -10.782 2.583   0.143   1.00 1.23  ? 31  ASN A HB2  1 
ATOM 521  H HB3  . ASN A 1 31  ? -9.440  2.512   1.285   1.00 1.09  ? 31  ASN A HB3  1 
ATOM 522  H HD21 . ASN A 1 31  ? -10.931 4.451   2.120   1.00 2.15  ? 31  ASN A HD21 1 
ATOM 523  H HD22 . ASN A 1 31  ? -10.481 5.991   1.564   1.00 2.46  ? 31  ASN A HD22 1 
ATOM 524  N N    . VAL A 1 32  ? -6.477  3.049   -1.010  1.00 1.11  ? 32  VAL A N    1 
ATOM 525  C CA   . VAL A 1 32  ? -5.040  3.021   -0.596  1.00 1.22  ? 32  VAL A CA   1 
ATOM 526  C C    . VAL A 1 32  ? -4.859  3.741   0.738   1.00 0.88  ? 32  VAL A C    1 
ATOM 527  O O    . VAL A 1 32  ? -5.532  4.710   1.025   1.00 1.22  ? 32  VAL A O    1 
ATOM 528  C CB   . VAL A 1 32  ? -4.299  3.741   -1.716  1.00 1.81  ? 32  VAL A CB   1 
ATOM 529  C CG1  . VAL A 1 32  ? -4.579  3.021   -3.036  1.00 2.63  ? 32  VAL A CG1  1 
ATOM 530  C CG2  . VAL A 1 32  ? -4.791  5.188   -1.804  1.00 2.80  ? 32  VAL A CG2  1 
ATOM 531  H H    . VAL A 1 32  ? -6.725  3.512   -1.835  1.00 1.43  ? 32  VAL A H    1 
ATOM 532  H HA   . VAL A 1 32  ? -4.692  2.002   -0.523  1.00 1.35  ? 32  VAL A HA   1 
ATOM 533  H HB   . VAL A 1 32  ? -3.237  3.728   -1.515  1.00 1.72  ? 32  VAL A HB   1 
ATOM 534  H HG11 . VAL A 1 32  ? -3.916  3.390   -3.797  1.00 2.98  ? 32  VAL A HG11 1 
ATOM 535  H HG12 . VAL A 1 32  ? -5.600  3.196   -3.336  1.00 3.11  ? 32  VAL A HG12 1 
ATOM 536  H HG13 . VAL A 1 32  ? -4.419  1.959   -2.906  1.00 3.11  ? 32  VAL A HG13 1 
ATOM 537  H HG21 . VAL A 1 32  ? -4.646  5.559   -2.808  1.00 3.46  ? 32  VAL A HG21 1 
ATOM 538  H HG22 . VAL A 1 32  ? -4.233  5.800   -1.109  1.00 3.13  ? 32  VAL A HG22 1 
ATOM 539  H HG23 . VAL A 1 32  ? -5.841  5.226   -1.554  1.00 3.13  ? 32  VAL A HG23 1 
ATOM 540  N N    . LYS A 1 33  ? -3.972  3.265   1.569   1.00 0.75  ? 33  LYS A N    1 
ATOM 541  C CA   . LYS A 1 33  ? -3.780  3.918   2.893   1.00 0.60  ? 33  LYS A CA   1 
ATOM 542  C C    . LYS A 1 33  ? -2.305  4.275   3.136   1.00 0.58  ? 33  LYS A C    1 
ATOM 543  O O    . LYS A 1 33  ? -1.461  3.423   3.270   1.00 0.55  ? 33  LYS A O    1 
ATOM 544  C CB   . LYS A 1 33  ? -4.261  2.847   3.884   1.00 0.89  ? 33  LYS A CB   1 
ATOM 545  C CG   . LYS A 1 33  ? -4.249  3.389   5.316   1.00 0.81  ? 33  LYS A CG   1 
ATOM 546  C CD   . LYS A 1 33  ? -4.710  2.285   6.286   1.00 0.77  ? 33  LYS A CD   1 
ATOM 547  C CE   . LYS A 1 33  ? -6.241  2.249   6.322   1.00 1.40  ? 33  LYS A CE   1 
ATOM 548  N NZ   . LYS A 1 33  ? -6.575  0.951   6.968   1.00 1.87  ? 33  LYS A NZ   1 
ATOM 549  H H    . LYS A 1 33  ? -3.442  2.474   1.335   1.00 1.17  ? 33  LYS A H    1 
ATOM 550  H HA   . LYS A 1 33  ? -4.398  4.795   2.969   1.00 0.74  ? 33  LYS A HA   1 
ATOM 551  H HB2  . LYS A 1 33  ? -5.264  2.548   3.625   1.00 1.64  ? 33  LYS A HB2  1 
ATOM 552  H HB3  . LYS A 1 33  ? -3.606  1.990   3.824   1.00 1.52  ? 33  LYS A HB3  1 
ATOM 553  H HG2  . LYS A 1 33  ? -3.250  3.704   5.574   1.00 1.38  ? 33  LYS A HG2  1 
ATOM 554  H HG3  . LYS A 1 33  ? -4.922  4.231   5.387   1.00 1.51  ? 33  LYS A HG3  1 
ATOM 555  H HD2  . LYS A 1 33  ? -4.335  1.324   5.954   1.00 1.00  ? 33  LYS A HD2  1 
ATOM 556  H HD3  . LYS A 1 33  ? -4.336  2.492   7.276   1.00 1.03  ? 33  LYS A HD3  1 
ATOM 557  H HE2  . LYS A 1 33  ? -6.623  3.074   6.909   1.00 1.96  ? 33  LYS A HE2  1 
ATOM 558  H HE3  . LYS A 1 33  ? -6.643  2.279   5.321   1.00 1.99  ? 33  LYS A HE3  1 
ATOM 559  H HZ1  . LYS A 1 33  ? -7.603  0.884   7.105   1.00 2.25  ? 33  LYS A HZ1  1 
ATOM 560  H HZ2  . LYS A 1 33  ? -6.095  0.889   7.890   1.00 2.34  ? 33  LYS A HZ2  1 
ATOM 561  H HZ3  . LYS A 1 33  ? -6.259  0.173   6.359   1.00 2.31  ? 33  LYS A HZ3  1 
ATOM 562  N N    . LEU A 1 34  ? -1.987  5.539   3.196   1.00 0.62  ? 34  LEU A N    1 
ATOM 563  C CA   . LEU A 1 34  ? -0.556  5.909   3.432   1.00 0.62  ? 34  LEU A CA   1 
ATOM 564  C C    . LEU A 1 34  ? -0.066  5.203   4.694   1.00 0.57  ? 34  LEU A C    1 
ATOM 565  O O    . LEU A 1 34  ? 1.033   4.689   4.750   1.00 0.55  ? 34  LEU A O    1 
ATOM 566  C CB   . LEU A 1 34  ? -0.514  7.420   3.643   1.00 0.72  ? 34  LEU A CB   1 
ATOM 567  C CG   . LEU A 1 34  ? 0.937   7.833   3.921   1.00 0.76  ? 34  LEU A CG   1 
ATOM 568  C CD1  . LEU A 1 34  ? 1.694   7.959   2.598   1.00 0.82  ? 34  LEU A CD1  1 
ATOM 569  C CD2  . LEU A 1 34  ? 0.953   9.178   4.648   1.00 0.88  ? 34  LEU A CD2  1 
ATOM 570  H H    . LEU A 1 34  ? -2.693  6.205   3.064   1.00 0.66  ? 34  LEU A H    1 
ATOM 571  H HA   . LEU A 1 34  ? 0.052   5.633   2.585   1.00 0.64  ? 34  LEU A HA   1 
ATOM 572  H HB2  . LEU A 1 34  ? -0.874  7.920   2.754   1.00 0.77  ? 34  LEU A HB2  1 
ATOM 573  H HB3  . LEU A 1 34  ? -1.132  7.686   4.486   1.00 0.73  ? 34  LEU A HB3  1 
ATOM 574  H HG   . LEU A 1 34  ? 1.419   7.079   4.540   1.00 0.70  ? 34  LEU A HG   1 
ATOM 575  H HD11 . LEU A 1 34  ? 2.636   8.459   2.768   1.00 1.35  ? 34  LEU A HD11 1 
ATOM 576  H HD12 . LEU A 1 34  ? 1.104   8.531   1.897   1.00 1.32  ? 34  LEU A HD12 1 
ATOM 577  H HD13 . LEU A 1 34  ? 1.878   6.974   2.193   1.00 1.29  ? 34  LEU A HD13 1 
ATOM 578  H HD21 . LEU A 1 34  ? -0.014  9.357   5.095   1.00 1.26  ? 34  LEU A HD21 1 
ATOM 579  H HD22 . LEU A 1 34  ? 1.177   9.966   3.944   1.00 1.30  ? 34  LEU A HD22 1 
ATOM 580  H HD23 . LEU A 1 34  ? 1.708   9.159   5.420   1.00 1.51  ? 34  LEU A HD23 1 
ATOM 581  N N    . HIS A 1 35  ? -0.887  5.167   5.702   1.00 0.57  ? 35  HIS A N    1 
ATOM 582  C CA   . HIS A 1 35  ? -0.489  4.486   6.957   1.00 0.57  ? 35  HIS A CA   1 
ATOM 583  C C    . HIS A 1 35  ? -0.122  3.029   6.668   1.00 0.52  ? 35  HIS A C    1 
ATOM 584  O O    . HIS A 1 35  ? 0.787   2.492   7.247   1.00 0.52  ? 35  HIS A O    1 
ATOM 585  C CB   . HIS A 1 35  ? -1.730  4.544   7.849   1.00 0.60  ? 35  HIS A CB   1 
ATOM 586  C CG   . HIS A 1 35  ? -2.108  5.979   8.092   1.00 0.99  ? 35  HIS A CG   1 
ATOM 587  N ND1  . HIS A 1 35  ? -3.003  6.655   7.276   1.00 1.79  ? 35  HIS A ND1  1 
ATOM 588  C CD2  . HIS A 1 35  ? -1.722  6.882   9.052   1.00 1.70  ? 35  HIS A CD2  1 
ATOM 589  C CE1  . HIS A 1 35  ? -3.122  7.907   7.755   1.00 2.16  ? 35  HIS A CE1  1 
ATOM 590  N NE2  . HIS A 1 35  ? -2.362  8.098   8.836   1.00 2.09  ? 35  HIS A NE2  1 
ATOM 591  H H    . HIS A 1 35  ? -1.769  5.585   5.631   1.00 0.59  ? 35  HIS A H    1 
ATOM 592  H HA   . HIS A 1 35  ? 0.332   5.000   7.430   1.00 0.61  ? 35  HIS A HA   1 
ATOM 593  H HB2  . HIS A 1 35  ? -2.547  4.032   7.361   1.00 0.84  ? 35  HIS A HB2  1 
ATOM 594  H HB3  . HIS A 1 35  ? -1.518  4.063   8.793   1.00 0.87  ? 35  HIS A HB3  1 
ATOM 595  H HD1  . HIS A 1 35  ? -3.466  6.287   6.494   1.00 2.40  ? 35  HIS A HD1  1 
ATOM 596  H HD2  . HIS A 1 35  ? -1.026  6.678   9.854   1.00 2.37  ? 35  HIS A HD2  1 
ATOM 597  H HE1  . HIS A 1 35  ? -3.754  8.665   7.316   1.00 2.87  ? 35  HIS A HE1  1 
ATOM 598  N N    . GLU A 1 36  ? -0.817  2.397   5.762   1.00 0.51  ? 36  GLU A N    1 
ATOM 599  C CA   . GLU A 1 36  ? -0.469  0.979   5.445   1.00 0.51  ? 36  GLU A CA   1 
ATOM 600  C C    . GLU A 1 36  ? 0.784   0.887   4.561   1.00 0.52  ? 36  GLU A C    1 
ATOM 601  O O    . GLU A 1 36  ? 1.670   0.093   4.808   1.00 0.53  ? 36  GLU A O    1 
ATOM 602  C CB   . GLU A 1 36  ? -1.723  0.348   4.795   1.00 0.58  ? 36  GLU A CB   1 
ATOM 603  C CG   . GLU A 1 36  ? -1.702  0.456   3.262   1.00 1.22  ? 36  GLU A CG   1 
ATOM 604  C CD   . GLU A 1 36  ? -2.980  -0.156  2.680   1.00 1.45  ? 36  GLU A CD   1 
ATOM 605  O OE1  . GLU A 1 36  ? -3.754  -0.710  3.444   1.00 1.89  ? 36  GLU A OE1  1 
ATOM 606  O OE2  . GLU A 1 36  ? -3.162  -0.060  1.477   1.00 1.94  ? 36  GLU A OE2  1 
ATOM 607  H H    . GLU A 1 36  ? -1.514  2.887   5.280   1.00 0.52  ? 36  GLU A H    1 
ATOM 608  H HA   . GLU A 1 36  ? -0.262  0.466   6.363   1.00 0.52  ? 36  GLU A HA   1 
ATOM 609  H HB2  . GLU A 1 36  ? -1.770  -0.696  5.072   1.00 0.93  ? 36  GLU A HB2  1 
ATOM 610  H HB3  . GLU A 1 36  ? -2.602  0.850   5.173   1.00 1.03  ? 36  GLU A HB3  1 
ATOM 611  H HG2  . GLU A 1 36  ? -1.645  1.483   2.974   1.00 1.67  ? 36  GLU A HG2  1 
ATOM 612  H HG3  . GLU A 1 36  ? -0.844  -0.068  2.875   1.00 1.61  ? 36  GLU A HG3  1 
ATOM 613  N N    . LEU A 1 37  ? 0.845   1.650   3.507   1.00 0.56  ? 37  LEU A N    1 
ATOM 614  C CA   . LEU A 1 37  ? 2.019   1.541   2.595   1.00 0.64  ? 37  LEU A CA   1 
ATOM 615  C C    . LEU A 1 37  ? 3.331   1.909   3.278   1.00 0.63  ? 37  LEU A C    1 
ATOM 616  O O    . LEU A 1 37  ? 4.262   1.133   3.276   1.00 0.67  ? 37  LEU A O    1 
ATOM 617  C CB   . LEU A 1 37  ? 1.740   2.523   1.457   1.00 0.74  ? 37  LEU A CB   1 
ATOM 618  C CG   . LEU A 1 37  ? 0.825   1.872   0.421   1.00 0.96  ? 37  LEU A CG   1 
ATOM 619  C CD1  . LEU A 1 37  ? 0.325   2.940   -0.552  1.00 1.41  ? 37  LEU A CD1  1 
ATOM 620  C CD2  . LEU A 1 37  ? 1.611   0.810   -0.354  1.00 1.75  ? 37  LEU A CD2  1 
ATOM 621  H H    . LEU A 1 37  ? 0.098   2.237   3.287   1.00 0.58  ? 37  LEU A H    1 
ATOM 622  H HA   . LEU A 1 37  ? 2.079   0.543   2.197   1.00 0.69  ? 37  LEU A HA   1 
ATOM 623  H HB2  . LEU A 1 37  ? 1.260   3.406   1.855   1.00 1.09  ? 37  LEU A HB2  1 
ATOM 624  H HB3  . LEU A 1 37  ? 2.670   2.802   0.989   1.00 1.31  ? 37  LEU A HB3  1 
ATOM 625  H HG   . LEU A 1 37  ? -0.017  1.411   0.918   1.00 1.69  ? 37  LEU A HG   1 
ATOM 626  H HD11 . LEU A 1 37  ? -0.382  3.582   -0.050  1.00 1.84  ? 37  LEU A HD11 1 
ATOM 627  H HD12 . LEU A 1 37  ? -0.154  2.463   -1.395  1.00 2.00  ? 37  LEU A HD12 1 
ATOM 628  H HD13 . LEU A 1 37  ? 1.163   3.528   -0.899  1.00 1.92  ? 37  LEU A HD13 1 
ATOM 629  H HD21 . LEU A 1 37  ? 2.149   1.282   -1.162  1.00 2.28  ? 37  LEU A HD21 1 
ATOM 630  H HD22 . LEU A 1 37  ? 0.928   0.078   -0.756  1.00 2.08  ? 37  LEU A HD22 1 
ATOM 631  H HD23 . LEU A 1 37  ? 2.312   0.324   0.307   1.00 2.36  ? 37  LEU A HD23 1 
ATOM 632  N N    . VAL A 1 38  ? 3.433   3.069   3.862   1.00 0.61  ? 38  VAL A N    1 
ATOM 633  C CA   . VAL A 1 38  ? 4.725   3.433   4.507   1.00 0.64  ? 38  VAL A CA   1 
ATOM 634  C C    . VAL A 1 38  ? 4.965   2.566   5.746   1.00 0.58  ? 38  VAL A C    1 
ATOM 635  O O    . VAL A 1 38  ? 6.013   1.970   5.903   1.00 0.62  ? 38  VAL A O    1 
ATOM 636  C CB   . VAL A 1 38  ? 4.565   4.910   4.868   1.00 0.69  ? 38  VAL A CB   1 
ATOM 637  C CG1  . VAL A 1 38  ? 5.825   5.401   5.579   1.00 1.26  ? 38  VAL A CG1  1 
ATOM 638  C CG2  . VAL A 1 38  ? 4.350   5.723   3.582   1.00 1.32  ? 38  VAL A CG2  1 
ATOM 639  H H    . VAL A 1 38  ? 2.681   3.697   3.862   1.00 0.60  ? 38  VAL A H    1 
ATOM 640  H HA   . VAL A 1 38  ? 5.537   3.314   3.807   1.00 0.71  ? 38  VAL A HA   1 
ATOM 641  H HB   . VAL A 1 38  ? 3.711   5.030   5.520   1.00 1.27  ? 38  VAL A HB   1 
ATOM 642  H HG11 . VAL A 1 38  ? 6.082   4.713   6.370   1.00 1.88  ? 38  VAL A HG11 1 
ATOM 643  H HG12 . VAL A 1 38  ? 5.644   6.379   5.997   1.00 1.81  ? 38  VAL A HG12 1 
ATOM 644  H HG13 . VAL A 1 38  ? 6.639   5.457   4.870   1.00 1.77  ? 38  VAL A HG13 1 
ATOM 645  H HG21 . VAL A 1 38  ? 4.783   6.706   3.698   1.00 1.76  ? 38  VAL A HG21 1 
ATOM 646  H HG22 . VAL A 1 38  ? 3.292   5.819   3.386   1.00 1.92  ? 38  VAL A HG22 1 
ATOM 647  H HG23 . VAL A 1 38  ? 4.823   5.218   2.751   1.00 1.88  ? 38  VAL A HG23 1 
ATOM 648  N N    . GLU A 1 39  ? 4.014   2.500   6.632   1.00 0.52  ? 39  GLU A N    1 
ATOM 649  C CA   . GLU A 1 39  ? 4.204   1.678   7.877   1.00 0.51  ? 39  GLU A CA   1 
ATOM 650  C C    . GLU A 1 39  ? 4.616   0.235   7.544   1.00 0.49  ? 39  GLU A C    1 
ATOM 651  O O    . GLU A 1 39  ? 5.283   -0.421  8.320   1.00 0.51  ? 39  GLU A O    1 
ATOM 652  C CB   . GLU A 1 39  ? 2.865   1.691   8.610   1.00 0.50  ? 39  GLU A CB   1 
ATOM 653  C CG   . GLU A 1 39  ? 3.048   1.114   10.017  1.00 1.06  ? 39  GLU A CG   1 
ATOM 654  C CD   . GLU A 1 39  ? 1.694   1.037   10.731  1.00 1.76  ? 39  GLU A CD   1 
ATOM 655  O OE1  . GLU A 1 39  ? 0.702   1.417   10.131  1.00 2.44  ? 39  GLU A OE1  1 
ATOM 656  O OE2  . GLU A 1 39  ? 1.674   0.595   11.869  1.00 2.26  ? 39  GLU A OE2  1 
ATOM 657  H H    . GLU A 1 39  ? 3.186   3.035   6.508   1.00 0.51  ? 39  GLU A H    1 
ATOM 658  H HA   . GLU A 1 39  ? 4.955   2.132   8.503   1.00 0.55  ? 39  GLU A HA   1 
ATOM 659  H HB2  . GLU A 1 39  ? 2.500   2.705   8.677   1.00 0.97  ? 39  GLU A HB2  1 
ATOM 660  H HB3  . GLU A 1 39  ? 2.155   1.087   8.070   1.00 0.86  ? 39  GLU A HB3  1 
ATOM 661  H HG2  . GLU A 1 39  ? 3.474   0.123   9.946   1.00 1.45  ? 39  GLU A HG2  1 
ATOM 662  H HG3  . GLU A 1 39  ? 3.713   1.750   10.581  1.00 1.46  ? 39  GLU A HG3  1 
ATOM 663  N N    . ALA A 1 40  ? 4.237   -0.261  6.401   1.00 0.46  ? 40  ALA A N    1 
ATOM 664  C CA   . ALA A 1 40  ? 4.626   -1.658  6.037   1.00 0.48  ? 40  ALA A CA   1 
ATOM 665  C C    . ALA A 1 40  ? 6.147   -1.745  5.846   1.00 0.50  ? 40  ALA A C    1 
ATOM 666  O O    . ALA A 1 40  ? 6.810   -2.592  6.410   1.00 0.53  ? 40  ALA A O    1 
ATOM 667  C CB   . ALA A 1 40  ? 3.895   -1.942  4.726   1.00 0.49  ? 40  ALA A CB   1 
ATOM 668  H H    . ALA A 1 40  ? 3.747   0.310   5.772   1.00 0.45  ? 40  ALA A H    1 
ATOM 669  H HA   . ALA A 1 40  ? 4.303   -2.350  6.799   1.00 0.50  ? 40  ALA A HA   1 
ATOM 670  H HB1  . ALA A 1 40  ? 2.833   -1.796  4.868   1.00 1.11  ? 40  ALA A HB1  1 
ATOM 671  H HB2  . ALA A 1 40  ? 4.081   -2.961  4.422   1.00 1.19  ? 40  ALA A HB2  1 
ATOM 672  H HB3  . ALA A 1 40  ? 4.251   -1.266  3.962   1.00 1.07  ? 40  ALA A HB3  1 
ATOM 673  N N    . SER A 1 41  ? 6.694   -0.871  5.051   1.00 0.52  ? 41  SER A N    1 
ATOM 674  C CA   . SER A 1 41  ? 8.169   -0.890  4.810   1.00 0.57  ? 41  SER A CA   1 
ATOM 675  C C    . SER A 1 41  ? 8.928   -0.657  6.123   1.00 0.62  ? 41  SER A C    1 
ATOM 676  O O    . SER A 1 41  ? 9.987   -1.207  6.348   1.00 0.68  ? 41  SER A O    1 
ATOM 677  C CB   . SER A 1 41  ? 8.423   0.253   3.815   1.00 0.64  ? 41  SER A CB   1 
ATOM 678  O OG   . SER A 1 41  ? 9.494   1.074   4.270   1.00 1.37  ? 41  SER A OG   1 
ATOM 679  H H    . SER A 1 41  ? 6.124   -0.214  4.604   1.00 0.51  ? 41  SER A H    1 
ATOM 680  H HA   . SER A 1 41  ? 8.464   -1.829  4.369   1.00 0.58  ? 41  SER A HA   1 
ATOM 681  H HB2  . SER A 1 41  ? 8.685   -0.159  2.857   1.00 1.09  ? 41  SER A HB2  1 
ATOM 682  H HB3  . SER A 1 41  ? 7.522   0.846   3.714   1.00 1.11  ? 41  SER A HB3  1 
ATOM 683  H HG   . SER A 1 41  ? 9.297   1.981   4.028   1.00 1.77  ? 41  SER A HG   1 
ATOM 684  N N    . LYS A 1 42  ? 8.392   0.159   6.986   1.00 0.66  ? 42  LYS A N    1 
ATOM 685  C CA   . LYS A 1 42  ? 9.076   0.442   8.279   1.00 0.77  ? 42  LYS A CA   1 
ATOM 686  C C    . LYS A 1 42  ? 9.274   -0.853  9.064   1.00 0.79  ? 42  LYS A C    1 
ATOM 687  O O    . LYS A 1 42  ? 10.252  -1.032  9.763   1.00 0.89  ? 42  LYS A O    1 
ATOM 688  C CB   . LYS A 1 42  ? 8.129   1.381   9.023   1.00 0.82  ? 42  LYS A CB   1 
ATOM 689  C CG   . LYS A 1 42  ? 8.780   1.832   10.329  1.00 1.57  ? 42  LYS A CG   1 
ATOM 690  C CD   . LYS A 1 42  ? 7.798   2.702   11.112  1.00 1.99  ? 42  LYS A CD   1 
ATOM 691  C CE   . LYS A 1 42  ? 8.500   3.282   12.339  1.00 2.75  ? 42  LYS A CE   1 
ATOM 692  N NZ   . LYS A 1 42  ? 8.316   4.754   12.225  1.00 3.01  ? 42  LYS A NZ   1 
ATOM 693  H H    . LYS A 1 42  ? 7.538   0.588   6.781   1.00 0.64  ? 42  LYS A H    1 
ATOM 694  H HA   . LYS A 1 42  ? 10.022  0.930   8.109   1.00 0.84  ? 42  LYS A HA   1 
ATOM 695  H HB2  . LYS A 1 42  ? 7.921   2.245   8.407   1.00 1.20  ? 42  LYS A HB2  1 
ATOM 696  H HB3  . LYS A 1 42  ? 7.207   0.864   9.242   1.00 1.13  ? 42  LYS A HB3  1 
ATOM 697  H HG2  . LYS A 1 42  ? 9.044   0.964   10.919  1.00 2.14  ? 42  LYS A HG2  1 
ATOM 698  H HG3  . LYS A 1 42  ? 9.670   2.404   10.111  1.00 2.20  ? 42  LYS A HG3  1 
ATOM 699  H HD2  . LYS A 1 42  ? 7.448   3.507   10.481  1.00 2.30  ? 42  LYS A HD2  1 
ATOM 700  H HD3  . LYS A 1 42  ? 6.958   2.102   11.430  1.00 2.35  ? 42  LYS A HD3  1 
ATOM 701  H HE2  . LYS A 1 42  ? 8.040   2.910   13.245  1.00 3.23  ? 42  LYS A HE2  1 
ATOM 702  H HE3  . LYS A 1 42  ? 9.551   3.038   12.322  1.00 3.18  ? 42  LYS A HE3  1 
ATOM 703  H HZ1  . LYS A 1 42  ? 8.917   5.235   12.924  1.00 3.33  ? 42  LYS A HZ1  1 
ATOM 704  H HZ2  . LYS A 1 42  ? 7.318   4.992   12.401  1.00 3.06  ? 42  LYS A HZ2  1 
ATOM 705  H HZ3  . LYS A 1 42  ? 8.584   5.065   11.269  1.00 3.36  ? 42  LYS A HZ3  1 
ATOM 706  N N    . GLU A 1 43  ? 8.342   -1.751  8.956   1.00 0.73  ? 43  GLU A N    1 
ATOM 707  C CA   . GLU A 1 43  ? 8.448   -3.041  9.691   1.00 0.82  ? 43  GLU A CA   1 
ATOM 708  C C    . GLU A 1 43  ? 9.704   -3.814  9.271   1.00 0.89  ? 43  GLU A C    1 
ATOM 709  O O    . GLU A 1 43  ? 10.316  -4.495  10.070  1.00 1.02  ? 43  GLU A O    1 
ATOM 710  C CB   . GLU A 1 43  ? 7.191   -3.805  9.286   1.00 0.85  ? 43  GLU A CB   1 
ATOM 711  C CG   . GLU A 1 43  ? 5.962   -3.134  9.904   1.00 0.97  ? 43  GLU A CG   1 
ATOM 712  C CD   . GLU A 1 43  ? 6.067   -3.175  11.431  1.00 1.70  ? 43  GLU A CD   1 
ATOM 713  O OE1  . GLU A 1 43  ? 6.855   -3.961  11.932  1.00 2.27  ? 43  GLU A OE1  1 
ATOM 714  O OE2  . GLU A 1 43  ? 5.354   -2.421  12.073  1.00 2.24  ? 43  GLU A OE2  1 
ATOM 715  H H    . GLU A 1 43  ? 7.561   -1.576  8.390   1.00 0.66  ? 43  GLU A H    1 
ATOM 716  H HA   . GLU A 1 43  ? 8.447   -2.870  10.755  1.00 0.89  ? 43  GLU A HA   1 
ATOM 717  H HB2  . GLU A 1 43  ? 7.100   -3.791  8.209   1.00 1.41  ? 43  GLU A HB2  1 
ATOM 718  H HB3  . GLU A 1 43  ? 7.258   -4.824  9.634   1.00 1.51  ? 43  GLU A HB3  1 
ATOM 719  H HG2  . GLU A 1 43  ? 5.910   -2.106  9.574   1.00 1.21  ? 43  GLU A HG2  1 
ATOM 720  H HG3  . GLU A 1 43  ? 5.071   -3.657  9.592   1.00 1.40  ? 43  GLU A HG3  1 
ATOM 721  N N    . LEU A 1 44  ? 10.100  -3.714  8.032   1.00 0.83  ? 44  LEU A N    1 
ATOM 722  C CA   . LEU A 1 44  ? 11.321  -4.446  7.580   1.00 0.93  ? 44  LEU A CA   1 
ATOM 723  C C    . LEU A 1 44  ? 12.510  -3.485  7.410   1.00 0.95  ? 44  LEU A C    1 
ATOM 724  O O    . LEU A 1 44  ? 13.622  -3.902  7.152   1.00 1.04  ? 44  LEU A O    1 
ATOM 725  C CB   . LEU A 1 44  ? 10.925  -5.070  6.242   1.00 0.90  ? 44  LEU A CB   1 
ATOM 726  C CG   . LEU A 1 44  ? 10.817  -6.586  6.405   1.00 1.31  ? 44  LEU A CG   1 
ATOM 727  C CD1  . LEU A 1 44  ? 9.629   -7.110  5.594   1.00 1.97  ? 44  LEU A CD1  1 
ATOM 728  C CD2  . LEU A 1 44  ? 12.106  -7.239  5.903   1.00 1.95  ? 44  LEU A CD2  1 
ATOM 729  H H    . LEU A 1 44  ? 9.609   -3.147  7.400   1.00 0.75  ? 44  LEU A H    1 
ATOM 730  H HA   . LEU A 1 44  ? 11.570  -5.224  8.284   1.00 1.06  ? 44  LEU A HA   1 
ATOM 731  H HB2  . LEU A 1 44  ? 9.972   -4.671  5.925   1.00 1.09  ? 44  LEU A HB2  1 
ATOM 732  H HB3  . LEU A 1 44  ? 11.676  -4.842  5.500   1.00 1.16  ? 44  LEU A HB3  1 
ATOM 733  H HG   . LEU A 1 44  ? 10.673  -6.826  7.450   1.00 1.93  ? 44  LEU A HG   1 
ATOM 734  H HD11 . LEU A 1 44  ? 8.818   -6.399  5.645   1.00 2.44  ? 44  LEU A HD11 1 
ATOM 735  H HD12 . LEU A 1 44  ? 9.304   -8.056  6.003   1.00 2.39  ? 44  LEU A HD12 1 
ATOM 736  H HD13 . LEU A 1 44  ? 9.926   -7.245  4.566   1.00 2.50  ? 44  LEU A HD13 1 
ATOM 737  H HD21 . LEU A 1 44  ? 11.905  -7.776  4.987   1.00 2.48  ? 44  LEU A HD21 1 
ATOM 738  H HD22 . LEU A 1 44  ? 12.478  -7.924  6.650   1.00 2.34  ? 44  LEU A HD22 1 
ATOM 739  H HD23 . LEU A 1 44  ? 12.846  -6.474  5.716   1.00 2.41  ? 44  LEU A HD23 1 
ATOM 740  N N    . GLY A 1 45  ? 12.287  -2.204  7.564   1.00 0.92  ? 45  GLY A N    1 
ATOM 741  C CA   . GLY A 1 45  ? 13.391  -1.199  7.433   1.00 1.02  ? 45  GLY A CA   1 
ATOM 742  C C    . GLY A 1 45  ? 13.938  -1.115  5.993   1.00 0.92  ? 45  GLY A C    1 
ATOM 743  O O    . GLY A 1 45  ? 14.785  -0.293  5.709   1.00 1.01  ? 45  GLY A O    1 
ATOM 744  H H    . GLY A 1 45  ? 11.391  -1.889  7.802   1.00 0.88  ? 45  GLY A H    1 
ATOM 745  H HA2  . GLY A 1 45  ? 13.015  -0.228  7.720   1.00 1.07  ? 45  GLY A HA2  1 
ATOM 746  H HA3  . GLY A 1 45  ? 14.196  -1.473  8.098   1.00 1.15  ? 45  GLY A HA3  1 
ATOM 747  N N    . LEU A 1 46  ? 13.473  -1.938  5.085   1.00 0.84  ? 46  LEU A N    1 
ATOM 748  C CA   . LEU A 1 46  ? 13.987  -1.878  3.681   1.00 0.82  ? 46  LEU A CA   1 
ATOM 749  C C    . LEU A 1 46  ? 13.316  -2.945  2.820   1.00 0.89  ? 46  LEU A C    1 
ATOM 750  O O    . LEU A 1 46  ? 13.739  -4.085  2.796   1.00 1.65  ? 46  LEU A O    1 
ATOM 751  C CB   . LEU A 1 46  ? 15.487  -2.183  3.762   1.00 0.86  ? 46  LEU A CB   1 
ATOM 752  C CG   . LEU A 1 46  ? 16.091  -2.086  2.359   1.00 1.10  ? 46  LEU A CG   1 
ATOM 753  C CD1  . LEU A 1 46  ? 16.547  -0.651  2.098   1.00 1.69  ? 46  LEU A CD1  1 
ATOM 754  C CD2  . LEU A 1 46  ? 17.286  -3.035  2.244   1.00 1.70  ? 46  LEU A CD2  1 
ATOM 755  H H    . LEU A 1 46  ? 12.801  -2.599  5.328   1.00 0.85  ? 46  LEU A H    1 
ATOM 756  H HA   . LEU A 1 46  ? 13.832  -0.898  3.261   1.00 0.83  ? 46  LEU A HA   1 
ATOM 757  H HB2  . LEU A 1 46  ? 15.972  -1.471  4.412   1.00 1.01  ? 46  LEU A HB2  1 
ATOM 758  H HB3  . LEU A 1 46  ? 15.632  -3.180  4.147   1.00 0.96  ? 46  LEU A HB3  1 
ATOM 759  H HG   . LEU A 1 46  ? 15.343  -2.359  1.629   1.00 1.68  ? 46  LEU A HG   1 
ATOM 760  H HD11 . LEU A 1 46  ? 17.550  -0.519  2.475   1.00 2.12  ? 46  LEU A HD11 1 
ATOM 761  H HD12 . LEU A 1 46  ? 15.881  0.035   2.599   1.00 2.29  ? 46  LEU A HD12 1 
ATOM 762  H HD13 . LEU A 1 46  ? 16.532  -0.456  1.035   1.00 2.14  ? 46  LEU A HD13 1 
ATOM 763  H HD21 . LEU A 1 46  ? 17.790  -3.099  3.196   1.00 2.25  ? 46  LEU A HD21 1 
ATOM 764  H HD22 . LEU A 1 46  ? 17.970  -2.661  1.497   1.00 2.23  ? 46  LEU A HD22 1 
ATOM 765  H HD23 . LEU A 1 46  ? 16.938  -4.015  1.952   1.00 2.10  ? 46  LEU A HD23 1 
ATOM 766  N N    . LYS A 1 47  ? 12.294  -2.599  2.100   1.00 0.55  ? 47  LYS A N    1 
ATOM 767  C CA   . LYS A 1 47  ? 11.615  -3.588  1.229   1.00 0.52  ? 47  LYS A CA   1 
ATOM 768  C C    . LYS A 1 47  ? 11.058  -2.834  0.025   1.00 0.48  ? 47  LYS A C    1 
ATOM 769  O O    . LYS A 1 47  ? 11.174  -3.260  -1.103  1.00 0.52  ? 47  LYS A O    1 
ATOM 770  C CB   . LYS A 1 47  ? 10.487  -4.175  2.076   1.00 0.69  ? 47  LYS A CB   1 
ATOM 771  C CG   . LYS A 1 47  ? 9.814   -5.312  1.306   1.00 1.06  ? 47  LYS A CG   1 
ATOM 772  C CD   . LYS A 1 47  ? 8.675   -5.890  2.142   1.00 1.15  ? 47  LYS A CD   1 
ATOM 773  C CE   . LYS A 1 47  ? 7.552   -4.856  2.251   1.00 0.95  ? 47  LYS A CE   1 
ATOM 774  N NZ   . LYS A 1 47  ? 6.311   -5.657  2.444   1.00 1.52  ? 47  LYS A NZ   1 
ATOM 775  H H    . LYS A 1 47  ? 11.949  -1.687  2.102   1.00 0.97  ? 47  LYS A H    1 
ATOM 776  H HA   . LYS A 1 47  ? 12.300  -4.361  0.917   1.00 0.62  ? 47  LYS A HA   1 
ATOM 777  H HB2  . LYS A 1 47  ? 10.894  -4.556  3.002   1.00 1.16  ? 47  LYS A HB2  1 
ATOM 778  H HB3  . LYS A 1 47  ? 9.759   -3.406  2.290   1.00 1.09  ? 47  LYS A HB3  1 
ATOM 779  H HG2  . LYS A 1 47  ? 9.422   -4.931  0.373   1.00 1.60  ? 47  LYS A HG2  1 
ATOM 780  H HG3  . LYS A 1 47  ? 10.539  -6.086  1.103   1.00 1.58  ? 47  LYS A HG3  1 
ATOM 781  H HD2  . LYS A 1 47  ? 8.298   -6.784  1.667   1.00 1.63  ? 47  LYS A HD2  1 
ATOM 782  H HD3  . LYS A 1 47  ? 9.037   -6.132  3.129   1.00 1.74  ? 47  LYS A HD3  1 
ATOM 783  H HE2  . LYS A 1 47  ? 7.721   -4.207  3.100   1.00 1.36  ? 47  LYS A HE2  1 
ATOM 784  H HE3  . LYS A 1 47  ? 7.482   -4.279  1.342   1.00 1.28  ? 47  LYS A HE3  1 
ATOM 785  H HZ1  . LYS A 1 47  ? 5.572   -5.058  2.860   1.00 1.94  ? 47  LYS A HZ1  1 
ATOM 786  H HZ2  . LYS A 1 47  ? 6.510   -6.457  3.080   1.00 2.01  ? 47  LYS A HZ2  1 
ATOM 787  H HZ3  . LYS A 1 47  ? 5.986   -6.018  1.525   1.00 2.00  ? 47  LYS A HZ3  1 
ATOM 788  N N    . PHE A 1 48  ? 10.483  -1.685  0.271   1.00 0.57  ? 48  PHE A N    1 
ATOM 789  C CA   . PHE A 1 48  ? 9.947   -0.854  -0.834  1.00 0.77  ? 48  PHE A CA   1 
ATOM 790  C C    . PHE A 1 48  ? 10.157  0.627   -0.481  1.00 0.66  ? 48  PHE A C    1 
ATOM 791  O O    . PHE A 1 48  ? 10.589  0.956   0.605   1.00 0.57  ? 48  PHE A O    1 
ATOM 792  C CB   . PHE A 1 48  ? 8.462   -1.262  -0.998  1.00 1.10  ? 48  PHE A CB   1 
ATOM 793  C CG   . PHE A 1 48  ? 7.525   -0.334  -0.268  1.00 0.80  ? 48  PHE A CG   1 
ATOM 794  C CD1  . PHE A 1 48  ? 7.015   0.791   -0.925  1.00 0.98  ? 48  PHE A CD1  1 
ATOM 795  C CD2  . PHE A 1 48  ? 7.150   -0.609  1.045   1.00 1.53  ? 48  PHE A CD2  1 
ATOM 796  C CE1  . PHE A 1 48  ? 6.130   1.646   -0.264  1.00 1.30  ? 48  PHE A CE1  1 
ATOM 797  C CE2  . PHE A 1 48  ? 6.262   0.240   1.707   1.00 1.98  ? 48  PHE A CE2  1 
ATOM 798  C CZ   . PHE A 1 48  ? 5.751   1.371   1.051   1.00 1.68  ? 48  PHE A CZ   1 
ATOM 799  H H    . PHE A 1 48  ? 10.431  -1.356  1.189   1.00 0.59  ? 48  PHE A H    1 
ATOM 800  H HA   . PHE A 1 48  ? 10.489  -1.077  -1.738  1.00 0.95  ? 48  PHE A HA   1 
ATOM 801  H HB2  . PHE A 1 48  ? 8.206   -1.253  -2.043  1.00 1.57  ? 48  PHE A HB2  1 
ATOM 802  H HB3  . PHE A 1 48  ? 8.333   -2.264  -0.617  1.00 1.65  ? 48  PHE A HB3  1 
ATOM 803  H HD1  . PHE A 1 48  ? 7.310   1.003   -1.943  1.00 1.55  ? 48  PHE A HD1  1 
ATOM 804  H HD2  . PHE A 1 48  ? 7.546   -1.479  1.550   1.00 2.07  ? 48  PHE A HD2  1 
ATOM 805  H HE1  . PHE A 1 48  ? 5.738   2.514   -0.769  1.00 1.76  ? 48  PHE A HE1  1 
ATOM 806  H HE2  . PHE A 1 48  ? 5.976   0.025   2.720   1.00 2.76  ? 48  PHE A HE2  1 
ATOM 807  H HZ   . PHE A 1 48  ? 5.061   2.028   1.557   1.00 2.18  ? 48  PHE A HZ   1 
ATOM 808  N N    . ARG A 1 49  ? 9.860   1.515   -1.380  1.00 0.71  ? 49  ARG A N    1 
ATOM 809  C CA   . ARG A 1 49  ? 10.045  2.956   -1.095  1.00 0.66  ? 49  ARG A CA   1 
ATOM 810  C C    . ARG A 1 49  ? 8.868   3.729   -1.664  1.00 0.62  ? 49  ARG A C    1 
ATOM 811  O O    . ARG A 1 49  ? 8.361   3.403   -2.720  1.00 0.63  ? 49  ARG A O    1 
ATOM 812  C CB   . ARG A 1 49  ? 11.330  3.345   -1.817  1.00 0.73  ? 49  ARG A CB   1 
ATOM 813  C CG   . ARG A 1 49  ? 11.604  4.829   -1.585  1.00 1.08  ? 49  ARG A CG   1 
ATOM 814  C CD   . ARG A 1 49  ? 12.809  5.268   -2.422  1.00 1.56  ? 49  ARG A CD   1 
ATOM 815  N NE   . ARG A 1 49  ? 13.965  4.504   -1.875  1.00 2.02  ? 49  ARG A NE   1 
ATOM 816  C CZ   . ARG A 1 49  ? 15.109  5.099   -1.681  1.00 2.47  ? 49  ARG A CZ   1 
ATOM 817  N NH1  . ARG A 1 49  ? 15.239  5.963   -0.712  1.00 2.98  ? 49  ARG A NH1  1 
ATOM 818  N NH2  . ARG A 1 49  ? 16.123  4.828   -2.456  1.00 2.88  ? 49  ARG A NH2  1 
ATOM 819  H H    . ARG A 1 49  ? 9.485   1.238   -2.242  1.00 0.79  ? 49  ARG A H    1 
ATOM 820  H HA   . ARG A 1 49  ? 10.143  3.130   -0.035  1.00 0.66  ? 49  ARG A HA   1 
ATOM 821  H HB2  . ARG A 1 49  ? 12.149  2.756   -1.433  1.00 0.94  ? 49  ARG A HB2  1 
ATOM 822  H HB3  . ARG A 1 49  ? 11.218  3.162   -2.876  1.00 0.95  ? 49  ARG A HB3  1 
ATOM 823  H HG2  . ARG A 1 49  ? 10.733  5.402   -1.874  1.00 1.46  ? 49  ARG A HG2  1 
ATOM 824  H HG3  . ARG A 1 49  ? 11.812  4.995   -0.540  1.00 1.52  ? 49  ARG A HG3  1 
ATOM 825  H HD2  . ARG A 1 49  ? 12.651  5.021   -3.463  1.00 2.02  ? 49  ARG A HD2  1 
ATOM 826  H HD3  . ARG A 1 49  ? 12.980  6.328   -2.308  1.00 2.14  ? 49  ARG A HD3  1 
ATOM 827  H HE   . ARG A 1 49  ? 13.867  3.554   -1.663  1.00 2.52  ? 49  ARG A HE   1 
ATOM 828  H HH11 . ARG A 1 49  ? 14.462  6.171   -0.118  1.00 3.07  ? 49  ARG A HH11 1 
ATOM 829  H HH12 . ARG A 1 49  ? 16.117  6.419   -0.563  1.00 3.50  ? 49  ARG A HH12 1 
ATOM 830  H HH21 . ARG A 1 49  ? 16.021  4.164   -3.197  1.00 2.89  ? 49  ARG A HH21 1 
ATOM 831  H HH22 . ARG A 1 49  ? 17.001  5.282   -2.308  1.00 3.44  ? 49  ARG A HH22 1 
ATOM 832  N N    . ALA A 1 50  ? 8.418   4.740   -0.987  1.00 0.59  ? 50  ALA A N    1 
ATOM 833  C CA   . ALA A 1 50  ? 7.267   5.503   -1.522  1.00 0.59  ? 50  ALA A CA   1 
ATOM 834  C C    . ALA A 1 50  ? 7.754   6.699   -2.347  1.00 0.70  ? 50  ALA A C    1 
ATOM 835  O O    . ALA A 1 50  ? 8.535   7.512   -1.893  1.00 0.95  ? 50  ALA A O    1 
ATOM 836  C CB   . ALA A 1 50  ? 6.487   5.969   -0.292  1.00 0.76  ? 50  ALA A CB   1 
ATOM 837  H H    . ALA A 1 50  ? 8.825   4.992   -0.131  1.00 0.60  ? 50  ALA A H    1 
ATOM 838  H HA   . ALA A 1 50  ? 6.654   4.848   -2.128  1.00 0.60  ? 50  ALA A HA   1 
ATOM 839  H HB1  . ALA A 1 50  ? 7.165   6.439   0.405   1.00 1.33  ? 50  ALA A HB1  1 
ATOM 840  H HB2  . ALA A 1 50  ? 6.018   5.118   0.182   1.00 1.30  ? 50  ALA A HB2  1 
ATOM 841  H HB3  . ALA A 1 50  ? 5.730   6.677   -0.591  1.00 1.30  ? 50  ALA A HB3  1 
ATOM 842  N N    . GLU A 1 51  ? 7.288   6.799   -3.558  1.00 0.72  ? 51  GLU A N    1 
ATOM 843  C CA   . GLU A 1 51  ? 7.688   7.923   -4.453  1.00 0.99  ? 51  GLU A CA   1 
ATOM 844  C C    . GLU A 1 51  ? 6.529   8.909   -4.598  1.00 0.93  ? 51  GLU A C    1 
ATOM 845  O O    . GLU A 1 51  ? 5.384   8.569   -4.377  1.00 0.95  ? 51  GLU A O    1 
ATOM 846  C CB   . GLU A 1 51  ? 8.042   7.281   -5.793  1.00 1.32  ? 51  GLU A CB   1 
ATOM 847  C CG   . GLU A 1 51  ? 9.230   6.333   -5.599  1.00 1.79  ? 51  GLU A CG   1 
ATOM 848  C CD   . GLU A 1 51  ? 9.775   5.896   -6.962  1.00 2.28  ? 51  GLU A CD   1 
ATOM 849  O OE1  . GLU A 1 51  ? 9.155   6.218   -7.963  1.00 2.49  ? 51  GLU A OE1  1 
ATOM 850  O OE2  . GLU A 1 51  ? 10.809  5.245   -6.982  1.00 2.92  ? 51  GLU A OE2  1 
ATOM 851  H H    . GLU A 1 51  ? 6.661   6.122   -3.886  1.00 0.71  ? 51  GLU A H    1 
ATOM 852  H HA   . GLU A 1 51  ? 8.553   8.426   -4.049  1.00 1.20  ? 51  GLU A HA   1 
ATOM 853  H HB2  . GLU A 1 51  ? 7.191   6.726   -6.163  1.00 1.84  ? 51  GLU A HB2  1 
ATOM 854  H HB3  . GLU A 1 51  ? 8.308   8.051   -6.504  1.00 1.72  ? 51  GLU A HB3  1 
ATOM 855  H HG2  . GLU A 1 51  ? 10.007  6.841   -5.045  1.00 2.12  ? 51  GLU A HG2  1 
ATOM 856  H HG3  . GLU A 1 51  ? 8.907   5.463   -5.049  1.00 2.25  ? 51  GLU A HG3  1 
ATOM 857  N N    . GLU A 1 52  ? 6.806   10.121  -4.989  1.00 1.23  ? 52  GLU A N    1 
ATOM 858  C CA   . GLU A 1 52  ? 5.713   11.115  -5.170  1.00 1.25  ? 52  GLU A CA   1 
ATOM 859  C C    . GLU A 1 52  ? 5.851   11.771  -6.544  1.00 1.53  ? 52  GLU A C    1 
ATOM 860  O O    . GLU A 1 52  ? 6.946   11.954  -7.042  1.00 1.85  ? 52  GLU A O    1 
ATOM 861  C CB   . GLU A 1 52  ? 5.897   12.136  -4.051  1.00 1.56  ? 52  GLU A CB   1 
ATOM 862  C CG   . GLU A 1 52  ? 5.709   11.442  -2.702  1.00 1.96  ? 52  GLU A CG   1 
ATOM 863  C CD   . GLU A 1 52  ? 5.798   12.471  -1.573  1.00 2.49  ? 52  GLU A CD   1 
ATOM 864  O OE1  . GLU A 1 52  ? 6.263   13.569  -1.832  1.00 3.12  ? 52  GLU A OE1  1 
ATOM 865  O OE2  . GLU A 1 52  ? 5.404   12.140  -0.468  1.00 2.95  ? 52  GLU A OE2  1 
ATOM 866  H H    . GLU A 1 52  ? 7.722   10.377  -5.224  1.00 1.58  ? 52  GLU A H    1 
ATOM 867  H HA   . GLU A 1 52  ? 4.752   10.635  -5.078  1.00 1.05  ? 52  GLU A HA   1 
ATOM 868  H HB2  . GLU A 1 52  ? 6.891   12.558  -4.108  1.00 1.93  ? 52  GLU A HB2  1 
ATOM 869  H HB3  . GLU A 1 52  ? 5.165   12.922  -4.156  1.00 2.07  ? 52  GLU A HB3  1 
ATOM 870  H HG2  . GLU A 1 52  ? 4.741   10.963  -2.676  1.00 2.49  ? 52  GLU A HG2  1 
ATOM 871  H HG3  . GLU A 1 52  ? 6.481   10.699  -2.570  1.00 2.34  ? 52  GLU A HG3  1 
ATOM 872  N N    . LYS A 1 53  ? 4.752   12.104  -7.171  1.00 1.55  ? 53  LYS A N    1 
ATOM 873  C CA   . LYS A 1 53  ? 4.806   12.732  -8.530  1.00 1.92  ? 53  LYS A CA   1 
ATOM 874  C C    . LYS A 1 53  ? 5.900   13.810  -8.590  1.00 2.08  ? 53  LYS A C    1 
ATOM 875  O O    . LYS A 1 53  ? 6.277   14.385  -7.587  1.00 2.72  ? 53  LYS A O    1 
ATOM 876  C CB   . LYS A 1 53  ? 3.422   13.351  -8.728  1.00 2.55  ? 53  LYS A CB   1 
ATOM 877  C CG   . LYS A 1 53  ? 3.153   13.551  -10.221 1.00 3.20  ? 53  LYS A CG   1 
ATOM 878  C CD   . LYS A 1 53  ? 1.788   14.218  -10.399 1.00 4.10  ? 53  LYS A CD   1 
ATOM 879  C CE   . LYS A 1 53  ? 1.383   14.174  -11.875 1.00 4.80  ? 53  LYS A CE   1 
ATOM 880  N NZ   . LYS A 1 53  ? 1.445   12.731  -12.253 1.00 5.58  ? 53  LYS A NZ   1 
ATOM 881  H H    . LYS A 1 53  ? 3.883   11.928  -6.752  1.00 1.41  ? 53  LYS A H    1 
ATOM 882  H HA   . LYS A 1 53  ? 4.982   11.980  -9.282  1.00 2.25  ? 53  LYS A HA   1 
ATOM 883  H HB2  . LYS A 1 53  ? 2.670   12.695  -8.309  1.00 2.89  ? 53  LYS A HB2  1 
ATOM 884  H HB3  . LYS A 1 53  ? 3.381   14.308  -8.228  1.00 2.80  ? 53  LYS A HB3  1 
ATOM 885  H HG2  . LYS A 1 53  ? 3.925   14.176  -10.648 1.00 3.33  ? 53  LYS A HG2  1 
ATOM 886  H HG3  . LYS A 1 53  ? 3.149   12.591  -10.718 1.00 3.45  ? 53  LYS A HG3  1 
ATOM 887  H HD2  . LYS A 1 53  ? 1.052   13.693  -9.808  1.00 4.40  ? 53  LYS A HD2  1 
ATOM 888  H HD3  . LYS A 1 53  ? 1.845   15.246  -10.073 1.00 4.37  ? 53  LYS A HD3  1 
ATOM 889  H HE2  . LYS A 1 53  ? 0.377   14.555  -11.998 1.00 5.07  ? 53  LYS A HE2  1 
ATOM 890  H HE3  . LYS A 1 53  ? 2.076   14.742  -12.473 1.00 4.87  ? 53  LYS A HE3  1 
ATOM 891  H HZ1  . LYS A 1 53  ? 0.772   12.546  -13.023 1.00 5.80  ? 53  LYS A HZ1  1 
ATOM 892  H HZ2  . LYS A 1 53  ? 1.202   12.139  -11.430 1.00 5.82  ? 53  LYS A HZ2  1 
ATOM 893  H HZ3  . LYS A 1 53  ? 2.407   12.501  -12.575 1.00 6.01  ? 53  LYS A HZ3  1 
ATOM 894  N N    . LYS A 1 54  ? 6.428   14.061  -9.757  1.00 2.29  ? 54  LYS A N    1 
ATOM 895  C CA   . LYS A 1 54  ? 7.519   15.071  -9.899  1.00 3.03  ? 54  LYS A CA   1 
ATOM 896  C C    . LYS A 1 54  ? 7.110   16.416  -9.289  1.00 3.01  ? 54  LYS A C    1 
ATOM 897  O O    . LYS A 1 54  ? 7.925   17.128  -8.734  1.00 3.27  ? 54  LYS A O    1 
ATOM 898  C CB   . LYS A 1 54  ? 7.711   15.200  -11.408 1.00 3.92  ? 54  LYS A CB   1 
ATOM 899  C CG   . LYS A 1 54  ? 9.017   15.936  -11.711 1.00 4.58  ? 54  LYS A CG   1 
ATOM 900  C CD   . LYS A 1 54  ? 9.097   16.212  -13.214 1.00 5.54  ? 54  LYS A CD   1 
ATOM 901  C CE   . LYS A 1 54  ? 9.270   14.886  -13.961 1.00 6.32  ? 54  LYS A CE   1 
ATOM 902  N NZ   . LYS A 1 54  ? 9.077   15.221  -15.399 1.00 7.09  ? 54  LYS A NZ   1 
ATOM 903  H H    . LYS A 1 54  ? 6.120   13.566  -10.544 1.00 2.44  ? 54  LYS A H    1 
ATOM 904  H HA   . LYS A 1 54  ? 8.428   14.711  -9.445  1.00 3.50  ? 54  LYS A HA   1 
ATOM 905  H HB2  . LYS A 1 54  ? 7.742   14.215  -11.852 1.00 4.23  ? 54  LYS A HB2  1 
ATOM 906  H HB3  . LYS A 1 54  ? 6.885   15.755  -11.828 1.00 4.29  ? 54  LYS A HB3  1 
ATOM 907  H HG2  . LYS A 1 54  ? 9.042   16.870  -11.169 1.00 4.69  ? 54  LYS A HG2  1 
ATOM 908  H HG3  . LYS A 1 54  ? 9.856   15.323  -11.414 1.00 4.69  ? 54  LYS A HG3  1 
ATOM 909  H HD2  . LYS A 1 54  ? 8.185   16.693  -13.539 1.00 5.75  ? 54  LYS A HD2  1 
ATOM 910  H HD3  . LYS A 1 54  ? 9.939   16.853  -13.421 1.00 5.81  ? 54  LYS A HD3  1 
ATOM 911  H HE2  . LYS A 1 54  ? 10.263  14.491  -13.795 1.00 6.53  ? 54  LYS A HE2  1 
ATOM 912  H HE3  . LYS A 1 54  ? 8.523   14.174  -13.644 1.00 6.43  ? 54  LYS A HE3  1 
ATOM 913  H HZ1  . LYS A 1 54  ? 9.598   16.091  -15.624 1.00 7.26  ? 54  LYS A HZ1  1 
ATOM 914  H HZ2  . LYS A 1 54  ? 8.064   15.363  -15.589 1.00 7.50  ? 54  LYS A HZ2  1 
ATOM 915  H HZ3  . LYS A 1 54  ? 9.436   14.442  -15.987 1.00 7.32  ? 54  LYS A HZ3  1 
ATOM 916  N N    . TYR A 1 55  ? 5.864   16.776  -9.391  1.00 3.38  ? 55  TYR A N    1 
ATOM 917  C CA   . TYR A 1 55  ? 5.419   18.080  -8.819  1.00 4.01  ? 55  TYR A CA   1 
ATOM 918  C C    . TYR A 1 55  ? 4.206   17.877  -7.897  1.00 4.31  ? 55  TYR A C    1 
ATOM 919  O O    . TYR A 1 55  ? 3.094   17.733  -8.365  1.00 4.35  ? 55  TYR A O    1 
ATOM 920  C CB   . TYR A 1 55  ? 5.051   18.930  -10.036 1.00 4.54  ? 55  TYR A CB   1 
ATOM 921  C CG   . TYR A 1 55  ? 6.304   19.224  -10.831 1.00 5.10  ? 55  TYR A CG   1 
ATOM 922  C CD1  . TYR A 1 55  ? 7.427   19.754  -10.185 1.00 5.46  ? 55  TYR A CD1  1 
ATOM 923  C CD2  . TYR A 1 55  ? 6.346   18.961  -12.205 1.00 5.64  ? 55  TYR A CD2  1 
ATOM 924  C CE1  . TYR A 1 55  ? 8.594   20.018  -10.912 1.00 6.23  ? 55  TYR A CE1  1 
ATOM 925  C CE2  . TYR A 1 55  ? 7.513   19.228  -12.933 1.00 6.46  ? 55  TYR A CE2  1 
ATOM 926  C CZ   . TYR A 1 55  ? 8.636   19.756  -12.286 1.00 6.70  ? 55  TYR A CZ   1 
ATOM 927  O OH   . TYR A 1 55  ? 9.787   20.012  -13.003 1.00 7.63  ? 55  TYR A OH   1 
ATOM 928  H H    . TYR A 1 55  ? 5.220   16.195  -9.845  1.00 3.63  ? 55  TYR A H    1 
ATOM 929  H HA   . TYR A 1 55  ? 6.228   18.546  -8.280  1.00 4.29  ? 55  TYR A HA   1 
ATOM 930  H HB2  . TYR A 1 55  ? 4.349   18.390  -10.655 1.00 4.39  ? 55  TYR A HB2  1 
ATOM 931  H HB3  . TYR A 1 55  ? 4.606   19.858  -9.710  1.00 5.06  ? 55  TYR A HB3  1 
ATOM 932  H HD1  . TYR A 1 55  ? 7.394   19.958  -9.124  1.00 5.39  ? 55  TYR A HD1  1 
ATOM 933  H HD2  . TYR A 1 55  ? 5.479   18.554  -12.705 1.00 5.66  ? 55  TYR A HD2  1 
ATOM 934  H HE1  . TYR A 1 55  ? 9.460   20.427  -10.413 1.00 6.65  ? 55  TYR A HE1  1 
ATOM 935  H HE2  . TYR A 1 55  ? 7.548   19.025  -13.993 1.00 7.08  ? 55  TYR A HE2  1 
ATOM 936  H HH   . TYR A 1 55  ? 10.302  19.203  -13.040 1.00 7.86  ? 55  TYR A HH   1 
ATOM 937  N N    . PRO A 1 56  ? 4.460   17.872  -6.608  1.00 4.92  ? 56  PRO A N    1 
ATOM 938  C CA   . PRO A 1 56  ? 3.366   17.682  -5.618  1.00 5.54  ? 56  PRO A CA   1 
ATOM 939  C C    . PRO A 1 56  ? 2.420   18.882  -5.624  1.00 5.43  ? 56  PRO A C    1 
ATOM 940  O O    . PRO A 1 56  ? 1.280   18.786  -5.214  1.00 5.77  ? 56  PRO A O    1 
ATOM 941  C CB   . PRO A 1 56  ? 4.101   17.579  -4.284  1.00 6.49  ? 56  PRO A CB   1 
ATOM 942  C CG   . PRO A 1 56  ? 5.389   18.295  -4.510  1.00 6.42  ? 56  PRO A CG   1 
ATOM 943  C CD   . PRO A 1 56  ? 5.762   18.048  -5.948  1.00 5.48  ? 56  PRO A CD   1 
ATOM 944  H HA   . PRO A 1 56  ? 2.828   16.769  -5.814  1.00 5.73  ? 56  PRO A HA   1 
ATOM 945  H HB2  . PRO A 1 56  ? 3.528   18.063  -3.504  1.00 6.96  ? 56  PRO A HB2  1 
ATOM 946  H HB3  . PRO A 1 56  ? 4.287   16.548  -4.032  1.00 6.96  ? 56  PRO A HB3  1 
ATOM 947  H HG2  . PRO A 1 56  ? 5.259   19.354  -4.335  1.00 6.59  ? 56  PRO A HG2  1 
ATOM 948  H HG3  . PRO A 1 56  ? 6.155   17.901  -3.860  1.00 7.10  ? 56  PRO A HG3  1 
ATOM 949  H HD2  . PRO A 1 56  ? 6.288   18.901  -6.355  1.00 5.39  ? 56  PRO A HD2  1 
ATOM 950  H HD3  . PRO A 1 56  ? 6.353   17.150  -6.043  1.00 5.61  ? 56  PRO A HD3  1 
ATOM 951  N N    . LYS A 1 57  ? 2.878   20.012  -6.084  1.00 5.30  ? 57  LYS A N    1 
ATOM 952  C CA   . LYS A 1 57  ? 1.992   21.210  -6.112  1.00 5.50  ? 57  LYS A CA   1 
ATOM 953  C C    . LYS A 1 57  ? 0.922   21.019  -7.182  1.00 5.59  ? 57  LYS A C    1 
ATOM 954  O O    . LYS A 1 57  ? 0.947   21.650  -8.221  1.00 5.92  ? 57  LYS A O    1 
ATOM 955  C CB   . LYS A 1 57  ? 2.914   22.373  -6.470  1.00 5.89  ? 57  LYS A CB   1 
ATOM 956  C CG   . LYS A 1 57  ? 3.974   22.530  -5.380  1.00 6.45  ? 57  LYS A CG   1 
ATOM 957  C CD   . LYS A 1 57  ? 4.947   23.643  -5.771  1.00 7.09  ? 57  LYS A CD   1 
ATOM 958  C CE   . LYS A 1 57  ? 4.184   24.962  -5.914  1.00 7.61  ? 57  LYS A CE   1 
ATOM 959  N NZ   . LYS A 1 57  ? 5.229   26.016  -5.805  1.00 8.21  ? 57  LYS A NZ   1 
ATOM 960  H H    . LYS A 1 57  ? 3.800   20.073  -6.413  1.00 5.32  ? 57  LYS A H    1 
ATOM 961  H HA   . LYS A 1 57  ? 1.542   21.372  -5.146  1.00 5.65  ? 57  LYS A HA   1 
ATOM 962  H HB2  . LYS A 1 57  ? 3.395   22.174  -7.417  1.00 6.03  ? 57  LYS A HB2  1 
ATOM 963  H HB3  . LYS A 1 57  ? 2.337   23.283  -6.543  1.00 5.96  ? 57  LYS A HB3  1 
ATOM 964  H HG2  . LYS A 1 57  ? 3.495   22.780  -4.444  1.00 6.56  ? 57  LYS A HG2  1 
ATOM 965  H HG3  . LYS A 1 57  ? 4.516   21.603  -5.272  1.00 6.59  ? 57  LYS A HG3  1 
ATOM 966  H HD2  . LYS A 1 57  ? 5.704   23.744  -5.007  1.00 7.25  ? 57  LYS A HD2  1 
ATOM 967  H HD3  . LYS A 1 57  ? 5.415   23.397  -6.712  1.00 7.32  ? 57  LYS A HD3  1 
ATOM 968  H HE2  . LYS A 1 57  ? 3.696   25.009  -6.877  1.00 7.71  ? 57  LYS A HE2  1 
ATOM 969  H HE3  . LYS A 1 57  ? 3.464   25.070  -5.117  1.00 7.72  ? 57  LYS A HE3  1 
ATOM 970  H HZ1  . LYS A 1 57  ? 5.856   25.971  -6.633  1.00 8.49  ? 57  LYS A HZ1  1 
ATOM 971  H HZ2  . LYS A 1 57  ? 5.786   25.866  -4.939  1.00 8.45  ? 57  LYS A HZ2  1 
ATOM 972  H HZ3  . LYS A 1 57  ? 4.776   26.952  -5.768  1.00 8.34  ? 57  LYS A HZ3  1 
ATOM 973  N N    . SER A 1 58  ? -0.010  20.139  -6.948  1.00 5.60  ? 58  SER A N    1 
ATOM 974  C CA   . SER A 1 58  ? -1.062  19.901  -7.969  1.00 5.91  ? 58  SER A CA   1 
ATOM 975  C C    . SER A 1 58  ? -2.330  19.337  -7.323  1.00 5.66  ? 58  SER A C    1 
ATOM 976  O O    . SER A 1 58  ? -2.326  18.919  -6.181  1.00 5.69  ? 58  SER A O    1 
ATOM 977  C CB   . SER A 1 58  ? -0.438  18.894  -8.930  1.00 6.32  ? 58  SER A CB   1 
ATOM 978  O OG   . SER A 1 58  ? -1.368  18.585  -9.957  1.00 6.85  ? 58  SER A OG   1 
ATOM 979  H H    . SER A 1 58  ? -0.009  19.630  -6.112  1.00 5.61  ? 58  SER A H    1 
ATOM 980  H HA   . SER A 1 58  ? -1.286  20.815  -8.493  1.00 6.35  ? 58  SER A HA   1 
ATOM 981  H HB2  . SER A 1 58  ? 0.448   19.320  -9.371  1.00 6.51  ? 58  SER A HB2  1 
ATOM 982  H HB3  . SER A 1 58  ? -0.170  17.997  -8.387  1.00 6.37  ? 58  SER A HB3  1 
ATOM 983  H HG   . SER A 1 58  ? -2.040  18.009  -9.584  1.00 7.10  ? 58  SER A HG   1 
ATOM 984  N N    . TRP A 1 59  ? -3.416  19.338  -8.045  1.00 5.70  ? 59  TRP A N    1 
ATOM 985  C CA   . TRP A 1 59  ? -4.693  18.814  -7.473  1.00 5.73  ? 59  TRP A CA   1 
ATOM 986  C C    . TRP A 1 59  ? -5.152  17.596  -8.274  1.00 5.40  ? 59  TRP A C    1 
ATOM 987  O O    . TRP A 1 59  ? -4.643  17.316  -9.342  1.00 5.46  ? 59  TRP A O    1 
ATOM 988  C CB   . TRP A 1 59  ? -5.724  19.953  -7.590  1.00 6.31  ? 59  TRP A CB   1 
ATOM 989  C CG   . TRP A 1 59  ? -5.067  21.290  -7.401  1.00 6.65  ? 59  TRP A CG   1 
ATOM 990  C CD1  . TRP A 1 59  ? -5.184  22.328  -8.258  1.00 7.07  ? 59  TRP A CD1  1 
ATOM 991  C CD2  . TRP A 1 59  ? -4.185  21.743  -6.328  1.00 6.96  ? 59  TRP A CD2  1 
ATOM 992  N NE1  . TRP A 1 59  ? -4.447  23.393  -7.778  1.00 7.59  ? 59  TRP A NE1  1 
ATOM 993  C CE2  . TRP A 1 59  ? -3.812  23.083  -6.595  1.00 7.54  ? 59  TRP A CE2  1 
ATOM 994  C CE3  . TRP A 1 59  ? -3.681  21.136  -5.161  1.00 7.12  ? 59  TRP A CE3  1 
ATOM 995  C CZ2  . TRP A 1 59  ? -2.973  23.794  -5.739  1.00 8.14  ? 59  TRP A CZ2  1 
ATOM 996  C CZ3  . TRP A 1 59  ? -2.833  21.852  -4.297  1.00 7.76  ? 59  TRP A CZ3  1 
ATOM 997  C CH2  . TRP A 1 59  ? -2.481  23.177  -4.587  1.00 8.23  ? 59  TRP A CH2  1 
ATOM 998  H H    . TRP A 1 59  ? -3.397  19.688  -8.959  1.00 5.92  ? 59  TRP A H    1 
ATOM 999  H HA   . TRP A 1 59  ? -4.557  18.547  -6.437  1.00 5.89  ? 59  TRP A HA   1 
ATOM 1000 H HB2  . TRP A 1 59  ? -6.184  19.919  -8.568  1.00 6.58  ? 59  TRP A HB2  1 
ATOM 1001 H HB3  . TRP A 1 59  ? -6.486  19.820  -6.836  1.00 6.54  ? 59  TRP A HB3  1 
ATOM 1002 H HD1  . TRP A 1 59  ? -5.764  22.328  -9.167  1.00 7.21  ? 59  TRP A HD1  1 
ATOM 1003 H HE1  . TRP A 1 59  ? -4.369  24.267  -8.212  1.00 8.12  ? 59  TRP A HE1  1 
ATOM 1004 H HE3  . TRP A 1 59  ? -3.946  20.115  -4.928  1.00 6.96  ? 59  TRP A HE3  1 
ATOM 1005 H HZ2  . TRP A 1 59  ? -2.707  24.815  -5.967  1.00 8.72  ? 59  TRP A HZ2  1 
ATOM 1006 H HZ3  . TRP A 1 59  ? -2.451  21.377  -3.404  1.00 8.09  ? 59  TRP A HZ3  1 
ATOM 1007 H HH2  . TRP A 1 59  ? -1.830  23.722  -3.919  1.00 8.84  ? 59  TRP A HH2  1 
ATOM 1008 N N    . TRP A 1 60  ? -6.104  16.864  -7.766  1.00 5.36  ? 60  TRP A N    1 
ATOM 1009 C CA   . TRP A 1 60  ? -6.593  15.655  -8.489  1.00 5.22  ? 60  TRP A CA   1 
ATOM 1010 C C    . TRP A 1 60  ? -5.432  14.688  -8.738  1.00 4.61  ? 60  TRP A C    1 
ATOM 1011 O O    . TRP A 1 60  ? -4.899  14.607  -9.829  1.00 4.83  ? 60  TRP A O    1 
ATOM 1012 C CB   . TRP A 1 60  ? -7.173  16.173  -9.809  1.00 5.73  ? 60  TRP A CB   1 
ATOM 1013 C CG   . TRP A 1 60  ? -8.478  15.495  -10.066 1.00 6.21  ? 60  TRP A CG   1 
ATOM 1014 C CD1  . TRP A 1 60  ? -8.668  14.489  -10.948 1.00 6.55  ? 60  TRP A CD1  1 
ATOM 1015 C CD2  . TRP A 1 60  ? -9.773  15.751  -9.449  1.00 6.79  ? 60  TRP A CD2  1 
ATOM 1016 N NE1  . TRP A 1 60  ? -9.998  14.108  -10.910 1.00 7.23  ? 60  TRP A NE1  1 
ATOM 1017 C CE2  . TRP A 1 60  ? -10.720 14.857  -10.003 1.00 7.37  ? 60  TRP A CE2  1 
ATOM 1018 C CE3  . TRP A 1 60  ? -10.215 16.663  -8.473  1.00 7.14  ? 60  TRP A CE3  1 
ATOM 1019 C CZ2  . TRP A 1 60  ? -12.056 14.866  -9.602  1.00 8.15  ? 60  TRP A CZ2  1 
ATOM 1020 C CZ3  . TRP A 1 60  ? -11.560 16.676  -8.068  1.00 7.97  ? 60  TRP A CZ3  1 
ATOM 1021 C CH2  . TRP A 1 60  ? -12.478 15.778  -8.632  1.00 8.41  ? 60  TRP A CH2  1 
ATOM 1022 H H    . TRP A 1 60  ? -6.496  17.107  -6.902  1.00 5.65  ? 60  TRP A H    1 
ATOM 1023 H HA   . TRP A 1 60  ? -7.365  15.169  -7.916  1.00 5.49  ? 60  TRP A HA   1 
ATOM 1024 H HB2  . TRP A 1 60  ? -7.325  17.239  -9.743  1.00 5.97  ? 60  TRP A HB2  1 
ATOM 1025 H HB3  . TRP A 1 60  ? -6.489  15.955  -10.616 1.00 5.86  ? 60  TRP A HB3  1 
ATOM 1026 H HD1  . TRP A 1 60  ? -7.906  14.054  -11.578 1.00 6.52  ? 60  TRP A HD1  1 
ATOM 1027 H HE1  . TRP A 1 60  ? -10.398 13.396  -11.453 1.00 7.72  ? 60  TRP A HE1  1 
ATOM 1028 H HE3  . TRP A 1 60  ? -9.516  17.357  -8.034  1.00 6.98  ? 60  TRP A HE3  1 
ATOM 1029 H HZ2  . TRP A 1 60  ? -12.759 14.172  -10.039 1.00 8.70  ? 60  TRP A HZ2  1 
ATOM 1030 H HZ3  . TRP A 1 60  ? -11.890 17.380  -7.318  1.00 8.42  ? 60  TRP A HZ3  1 
ATOM 1031 H HH2  . TRP A 1 60  ? -13.512 15.791  -8.316  1.00 9.12  ? 60  TRP A HH2  1 
ATOM 1032 N N    . GLU A 1 61  ? -5.037  13.956  -7.725  1.00 4.23  ? 61  GLU A N    1 
ATOM 1033 C CA   . GLU A 1 61  ? -3.909  12.991  -7.878  1.00 3.91  ? 61  GLU A CA   1 
ATOM 1034 C C    . GLU A 1 61  ? -4.187  11.717  -7.071  1.00 3.17  ? 61  GLU A C    1 
ATOM 1035 O O    . GLU A 1 61  ? -5.034  11.688  -6.200  1.00 3.19  ? 61  GLU A O    1 
ATOM 1036 C CB   . GLU A 1 61  ? -2.687  13.716  -7.314  1.00 4.49  ? 61  GLU A CB   1 
ATOM 1037 C CG   . GLU A 1 61  ? -1.426  12.883  -7.569  1.00 5.07  ? 61  GLU A CG   1 
ATOM 1038 C CD   . GLU A 1 61  ? -0.240  13.524  -6.851  1.00 5.29  ? 61  GLU A CD   1 
ATOM 1039 O OE1  . GLU A 1 61  ? -0.078  14.726  -6.974  1.00 5.55  ? 61  GLU A OE1  1 
ATOM 1040 O OE2  . GLU A 1 61  ? 0.485   12.801  -6.188  1.00 5.57  ? 61  GLU A OE2  1 
ATOM 1041 H H    . GLU A 1 61  ? -5.486  14.045  -6.857  1.00 4.45  ? 61  GLU A H    1 
ATOM 1042 H HA   . GLU A 1 61  ? -3.751  12.752  -8.920  1.00 4.35  ? 61  GLU A HA   1 
ATOM 1043 H HB2  . GLU A 1 61  ? -2.588  14.679  -7.795  1.00 4.93  ? 61  GLU A HB2  1 
ATOM 1044 H HB3  . GLU A 1 61  ? -2.813  13.858  -6.252  1.00 4.56  ? 61  GLU A HB3  1 
ATOM 1045 H HG2  . GLU A 1 61  ? -1.570  11.882  -7.194  1.00 5.48  ? 61  GLU A HG2  1 
ATOM 1046 H HG3  . GLU A 1 61  ? -1.224  12.848  -8.630  1.00 5.36  ? 61  GLU A HG3  1 
ATOM 1047 N N    . GLU A 1 62  ? -3.474  10.669  -7.360  1.00 3.19  ? 62  GLU A N    1 
ATOM 1048 C CA   . GLU A 1 62  ? -3.671  9.388   -6.630  1.00 3.23  ? 62  GLU A CA   1 
ATOM 1049 C C    . GLU A 1 62  ? -2.877  9.366   -5.313  1.00 2.52  ? 62  GLU A C    1 
ATOM 1050 O O    . GLU A 1 62  ? -2.784  8.350   -4.654  1.00 2.95  ? 62  GLU A O    1 
ATOM 1051 C CB   . GLU A 1 62  ? -3.148  8.338   -7.599  1.00 4.17  ? 62  GLU A CB   1 
ATOM 1052 C CG   . GLU A 1 62  ? -4.045  8.310   -8.839  1.00 4.81  ? 62  GLU A CG   1 
ATOM 1053 C CD   . GLU A 1 62  ? -5.477  7.952   -8.432  1.00 4.70  ? 62  GLU A CD   1 
ATOM 1054 O OE1  . GLU A 1 62  ? -5.656  7.468   -7.327  1.00 4.61  ? 62  GLU A OE1  1 
ATOM 1055 O OE2  . GLU A 1 62  ? -6.372  8.173   -9.233  1.00 5.08  ? 62  GLU A OE2  1 
ATOM 1056 H H    . GLU A 1 62  ? -2.800  10.719  -8.067  1.00 3.66  ? 62  GLU A H    1 
ATOM 1057 H HA   . GLU A 1 62  ? -4.719  9.222   -6.440  1.00 3.68  ? 62  GLU A HA   1 
ATOM 1058 H HB2  . GLU A 1 62  ? -2.137  8.594   -7.891  1.00 4.53  ? 62  GLU A HB2  1 
ATOM 1059 H HB3  . GLU A 1 62  ? -3.152  7.370   -7.126  1.00 4.53  ? 62  GLU A HB3  1 
ATOM 1060 H HG2  . GLU A 1 62  ? -4.041  9.283   -9.307  1.00 5.33  ? 62  GLU A HG2  1 
ATOM 1061 H HG3  . GLU A 1 62  ? -3.674  7.575   -9.536  1.00 5.27  ? 62  GLU A HG3  1 
ATOM 1062 N N    . GLY A 1 63  ? -2.314  10.478  -4.919  1.00 2.07  ? 63  GLY A N    1 
ATOM 1063 C CA   . GLY A 1 63  ? -1.544  10.512  -3.642  1.00 2.00  ? 63  GLY A CA   1 
ATOM 1064 C C    . GLY A 1 63  ? -0.057  10.273  -3.911  1.00 1.36  ? 63  GLY A C    1 
ATOM 1065 O O    . GLY A 1 63  ? 0.714   11.203  -4.046  1.00 1.95  ? 63  GLY A O    1 
ATOM 1066 H H    . GLY A 1 63  ? -2.416  11.290  -5.454  1.00 2.39  ? 63  GLY A H    1 
ATOM 1067 H HA2  . GLY A 1 63  ? -1.673  11.477  -3.172  1.00 2.68  ? 63  GLY A HA2  1 
ATOM 1068 H HA3  . GLY A 1 63  ? -1.911  9.741   -2.982  1.00 2.39  ? 63  GLY A HA3  1 
ATOM 1069 N N    . GLY A 1 64  ? 0.356   9.035   -3.988  1.00 0.99  ? 64  GLY A N    1 
ATOM 1070 C CA   . GLY A 1 64  ? 1.799   8.758   -4.242  1.00 0.70  ? 64  GLY A CA   1 
ATOM 1071 C C    . GLY A 1 64  ? 1.990   7.366   -4.848  1.00 0.63  ? 64  GLY A C    1 
ATOM 1072 O O    . GLY A 1 64  ? 1.057   6.619   -5.037  1.00 0.75  ? 64  GLY A O    1 
ATOM 1073 H H    . GLY A 1 64  ? -0.281  8.299   -3.880  1.00 1.66  ? 64  GLY A H    1 
ATOM 1074 H HA2  . GLY A 1 64  ? 2.187   9.501   -4.925  1.00 1.08  ? 64  GLY A HA2  1 
ATOM 1075 H HA3  . GLY A 1 64  ? 2.342   8.815   -3.310  1.00 0.99  ? 64  GLY A HA3  1 
ATOM 1076 N N    . ARG A 1 65  ? 3.208   7.038   -5.166  1.00 0.55  ? 65  ARG A N    1 
ATOM 1077 C CA   . ARG A 1 65  ? 3.510   5.712   -5.784  1.00 0.53  ? 65  ARG A CA   1 
ATOM 1078 C C    . ARG A 1 65  ? 4.494   4.942   -4.903  1.00 0.48  ? 65  ARG A C    1 
ATOM 1079 O O    . ARG A 1 65  ? 5.244   5.529   -4.157  1.00 0.48  ? 65  ARG A O    1 
ATOM 1080 C CB   . ARG A 1 65  ? 4.162   6.057   -7.124  1.00 0.63  ? 65  ARG A CB   1 
ATOM 1081 C CG   . ARG A 1 65  ? 4.427   4.772   -7.912  1.00 1.27  ? 65  ARG A CG   1 
ATOM 1082 C CD   . ARG A 1 65  ? 5.204   5.102   -9.190  1.00 1.32  ? 65  ARG A CD   1 
ATOM 1083 N NE   . ARG A 1 65  ? 4.327   6.042   -9.942  1.00 1.91  ? 65  ARG A NE   1 
ATOM 1084 C CZ   . ARG A 1 65  ? 4.757   6.597   -11.041 1.00 2.20  ? 65  ARG A CZ   1 
ATOM 1085 N NH1  . ARG A 1 65  ? 6.023   6.884   -11.181 1.00 2.65  ? 65  ARG A NH1  1 
ATOM 1086 N NH2  . ARG A 1 65  ? 3.918   6.868   -12.004 1.00 2.45  ? 65  ARG A NH2  1 
ATOM 1087 H H    . ARG A 1 65  ? 3.928   7.684   -5.013  1.00 0.60  ? 65  ARG A H    1 
ATOM 1088 H HA   . ARG A 1 65  ? 2.606   5.142   -5.944  1.00 0.57  ? 65  ARG A HA   1 
ATOM 1089 H HB2  . ARG A 1 65  ? 3.502   6.699   -7.690  1.00 1.23  ? 65  ARG A HB2  1 
ATOM 1090 H HB3  . ARG A 1 65  ? 5.097   6.567   -6.947  1.00 1.26  ? 65  ARG A HB3  1 
ATOM 1091 H HG2  . ARG A 1 65  ? 5.003   4.091   -7.307  1.00 1.91  ? 65  ARG A HG2  1 
ATOM 1092 H HG3  . ARG A 1 65  ? 3.486   4.315   -8.175  1.00 1.89  ? 65  ARG A HG3  1 
ATOM 1093 H HD2  . ARG A 1 65  ? 6.145   5.575   -8.945  1.00 1.67  ? 65  ARG A HD2  1 
ATOM 1094 H HD3  . ARG A 1 65  ? 5.371   4.208   -9.771  1.00 1.74  ? 65  ARG A HD3  1 
ATOM 1095 H HE   . ARG A 1 65  ? 3.426   6.240   -9.612  1.00 2.52  ? 65  ARG A HE   1 
ATOM 1096 H HH11 . ARG A 1 65  ? 6.667   6.678   -10.445 1.00 2.84  ? 65  ARG A HH11 1 
ATOM 1097 H HH12 . ARG A 1 65  ? 6.348   7.310   -12.025 1.00 3.02  ? 65  ARG A HH12 1 
ATOM 1098 H HH21 . ARG A 1 65  ? 2.949   6.647   -11.897 1.00 2.52  ? 65  ARG A HH21 1 
ATOM 1099 H HH22 . ARG A 1 65  ? 4.244   7.294   -12.846 1.00 2.81  ? 65  ARG A HH22 1 
ATOM 1100 N N    . VAL A 1 66  ? 4.504   3.636   -4.971  1.00 0.47  ? 66  VAL A N    1 
ATOM 1101 C CA   . VAL A 1 66  ? 5.470   2.879   -4.111  1.00 0.46  ? 66  VAL A CA   1 
ATOM 1102 C C    . VAL A 1 66  ? 6.352   1.941   -4.954  1.00 0.46  ? 66  VAL A C    1 
ATOM 1103 O O    . VAL A 1 66  ? 5.921   1.352   -5.920  1.00 0.46  ? 66  VAL A O    1 
ATOM 1104 C CB   . VAL A 1 66  ? 4.604   2.082   -3.135  1.00 0.49  ? 66  VAL A CB   1 
ATOM 1105 C CG1  . VAL A 1 66  ? 3.826   3.045   -2.235  1.00 0.94  ? 66  VAL A CG1  1 
ATOM 1106 C CG2  . VAL A 1 66  ? 3.618   1.224   -3.920  1.00 0.79  ? 66  VAL A CG2  1 
ATOM 1107 H H    . VAL A 1 66  ? 3.885   3.161   -5.574  1.00 0.49  ? 66  VAL A H    1 
ATOM 1108 H HA   . VAL A 1 66  ? 6.092   3.567   -3.563  1.00 0.48  ? 66  VAL A HA   1 
ATOM 1109 H HB   . VAL A 1 66  ? 5.234   1.449   -2.528  1.00 0.83  ? 66  VAL A HB   1 
ATOM 1110 H HG11 . VAL A 1 66  ? 3.833   2.672   -1.221  1.00 1.47  ? 66  VAL A HG11 1 
ATOM 1111 H HG12 . VAL A 1 66  ? 2.807   3.119   -2.586  1.00 1.47  ? 66  VAL A HG12 1 
ATOM 1112 H HG13 . VAL A 1 66  ? 4.289   4.020   -2.264  1.00 1.54  ? 66  VAL A HG13 1 
ATOM 1113 H HG21 . VAL A 1 66  ? 2.751   1.815   -4.177  1.00 1.48  ? 66  VAL A HG21 1 
ATOM 1114 H HG22 . VAL A 1 66  ? 3.314   0.380   -3.319  1.00 1.33  ? 66  VAL A HG22 1 
ATOM 1115 H HG23 . VAL A 1 66  ? 4.092   0.872   -4.819  1.00 1.29  ? 66  VAL A HG23 1 
ATOM 1116 N N    . VAL A 1 67  ? 7.592   1.798   -4.579  1.00 0.47  ? 67  VAL A N    1 
ATOM 1117 C CA   . VAL A 1 67  ? 8.516   0.903   -5.335  1.00 0.49  ? 67  VAL A CA   1 
ATOM 1118 C C    . VAL A 1 67  ? 9.013   -0.196  -4.395  1.00 0.47  ? 67  VAL A C    1 
ATOM 1119 O O    . VAL A 1 67  ? 9.364   0.066   -3.271  1.00 0.48  ? 67  VAL A O    1 
ATOM 1120 C CB   . VAL A 1 67  ? 9.661   1.813   -5.788  1.00 0.52  ? 67  VAL A CB   1 
ATOM 1121 C CG1  . VAL A 1 67  ? 10.690  1.008   -6.581  1.00 1.37  ? 67  VAL A CG1  1 
ATOM 1122 C CG2  . VAL A 1 67  ? 9.104   2.918   -6.686  1.00 1.20  ? 67  VAL A CG2  1 
ATOM 1123 H H    . VAL A 1 67  ? 7.923   2.276   -3.791  1.00 0.47  ? 67  VAL A H    1 
ATOM 1124 H HA   . VAL A 1 67  ? 8.016   0.474   -6.189  1.00 0.50  ? 67  VAL A HA   1 
ATOM 1125 H HB   . VAL A 1 67  ? 10.136  2.254   -4.924  1.00 0.93  ? 67  VAL A HB   1 
ATOM 1126 H HG11 . VAL A 1 67  ? 10.880  0.070   -6.082  1.00 1.96  ? 67  VAL A HG11 1 
ATOM 1127 H HG12 . VAL A 1 67  ? 11.608  1.572   -6.653  1.00 1.84  ? 67  VAL A HG12 1 
ATOM 1128 H HG13 . VAL A 1 67  ? 10.308  0.816   -7.574  1.00 1.92  ? 67  VAL A HG13 1 
ATOM 1129 H HG21 . VAL A 1 67  ? 8.926   3.804   -6.098  1.00 1.90  ? 67  VAL A HG21 1 
ATOM 1130 H HG22 . VAL A 1 67  ? 8.177   2.588   -7.130  1.00 1.67  ? 67  VAL A HG22 1 
ATOM 1131 H HG23 . VAL A 1 67  ? 9.817   3.140   -7.465  1.00 1.72  ? 67  VAL A HG23 1 
ATOM 1132 N N    . VAL A 1 68  ? 9.034   -1.423  -4.829  1.00 0.47  ? 68  VAL A N    1 
ATOM 1133 C CA   . VAL A 1 68  ? 9.494   -2.516  -3.920  1.00 0.47  ? 68  VAL A CA   1 
ATOM 1134 C C    . VAL A 1 68  ? 10.793  -3.144  -4.416  1.00 0.46  ? 68  VAL A C    1 
ATOM 1135 O O    . VAL A 1 68  ? 10.937  -3.458  -5.579  1.00 0.46  ? 68  VAL A O    1 
ATOM 1136 C CB   . VAL A 1 68  ? 8.375   -3.561  -3.929  1.00 0.51  ? 68  VAL A CB   1 
ATOM 1137 C CG1  . VAL A 1 68  ? 8.683   -4.623  -2.873  1.00 1.19  ? 68  VAL A CG1  1 
ATOM 1138 C CG2  . VAL A 1 68  ? 7.033   -2.896  -3.602  1.00 1.07  ? 68  VAL A CG2  1 
ATOM 1139 H H    . VAL A 1 68  ? 8.747   -1.625  -5.738  1.00 0.47  ? 68  VAL A H    1 
ATOM 1140 H HA   . VAL A 1 68  ? 9.624   -2.143  -2.927  1.00 0.50  ? 68  VAL A HA   1 
ATOM 1141 H HB   . VAL A 1 68  ? 8.325   -4.029  -4.901  1.00 0.87  ? 68  VAL A HB   1 
ATOM 1142 H HG11 . VAL A 1 68  ? 9.370   -5.348  -3.283  1.00 1.63  ? 68  VAL A HG11 1 
ATOM 1143 H HG12 . VAL A 1 68  ? 7.770   -5.116  -2.580  1.00 1.75  ? 68  VAL A HG12 1 
ATOM 1144 H HG13 . VAL A 1 68  ? 9.131   -4.151  -2.011  1.00 1.74  ? 68  VAL A HG13 1 
ATOM 1145 H HG21 . VAL A 1 68  ? 6.315   -3.135  -4.372  1.00 1.57  ? 68  VAL A HG21 1 
ATOM 1146 H HG22 . VAL A 1 68  ? 7.162   -1.826  -3.552  1.00 1.56  ? 68  VAL A HG22 1 
ATOM 1147 H HG23 . VAL A 1 68  ? 6.674   -3.260  -2.649  1.00 1.74  ? 68  VAL A HG23 1 
ATOM 1148 N N    . GLU A 1 69  ? 11.734  -3.359  -3.535  1.00 0.48  ? 69  GLU A N    1 
ATOM 1149 C CA   . GLU A 1 69  ? 12.996  -4.006  -3.980  1.00 0.54  ? 69  GLU A CA   1 
ATOM 1150 C C    . GLU A 1 69  ? 12.749  -5.510  -4.088  1.00 0.56  ? 69  GLU A C    1 
ATOM 1151 O O    . GLU A 1 69  ? 12.498  -6.179  -3.106  1.00 0.86  ? 69  GLU A O    1 
ATOM 1152 C CB   . GLU A 1 69  ? 14.022  -3.705  -2.885  1.00 0.81  ? 69  GLU A CB   1 
ATOM 1153 C CG   . GLU A 1 69  ? 14.244  -2.194  -2.788  1.00 1.67  ? 69  GLU A CG   1 
ATOM 1154 C CD   . GLU A 1 69  ? 15.306  -1.893  -1.725  1.00 1.97  ? 69  GLU A CD   1 
ATOM 1155 O OE1  . GLU A 1 69  ? 15.948  -2.827  -1.271  1.00 2.31  ? 69  GLU A OE1  1 
ATOM 1156 O OE2  . GLU A 1 69  ? 15.452  -0.734  -1.375  1.00 2.40  ? 69  GLU A OE2  1 
ATOM 1157 H H    . GLU A 1 69  ? 11.594  -3.120  -2.589  1.00 0.50  ? 69  GLU A H    1 
ATOM 1158 H HA   . GLU A 1 69  ? 13.321  -3.602  -4.925  1.00 0.62  ? 69  GLU A HA   1 
ATOM 1159 H HB2  . GLU A 1 69  ? 13.657  -4.078  -1.938  1.00 1.10  ? 69  GLU A HB2  1 
ATOM 1160 H HB3  . GLU A 1 69  ? 14.957  -4.189  -3.126  1.00 1.41  ? 69  GLU A HB3  1 
ATOM 1161 H HG2  . GLU A 1 69  ? 14.579  -1.820  -3.745  1.00 2.27  ? 69  GLU A HG2  1 
ATOM 1162 H HG3  . GLU A 1 69  ? 13.318  -1.710  -2.515  1.00 2.09  ? 69  GLU A HG3  1 
ATOM 1163 N N    . LYS A 1 70  ? 12.800  -6.040  -5.275  1.00 0.66  ? 70  LYS A N    1 
ATOM 1164 C CA   . LYS A 1 70  ? 12.545  -7.498  -5.464  1.00 0.87  ? 70  LYS A CA   1 
ATOM 1165 C C    . LYS A 1 70  ? 12.719  -7.829  -6.942  1.00 1.11  ? 70  LYS A C    1 
ATOM 1166 O O    . LYS A 1 70  ? 13.577  -8.599  -7.327  1.00 1.84  ? 70  LYS A O    1 
ATOM 1167 C CB   . LYS A 1 70  ? 11.086  -7.712  -5.042  1.00 1.07  ? 70  LYS A CB   1 
ATOM 1168 C CG   . LYS A 1 70  ? 11.025  -8.601  -3.798  1.00 1.08  ? 70  LYS A CG   1 
ATOM 1169 C CD   . LYS A 1 70  ? 9.562   -8.914  -3.450  1.00 1.08  ? 70  LYS A CD   1 
ATOM 1170 C CE   . LYS A 1 70  ? 9.489   -10.260 -2.730  1.00 1.82  ? 70  LYS A CE   1 
ATOM 1171 N NZ   . LYS A 1 70  ? 8.312   -10.142 -1.828  1.00 2.28  ? 70  LYS A NZ   1 
ATOM 1172 H H    . LYS A 1 70  ? 12.977  -5.472  -6.059  1.00 0.85  ? 70  LYS A H    1 
ATOM 1173 H HA   . LYS A 1 70  ? 13.208  -8.087  -4.853  1.00 0.92  ? 70  LYS A HA   1 
ATOM 1174 H HB2  . LYS A 1 70  ? 10.631  -6.756  -4.824  1.00 1.64  ? 70  LYS A HB2  1 
ATOM 1175 H HB3  . LYS A 1 70  ? 10.547  -8.189  -5.848  1.00 1.69  ? 70  LYS A HB3  1 
ATOM 1176 H HG2  . LYS A 1 70  ? 11.554  -9.522  -3.989  1.00 1.68  ? 70  LYS A HG2  1 
ATOM 1177 H HG3  . LYS A 1 70  ? 11.485  -8.088  -2.968  1.00 1.66  ? 70  LYS A HG3  1 
ATOM 1178 H HD2  . LYS A 1 70  ? 9.167   -8.141  -2.803  1.00 1.08  ? 70  LYS A HD2  1 
ATOM 1179 H HD3  . LYS A 1 70  ? 8.972   -8.960  -4.354  1.00 1.17  ? 70  LYS A HD3  1 
ATOM 1180 H HE2  . LYS A 1 70  ? 9.343   -11.062 -3.442  1.00 2.22  ? 70  LYS A HE2  1 
ATOM 1181 H HE3  . LYS A 1 70  ? 10.384  -10.428 -2.150  1.00 2.30  ? 70  LYS A HE3  1 
ATOM 1182 H HZ1  . LYS A 1 70  ? 8.347   -9.230  -1.329  1.00 2.75  ? 70  LYS A HZ1  1 
ATOM 1183 H HZ2  . LYS A 1 70  ? 8.326   -10.918 -1.134  1.00 2.66  ? 70  LYS A HZ2  1 
ATOM 1184 H HZ3  . LYS A 1 70  ? 7.438   -10.193 -2.389  1.00 2.52  ? 70  LYS A HZ3  1 
ATOM 1185 N N    . ARG A 1 71  ? 11.917  -7.220  -7.772  1.00 1.09  ? 71  ARG A N    1 
ATOM 1186 C CA   . ARG A 1 71  ? 12.020  -7.450  -9.240  1.00 1.33  ? 71  ARG A CA   1 
ATOM 1187 C C    . ARG A 1 71  ? 11.946  -8.947  -9.564  1.00 0.96  ? 71  ARG A C    1 
ATOM 1188 O O    . ARG A 1 71  ? 11.986  -9.787  -8.687  1.00 1.17  ? 71  ARG A O    1 
ATOM 1189 C CB   . ARG A 1 71  ? 13.389  -6.880  -9.611  1.00 1.95  ? 71  ARG A CB   1 
ATOM 1190 C CG   . ARG A 1 71  ? 13.340  -6.295  -11.018 1.00 2.70  ? 71  ARG A CG   1 
ATOM 1191 C CD   . ARG A 1 71  ? 14.747  -5.871  -11.449 1.00 3.12  ? 71  ARG A CD   1 
ATOM 1192 N NE   . ARG A 1 71  ? 14.561  -5.179  -12.754 1.00 3.97  ? 71  ARG A NE   1 
ATOM 1193 C CZ   . ARG A 1 71  ? 15.133  -5.647  -13.829 1.00 4.49  ? 71  ARG A CZ   1 
ATOM 1194 N NH1  . ARG A 1 71  ? 16.356  -5.298  -14.123 1.00 4.77  ? 71  ARG A NH1  1 
ATOM 1195 N NH2  . ARG A 1 71  ? 14.483  -6.465  -14.608 1.00 5.04  ? 71  ARG A NH2  1 
ATOM 1196 H H    . ARG A 1 71  ? 11.250  -6.590  -7.425  1.00 1.43  ? 71  ARG A H    1 
ATOM 1197 H HA   . ARG A 1 71  ? 11.245  -6.911  -9.761  1.00 1.66  ? 71  ARG A HA   1 
ATOM 1198 H HB2  . ARG A 1 71  ? 13.653  -6.103  -8.909  1.00 2.17  ? 71  ARG A HB2  1 
ATOM 1199 H HB3  . ARG A 1 71  ? 14.129  -7.666  -9.574  1.00 2.15  ? 71  ARG A HB3  1 
ATOM 1200 H HG2  . ARG A 1 71  ? 12.957  -7.035  -11.704 1.00 2.91  ? 71  ARG A HG2  1 
ATOM 1201 H HG3  . ARG A 1 71  ? 12.691  -5.432  -11.017 1.00 3.14  ? 71  ARG A HG3  1 
ATOM 1202 H HD2  . ARG A 1 71  ? 15.173  -5.192  -10.722 1.00 3.32  ? 71  ARG A HD2  1 
ATOM 1203 H HD3  . ARG A 1 71  ? 15.380  -6.735  -11.576 1.00 3.03  ? 71  ARG A HD3  1 
ATOM 1204 H HE   . ARG A 1 71  ? 14.008  -4.371  -12.805 1.00 4.37  ? 71  ARG A HE   1 
ATOM 1205 H HH11 . ARG A 1 71  ? 16.856  -4.674  -13.522 1.00 4.67  ? 71  ARG A HH11 1 
ATOM 1206 H HH12 . ARG A 1 71  ? 16.793  -5.654  -14.948 1.00 5.28  ? 71  ARG A HH12 1 
ATOM 1207 H HH21 . ARG A 1 71  ? 13.547  -6.734  -14.380 1.00 5.05  ? 71  ARG A HH21 1 
ATOM 1208 H HH22 . ARG A 1 71  ? 14.919  -6.822  -15.434 1.00 5.61  ? 71  ARG A HH22 1 
ATOM 1209 N N    . GLY A 1 72  ? 11.832  -9.285  -10.820 1.00 0.97  ? 72  GLY A N    1 
ATOM 1210 C CA   . GLY A 1 72  ? 11.754  -10.724 -11.204 1.00 0.88  ? 72  GLY A CA   1 
ATOM 1211 C C    . GLY A 1 72  ? 10.307  -11.206 -11.089 1.00 0.95  ? 72  GLY A C    1 
ATOM 1212 O O    . GLY A 1 72  ? 9.741   -11.733 -12.025 1.00 1.30  ? 72  GLY A O    1 
ATOM 1213 H H    . GLY A 1 72  ? 11.798  -8.592  -11.513 1.00 1.37  ? 72  GLY A H    1 
ATOM 1214 H HA2  . GLY A 1 72  ? 12.096  -10.844 -12.223 1.00 1.17  ? 72  GLY A HA2  1 
ATOM 1215 H HA3  . GLY A 1 72  ? 12.377  -11.308 -10.544 1.00 0.89  ? 72  GLY A HA3  1 
ATOM 1216 N N    . THR A 1 73  ? 9.707   -11.027 -9.946  1.00 1.23  ? 73  THR A N    1 
ATOM 1217 C CA   . THR A 1 73  ? 8.297   -11.470 -9.764  1.00 1.49  ? 73  THR A CA   1 
ATOM 1218 C C    . THR A 1 73  ? 7.342   -10.300 -10.026 1.00 0.84  ? 73  THR A C    1 
ATOM 1219 O O    . THR A 1 73  ? 7.755   -9.160  -10.092 1.00 1.10  ? 73  THR A O    1 
ATOM 1220 C CB   . THR A 1 73  ? 8.222   -11.938 -8.310  1.00 2.43  ? 73  THR A CB   1 
ATOM 1221 O OG1  . THR A 1 73  ? 6.948   -12.504 -8.073  1.00 3.05  ? 73  THR A OG1  1 
ATOM 1222 C CG2  . THR A 1 73  ? 8.446   -10.755 -7.365  1.00 2.85  ? 73  THR A CG2  1 
ATOM 1223 H H    . THR A 1 73  ? 10.183  -10.598 -9.206  1.00 1.55  ? 73  THR A H    1 
ATOM 1224 H HA   . THR A 1 73  ? 8.074   -12.292 -10.427 1.00 1.85  ? 73  THR A HA   1 
ATOM 1225 H HB   . THR A 1 73  ? 8.983   -12.682 -8.133  1.00 2.86  ? 73  THR A HB   1 
ATOM 1226 H HG1  . THR A 1 73  ? 6.284   -11.848 -8.299  1.00 3.46  ? 73  THR A HG1  1 
ATOM 1227 H HG21 . THR A 1 73  ? 8.163   -11.041 -6.361  1.00 2.96  ? 73  THR A HG21 1 
ATOM 1228 H HG22 . THR A 1 73  ? 7.843   -9.918  -7.682  1.00 3.13  ? 73  THR A HG22 1 
ATOM 1229 H HG23 . THR A 1 73  ? 9.489   -10.476 -7.379  1.00 3.38  ? 73  THR A HG23 1 
ATOM 1230 N N    . LYS A 1 74  ? 6.073   -10.567 -10.193 1.00 0.75  ? 74  LYS A N    1 
ATOM 1231 C CA   . LYS A 1 74  ? 5.119   -9.452  -10.467 1.00 0.67  ? 74  LYS A CA   1 
ATOM 1232 C C    . LYS A 1 74  ? 4.014   -9.384  -9.398  1.00 0.57  ? 74  LYS A C    1 
ATOM 1233 O O    . LYS A 1 74  ? 4.187   -8.769  -8.365  1.00 0.59  ? 74  LYS A O    1 
ATOM 1234 C CB   . LYS A 1 74  ? 4.538   -9.764  -11.849 1.00 1.27  ? 74  LYS A CB   1 
ATOM 1235 C CG   . LYS A 1 74  ? 5.655   -9.697  -12.892 1.00 1.77  ? 74  LYS A CG   1 
ATOM 1236 C CD   . LYS A 1 74  ? 5.072   -9.937  -14.284 1.00 2.42  ? 74  LYS A CD   1 
ATOM 1237 C CE   . LYS A 1 74  ? 6.206   -9.932  -15.312 1.00 3.29  ? 74  LYS A CE   1 
ATOM 1238 N NZ   . LYS A 1 74  ? 5.535   -9.705  -16.622 1.00 4.03  ? 74  LYS A NZ   1 
ATOM 1239 H H    . LYS A 1 74  ? 5.753   -11.493 -10.151 1.00 1.29  ? 74  LYS A H    1 
ATOM 1240 H HA   . LYS A 1 74  ? 5.650   -8.515  -10.506 1.00 1.02  ? 74  LYS A HA   1 
ATOM 1241 H HB2  . LYS A 1 74  ? 4.105   -10.754 -11.843 1.00 1.51  ? 74  LYS A HB2  1 
ATOM 1242 H HB3  . LYS A 1 74  ? 3.777   -9.038  -12.092 1.00 1.82  ? 74  LYS A HB3  1 
ATOM 1243 H HG2  . LYS A 1 74  ? 6.118   -8.721  -12.859 1.00 2.23  ? 74  LYS A HG2  1 
ATOM 1244 H HG3  . LYS A 1 74  ? 6.393   -10.454 -12.676 1.00 1.98  ? 74  LYS A HG3  1 
ATOM 1245 H HD2  . LYS A 1 74  ? 4.571   -10.895 -14.303 1.00 2.62  ? 74  LYS A HD2  1 
ATOM 1246 H HD3  . LYS A 1 74  ? 4.368   -9.156  -14.523 1.00 2.75  ? 74  LYS A HD3  1 
ATOM 1247 H HE2  . LYS A 1 74  ? 6.901   -9.131  -15.099 1.00 3.63  ? 74  LYS A HE2  1 
ATOM 1248 H HE3  . LYS A 1 74  ? 6.715   -10.883 -15.317 1.00 3.60  ? 74  LYS A HE3  1 
ATOM 1249 H HZ1  . LYS A 1 74  ? 4.869   -8.912  -16.539 1.00 4.28  ? 74  LYS A HZ1  1 
ATOM 1250 H HZ2  . LYS A 1 74  ? 5.020   -10.565 -16.901 1.00 4.39  ? 74  LYS A HZ2  1 
ATOM 1251 H HZ3  . LYS A 1 74  ? 6.250   -9.480  -17.344 1.00 4.39  ? 74  LYS A HZ3  1 
ATOM 1252 N N    . THR A 1 75  ? 2.876   -9.989  -9.636  1.00 0.51  ? 75  THR A N    1 
ATOM 1253 C CA   . THR A 1 75  ? 1.776   -9.923  -8.628  1.00 0.46  ? 75  THR A CA   1 
ATOM 1254 C C    . THR A 1 75  ? 2.210   -10.544 -7.309  1.00 0.44  ? 75  THR A C    1 
ATOM 1255 O O    . THR A 1 75  ? 1.869   -10.047 -6.257  1.00 0.41  ? 75  THR A O    1 
ATOM 1256 C CB   . THR A 1 75  ? 0.608   -10.704 -9.238  1.00 0.52  ? 75  THR A CB   1 
ATOM 1257 O OG1  . THR A 1 75  ? 0.422   -10.299 -10.586 1.00 0.94  ? 75  THR A OG1  1 
ATOM 1258 C CG2  . THR A 1 75  ? -0.673  -10.420 -8.443  1.00 0.64  ? 75  THR A CG2  1 
ATOM 1259 H H    . THR A 1 75  ? 2.737   -10.472 -10.475 1.00 0.54  ? 75  THR A H    1 
ATOM 1260 H HA   . THR A 1 75  ? 1.486   -8.901  -8.459  1.00 0.46  ? 75  THR A HA   1 
ATOM 1261 H HB   . THR A 1 75  ? 0.822   -11.760 -9.202  1.00 0.68  ? 75  THR A HB   1 
ATOM 1262 H HG1  . THR A 1 75  ? -0.111  -10.965 -11.025 1.00 1.24  ? 75  THR A HG1  1 
ATOM 1263 H HG21 . THR A 1 75  ? -0.904  -9.364  -8.494  1.00 1.17  ? 75  THR A HG21 1 
ATOM 1264 H HG22 . THR A 1 75  ? -0.530  -10.706 -7.411  1.00 1.26  ? 75  THR A HG22 1 
ATOM 1265 H HG23 . THR A 1 75  ? -1.492  -10.986 -8.862  1.00 1.24  ? 75  THR A HG23 1 
ATOM 1266 N N    . LYS A 1 76  ? 2.954   -11.620 -7.334  1.00 0.49  ? 76  LYS A N    1 
ATOM 1267 C CA   . LYS A 1 76  ? 3.372   -12.238 -6.038  1.00 0.52  ? 76  LYS A CA   1 
ATOM 1268 C C    . LYS A 1 76  ? 3.985   -11.160 -5.155  1.00 0.46  ? 76  LYS A C    1 
ATOM 1269 O O    . LYS A 1 76  ? 3.636   -11.025 -3.999  1.00 0.44  ? 76  LYS A O    1 
ATOM 1270 C CB   . LYS A 1 76  ? 4.394   -13.308 -6.394  1.00 0.63  ? 76  LYS A CB   1 
ATOM 1271 C CG   . LYS A 1 76  ? 3.726   -14.331 -7.304  1.00 1.45  ? 76  LYS A CG   1 
ATOM 1272 C CD   . LYS A 1 76  ? 4.616   -15.566 -7.447  1.00 1.66  ? 76  LYS A CD   1 
ATOM 1273 C CE   . LYS A 1 76  ? 3.945   -16.556 -8.399  1.00 2.55  ? 76  LYS A CE   1 
ATOM 1274 N NZ   . LYS A 1 76  ? 5.052   -17.395 -8.933  1.00 3.04  ? 76  LYS A NZ   1 
ATOM 1275 H H    . LYS A 1 76  ? 3.218   -12.018 -8.188  1.00 0.53  ? 76  LYS A H    1 
ATOM 1276 H HA   . LYS A 1 76  ? 2.521   -12.686 -5.546  1.00 0.53  ? 76  LYS A HA   1 
ATOM 1277 H HB2  . LYS A 1 76  ? 5.226   -12.855 -6.902  1.00 1.10  ? 76  LYS A HB2  1 
ATOM 1278 H HB3  . LYS A 1 76  ? 4.738   -13.796 -5.495  1.00 0.98  ? 76  LYS A HB3  1 
ATOM 1279 H HG2  . LYS A 1 76  ? 2.775   -14.616 -6.882  1.00 2.01  ? 76  LYS A HG2  1 
ATOM 1280 H HG3  . LYS A 1 76  ? 3.569   -13.890 -8.276  1.00 2.05  ? 76  LYS A HG3  1 
ATOM 1281 H HD2  . LYS A 1 76  ? 5.579   -15.274 -7.843  1.00 1.87  ? 76  LYS A HD2  1 
ATOM 1282 H HD3  . LYS A 1 76  ? 4.747   -16.030 -6.481  1.00 1.87  ? 76  LYS A HD3  1 
ATOM 1283 H HE2  . LYS A 1 76  ? 3.233   -17.167 -7.860  1.00 3.01  ? 76  LYS A HE2  1 
ATOM 1284 H HE3  . LYS A 1 76  ? 3.457   -16.030 -9.204  1.00 3.03  ? 76  LYS A HE3  1 
ATOM 1285 H HZ1  . LYS A 1 76  ? 4.657   -18.163 -9.510  1.00 3.50  ? 76  LYS A HZ1  1 
ATOM 1286 H HZ2  . LYS A 1 76  ? 5.593   -17.800 -8.140  1.00 3.20  ? 76  LYS A HZ2  1 
ATOM 1287 H HZ3  . LYS A 1 76  ? 5.679   -16.810 -9.520  1.00 3.38  ? 76  LYS A HZ3  1 
ATOM 1288 N N    . LEU A 1 77  ? 4.857   -10.348 -5.696  1.00 0.49  ? 77  LEU A N    1 
ATOM 1289 C CA   . LEU A 1 77  ? 5.425   -9.244  -4.880  1.00 0.51  ? 77  LEU A CA   1 
ATOM 1290 C C    . LEU A 1 77  ? 4.261   -8.416  -4.345  1.00 0.43  ? 77  LEU A C    1 
ATOM 1291 O O    . LEU A 1 77  ? 4.215   -8.054  -3.191  1.00 0.43  ? 77  LEU A O    1 
ATOM 1292 C CB   . LEU A 1 77  ? 6.283   -8.436  -5.862  1.00 0.63  ? 77  LEU A CB   1 
ATOM 1293 C CG   . LEU A 1 77  ? 6.603   -7.050  -5.285  1.00 1.47  ? 77  LEU A CG   1 
ATOM 1294 C CD1  . LEU A 1 77  ? 7.243   -7.189  -3.904  1.00 1.96  ? 77  LEU A CD1  1 
ATOM 1295 C CD2  . LEU A 1 77  ? 7.569   -6.324  -6.224  1.00 2.42  ? 77  LEU A CD2  1 
ATOM 1296 H H    . LEU A 1 77  ? 5.123   -10.439 -6.635  1.00 0.52  ? 77  LEU A H    1 
ATOM 1297 H HA   . LEU A 1 77  ? 6.026   -9.632  -4.074  1.00 0.56  ? 77  LEU A HA   1 
ATOM 1298 H HB2  . LEU A 1 77  ? 7.204   -8.967  -6.047  1.00 0.88  ? 77  LEU A HB2  1 
ATOM 1299 H HB3  . LEU A 1 77  ? 5.744   -8.319  -6.791  1.00 0.83  ? 77  LEU A HB3  1 
ATOM 1300 H HG   . LEU A 1 77  ? 5.689   -6.480  -5.200  1.00 2.03  ? 77  LEU A HG   1 
ATOM 1301 H HD11 . LEU A 1 77  ? 8.257   -6.817  -3.938  1.00 2.39  ? 77  LEU A HD11 1 
ATOM 1302 H HD12 . LEU A 1 77  ? 7.250   -8.228  -3.614  1.00 2.31  ? 77  LEU A HD12 1 
ATOM 1303 H HD13 . LEU A 1 77  ? 6.675   -6.619  -3.185  1.00 2.48  ? 77  LEU A HD13 1 
ATOM 1304 H HD21 . LEU A 1 77  ? 7.192   -5.333  -6.432  1.00 2.99  ? 77  LEU A HD21 1 
ATOM 1305 H HD22 . LEU A 1 77  ? 7.655   -6.876  -7.147  1.00 2.83  ? 77  LEU A HD22 1 
ATOM 1306 H HD23 . LEU A 1 77  ? 8.539   -6.250  -5.755  1.00 2.87  ? 77  LEU A HD23 1 
ATOM 1307 N N    . MET A 1 78  ? 3.304   -8.145  -5.188  1.00 0.41  ? 78  MET A N    1 
ATOM 1308 C CA   . MET A 1 78  ? 2.127   -7.374  -4.717  1.00 0.41  ? 78  MET A CA   1 
ATOM 1309 C C    . MET A 1 78  ? 1.442   -8.198  -3.636  1.00 0.37  ? 78  MET A C    1 
ATOM 1310 O O    . MET A 1 78  ? 1.044   -7.684  -2.609  1.00 0.38  ? 78  MET A O    1 
ATOM 1311 C CB   . MET A 1 78  ? 1.237   -7.173  -5.939  1.00 0.46  ? 78  MET A CB   1 
ATOM 1312 C CG   . MET A 1 78  ? 1.977   -6.289  -6.935  1.00 0.67  ? 78  MET A CG   1 
ATOM 1313 S SD   . MET A 1 78  ? 0.888   -5.908  -8.330  1.00 1.05  ? 78  MET A SD   1 
ATOM 1314 C CE   . MET A 1 78  ? 2.132   -5.131  -9.390  1.00 1.22  ? 78  MET A CE   1 
ATOM 1315 H H    . MET A 1 78  ? 3.371   -8.472  -6.114  1.00 0.42  ? 78  MET A H    1 
ATOM 1316 H HA   . MET A 1 78  ? 2.439   -6.419  -4.321  1.00 0.47  ? 78  MET A HA   1 
ATOM 1317 H HB2  . MET A 1 78  ? 1.012   -8.124  -6.392  1.00 0.55  ? 78  MET A HB2  1 
ATOM 1318 H HB3  . MET A 1 78  ? 0.320   -6.688  -5.643  1.00 0.56  ? 78  MET A HB3  1 
ATOM 1319 H HG2  . MET A 1 78  ? 2.276   -5.375  -6.443  1.00 1.09  ? 78  MET A HG2  1 
ATOM 1320 H HG3  . MET A 1 78  ? 2.855   -6.809  -7.290  1.00 1.22  ? 78  MET A HG3  1 
ATOM 1321 H HE1  . MET A 1 78  ? 2.508   -4.239  -8.908  1.00 1.72  ? 78  MET A HE1  1 
ATOM 1322 H HE2  . MET A 1 78  ? 1.685   -4.865  -10.334 1.00 1.88  ? 78  MET A HE2  1 
ATOM 1323 H HE3  . MET A 1 78  ? 2.943   -5.825  -9.560  1.00 1.65  ? 78  MET A HE3  1 
ATOM 1324 N N    . ILE A 1 79  ? 1.348   -9.490  -3.833  1.00 0.35  ? 79  ILE A N    1 
ATOM 1325 C CA   . ILE A 1 79  ? 0.739   -10.338 -2.769  1.00 0.37  ? 79  ILE A CA   1 
ATOM 1326 C C    . ILE A 1 79  ? 1.581   -10.185 -1.502  1.00 0.33  ? 79  ILE A C    1 
ATOM 1327 O O    . ILE A 1 79  ? 1.064   -9.970  -0.424  1.00 0.35  ? 79  ILE A O    1 
ATOM 1328 C CB   . ILE A 1 79  ? 0.796   -11.793 -3.262  1.00 0.42  ? 79  ILE A CB   1 
ATOM 1329 C CG1  . ILE A 1 79  ? 0.113   -11.958 -4.632  1.00 0.89  ? 79  ILE A CG1  1 
ATOM 1330 C CG2  . ILE A 1 79  ? 0.090   -12.696 -2.249  1.00 0.79  ? 79  ILE A CG2  1 
ATOM 1331 C CD1  . ILE A 1 79  ? -1.215  -11.195 -4.690  1.00 0.70  ? 79  ILE A CD1  1 
ATOM 1332 H H    . ILE A 1 79  ? 1.707   -9.895  -4.656  1.00 0.36  ? 79  ILE A H    1 
ATOM 1333 H HA   . ILE A 1 79  ? -0.282  -10.042 -2.584  1.00 0.42  ? 79  ILE A HA   1 
ATOM 1334 H HB   . ILE A 1 79  ? 1.830   -12.096 -3.341  1.00 0.65  ? 79  ILE A HB   1 
ATOM 1335 H HG12 . ILE A 1 79  ? 0.765   -11.594 -5.401  1.00 1.58  ? 79  ILE A HG12 1 
ATOM 1336 H HG13 . ILE A 1 79  ? -0.079  -13.008 -4.802  1.00 1.53  ? 79  ILE A HG13 1 
ATOM 1337 H HG21 . ILE A 1 79  ? 0.815   -13.087 -1.549  1.00 1.32  ? 79  ILE A HG21 1 
ATOM 1338 H HG22 . ILE A 1 79  ? -0.386  -13.515 -2.768  1.00 1.37  ? 79  ILE A HG22 1 
ATOM 1339 H HG23 . ILE A 1 79  ? -0.655  -12.125 -1.715  1.00 1.34  ? 79  ILE A HG23 1 
ATOM 1340 H HD11 . ILE A 1 79  ? -1.954  -11.698 -4.080  1.00 1.34  ? 79  ILE A HD11 1 
ATOM 1341 H HD12 . ILE A 1 79  ? -1.555  -11.168 -5.712  1.00 1.07  ? 79  ILE A HD12 1 
ATOM 1342 H HD13 . ILE A 1 79  ? -1.078  -10.186 -4.333  1.00 1.45  ? 79  ILE A HD13 1 
ATOM 1343 N N    . GLU A 1 80  ? 2.885   -10.272 -1.628  1.00 0.32  ? 80  GLU A N    1 
ATOM 1344 C CA   . GLU A 1 80  ? 3.748   -10.105 -0.425  1.00 0.33  ? 80  GLU A CA   1 
ATOM 1345 C C    . GLU A 1 80  ? 3.605   -8.675  0.088   1.00 0.30  ? 80  GLU A C    1 
ATOM 1346 O O    . GLU A 1 80  ? 3.374   -8.448  1.256   1.00 0.30  ? 80  GLU A O    1 
ATOM 1347 C CB   . GLU A 1 80  ? 5.175   -10.376 -0.908  1.00 0.36  ? 80  GLU A CB   1 
ATOM 1348 C CG   . GLU A 1 80  ? 5.295   -11.838 -1.344  1.00 1.06  ? 80  GLU A CG   1 
ATOM 1349 C CD   . GLU A 1 80  ? 4.970   -12.755 -0.162  1.00 1.67  ? 80  GLU A CD   1 
ATOM 1350 O OE1  . GLU A 1 80  ? 4.987   -12.274 0.959   1.00 2.10  ? 80  GLU A OE1  1 
ATOM 1351 O OE2  . GLU A 1 80  ? 4.708   -13.922 -0.399  1.00 2.38  ? 80  GLU A OE2  1 
ATOM 1352 H H    . GLU A 1 80  ? 3.291   -10.428 -2.508  1.00 0.32  ? 80  GLU A H    1 
ATOM 1353 H HA   . GLU A 1 80  ? 3.471   -10.810 0.342   1.00 0.35  ? 80  GLU A HA   1 
ATOM 1354 H HB2  . GLU A 1 80  ? 5.402   -9.729  -1.743  1.00 0.88  ? 80  GLU A HB2  1 
ATOM 1355 H HB3  . GLU A 1 80  ? 5.868   -10.184 -0.104  1.00 0.87  ? 80  GLU A HB3  1 
ATOM 1356 H HG2  . GLU A 1 80  ? 4.603   -12.031 -2.152  1.00 1.46  ? 80  GLU A HG2  1 
ATOM 1357 H HG3  . GLU A 1 80  ? 6.303   -12.031 -1.679  1.00 1.59  ? 80  GLU A HG3  1 
ATOM 1358 N N    . LEU A 1 81  ? 3.724   -7.700  -0.776  1.00 0.30  ? 81  LEU A N    1 
ATOM 1359 C CA   . LEU A 1 81  ? 3.568   -6.297  -0.307  1.00 0.30  ? 81  LEU A CA   1 
ATOM 1360 C C    . LEU A 1 81  ? 2.190   -6.145  0.328   1.00 0.27  ? 81  LEU A C    1 
ATOM 1361 O O    . LEU A 1 81  ? 2.050   -5.567  1.387   1.00 0.26  ? 81  LEU A O    1 
ATOM 1362 C CB   . LEU A 1 81  ? 3.696   -5.429  -1.558  1.00 0.36  ? 81  LEU A CB   1 
ATOM 1363 C CG   . LEU A 1 81  ? 3.697   -3.956  -1.153  1.00 0.43  ? 81  LEU A CG   1 
ATOM 1364 C CD1  . LEU A 1 81  ? 5.090   -3.565  -0.656  1.00 0.52  ? 81  LEU A CD1  1 
ATOM 1365 C CD2  . LEU A 1 81  ? 3.326   -3.095  -2.361  1.00 0.50  ? 81  LEU A CD2  1 
ATOM 1366 H H    . LEU A 1 81  ? 3.926   -7.891  -1.724  1.00 0.31  ? 81  LEU A H    1 
ATOM 1367 H HA   . LEU A 1 81  ? 4.336   -6.045  0.407   1.00 0.32  ? 81  LEU A HA   1 
ATOM 1368 H HB2  . LEU A 1 81  ? 4.620   -5.665  -2.066  1.00 0.40  ? 81  LEU A HB2  1 
ATOM 1369 H HB3  . LEU A 1 81  ? 2.863   -5.619  -2.218  1.00 0.37  ? 81  LEU A HB3  1 
ATOM 1370 H HG   . LEU A 1 81  ? 2.977   -3.802  -0.361  1.00 0.45  ? 81  LEU A HG   1 
ATOM 1371 H HD11 . LEU A 1 81  ? 5.039   -3.300  0.390   1.00 1.14  ? 81  LEU A HD11 1 
ATOM 1372 H HD12 . LEU A 1 81  ? 5.450   -2.720  -1.224  1.00 1.11  ? 81  LEU A HD12 1 
ATOM 1373 H HD13 . LEU A 1 81  ? 5.764   -4.399  -0.784  1.00 1.19  ? 81  LEU A HD13 1 
ATOM 1374 H HD21 . LEU A 1 81  ? 4.136   -3.110  -3.075  1.00 1.20  ? 81  LEU A HD21 1 
ATOM 1375 H HD22 . LEU A 1 81  ? 3.149   -2.080  -2.039  1.00 1.19  ? 81  LEU A HD22 1 
ATOM 1376 H HD23 . LEU A 1 81  ? 2.431   -3.487  -2.823  1.00 0.95  ? 81  LEU A HD23 1 
ATOM 1377 N N    . ALA A 1 82  ? 1.169   -6.690  -0.281  1.00 0.27  ? 82  ALA A N    1 
ATOM 1378 C CA   . ALA A 1 82  ? -0.179  -6.597  0.333   1.00 0.27  ? 82  ALA A CA   1 
ATOM 1379 C C    . ALA A 1 82  ? -0.154  -7.351  1.659   1.00 0.24  ? 82  ALA A C    1 
ATOM 1380 O O    . ALA A 1 82  ? -0.802  -6.980  2.606   1.00 0.24  ? 82  ALA A O    1 
ATOM 1381 C CB   . ALA A 1 82  ? -1.125  -7.274  -0.657  1.00 0.32  ? 82  ALA A CB   1 
ATOM 1382 H H    . ALA A 1 82  ? 1.274   -7.175  -1.126  1.00 0.29  ? 82  ALA A H    1 
ATOM 1383 H HA   . ALA A 1 82  ? -0.462  -5.567  0.482   1.00 0.28  ? 82  ALA A HA   1 
ATOM 1384 H HB1  . ALA A 1 82  ? -2.146  -7.012  -0.417  1.00 1.09  ? 82  ALA A HB1  1 
ATOM 1385 H HB2  . ALA A 1 82  ? -1.005  -8.346  -0.594  1.00 1.05  ? 82  ALA A HB2  1 
ATOM 1386 H HB3  . ALA A 1 82  ? -0.895  -6.943  -1.659  1.00 1.05  ? 82  ALA A HB3  1 
ATOM 1387 N N    . ARG A 1 83  ? 0.592   -8.419  1.726   1.00 0.25  ? 83  ARG A N    1 
ATOM 1388 C CA   . ARG A 1 83  ? 0.652   -9.191  2.999   1.00 0.27  ? 83  ARG A CA   1 
ATOM 1389 C C    . ARG A 1 83  ? 1.088   -8.256  4.132   1.00 0.25  ? 83  ARG A C    1 
ATOM 1390 O O    . ARG A 1 83  ? 0.488   -8.225  5.189   1.00 0.26  ? 83  ARG A O    1 
ATOM 1391 C CB   . ARG A 1 83  ? 1.699   -10.280 2.758   1.00 0.33  ? 83  ARG A CB   1 
ATOM 1392 C CG   . ARG A 1 83  ? 1.643   -11.299 3.897   1.00 0.61  ? 83  ARG A CG   1 
ATOM 1393 C CD   . ARG A 1 83  ? 2.695   -12.385 3.664   1.00 1.04  ? 83  ARG A CD   1 
ATOM 1394 N NE   . ARG A 1 83  ? 2.453   -13.385 4.740   1.00 1.56  ? 83  ARG A NE   1 
ATOM 1395 C CZ   . ARG A 1 83  ? 3.175   -14.471 4.798   1.00 1.92  ? 83  ARG A CZ   1 
ATOM 1396 N NH1  . ARG A 1 83  ? 3.639   -15.006 3.702   1.00 2.28  ? 83  ARG A NH1  1 
ATOM 1397 N NH2  . ARG A 1 83  ? 3.431   -15.019 5.953   1.00 2.43  ? 83  ARG A NH2  1 
ATOM 1398 H H    . ARG A 1 83  ? 1.095   -8.712  0.938   1.00 0.26  ? 83  ARG A H    1 
ATOM 1399 H HA   . ARG A 1 83  ? -0.306  -9.636  3.218   1.00 0.30  ? 83  ARG A HA   1 
ATOM 1400 H HB2  . ARG A 1 83  ? 1.497   -10.774 1.817   1.00 0.42  ? 83  ARG A HB2  1 
ATOM 1401 H HB3  . ARG A 1 83  ? 2.681   -9.836  2.727   1.00 0.49  ? 83  ARG A HB3  1 
ATOM 1402 H HG2  . ARG A 1 83  ? 1.841   -10.800 4.835   1.00 1.13  ? 83  ARG A HG2  1 
ATOM 1403 H HG3  . ARG A 1 83  ? 0.663   -11.751 3.927   1.00 1.03  ? 83  ARG A HG3  1 
ATOM 1404 H HD2  . ARG A 1 83  ? 2.561   -12.836 2.690   1.00 1.64  ? 83  ARG A HD2  1 
ATOM 1405 H HD3  . ARG A 1 83  ? 3.688   -11.974 3.758   1.00 1.61  ? 83  ARG A HD3  1 
ATOM 1406 H HE   . ARG A 1 83  ? 1.751   -13.228 5.405   1.00 2.17  ? 83  ARG A HE   1 
ATOM 1407 H HH11 . ARG A 1 83  ? 3.442   -14.585 2.817   1.00 2.38  ? 83  ARG A HH11 1 
ATOM 1408 H HH12 . ARG A 1 83  ? 4.191   -15.838 3.748   1.00 2.73  ? 83  ARG A HH12 1 
ATOM 1409 H HH21 . ARG A 1 83  ? 3.075   -14.609 6.792   1.00 2.59  ? 83  ARG A HH21 1 
ATOM 1410 H HH22 . ARG A 1 83  ? 3.984   -15.852 6.000   1.00 2.91  ? 83  ARG A HH22 1 
ATOM 1411 N N    . LYS A 1 84  ? 2.105   -7.462  3.904   1.00 0.25  ? 84  LYS A N    1 
ATOM 1412 C CA   . LYS A 1 84  ? 2.544   -6.495  4.956   1.00 0.28  ? 84  LYS A CA   1 
ATOM 1413 C C    . LYS A 1 84  ? 1.527   -5.359  5.055   1.00 0.24  ? 84  LYS A C    1 
ATOM 1414 O O    . LYS A 1 84  ? 1.088   -4.985  6.124   1.00 0.26  ? 84  LYS A O    1 
ATOM 1415 C CB   . LYS A 1 84  ? 3.893   -5.954  4.474   1.00 0.33  ? 84  LYS A CB   1 
ATOM 1416 C CG   . LYS A 1 84  ? 5.024   -6.814  5.036   1.00 0.83  ? 84  LYS A CG   1 
ATOM 1417 C CD   . LYS A 1 84  ? 5.102   -8.132  4.264   1.00 1.25  ? 84  LYS A CD   1 
ATOM 1418 C CE   . LYS A 1 84  ? 6.284   -8.949  4.786   1.00 1.60  ? 84  LYS A CE   1 
ATOM 1419 N NZ   . LYS A 1 84  ? 6.021   -9.114  6.244   1.00 2.01  ? 84  LYS A NZ   1 
ATOM 1420 H H    . LYS A 1 84  ? 2.551   -7.480  3.031   1.00 0.26  ? 84  LYS A H    1 
ATOM 1421 H HA   . LYS A 1 84  ? 2.655   -6.987  5.909   1.00 0.30  ? 84  LYS A HA   1 
ATOM 1422 H HB2  . LYS A 1 84  ? 3.924   -5.976  3.395   1.00 0.58  ? 84  LYS A HB2  1 
ATOM 1423 H HB3  . LYS A 1 84  ? 4.015   -4.936  4.817   1.00 0.59  ? 84  LYS A HB3  1 
ATOM 1424 H HG2  . LYS A 1 84  ? 5.961   -6.285  4.939   1.00 1.50  ? 84  LYS A HG2  1 
ATOM 1425 H HG3  . LYS A 1 84  ? 4.835   -7.021  6.078   1.00 1.61  ? 84  LYS A HG3  1 
ATOM 1426 H HD2  . LYS A 1 84  ? 4.186   -8.687  4.408   1.00 1.87  ? 84  LYS A HD2  1 
ATOM 1427 H HD3  . LYS A 1 84  ? 5.241   -7.928  3.213   1.00 1.85  ? 84  LYS A HD3  1 
ATOM 1428 H HE2  . LYS A 1 84  ? 6.323   -9.911  4.294   1.00 2.04  ? 84  LYS A HE2  1 
ATOM 1429 H HE3  . LYS A 1 84  ? 7.208   -8.412  4.636   1.00 2.11  ? 84  LYS A HE3  1 
ATOM 1430 H HZ1  . LYS A 1 84  ? 6.327   -8.258  6.750   1.00 2.51  ? 84  LYS A HZ1  1 
ATOM 1431 H HZ2  . LYS A 1 84  ? 6.552   -9.935  6.601   1.00 2.32  ? 84  LYS A HZ2  1 
ATOM 1432 H HZ3  . LYS A 1 84  ? 5.004   -9.262  6.402   1.00 2.38  ? 84  LYS A HZ3  1 
ATOM 1433 N N    . ILE A 1 85  ? 1.146   -4.817  3.932   1.00 0.23  ? 85  ILE A N    1 
ATOM 1434 C CA   . ILE A 1 85  ? 0.148   -3.706  3.923   1.00 0.25  ? 85  ILE A CA   1 
ATOM 1435 C C    . ILE A 1 85  ? -1.187  -4.166  4.521   1.00 0.21  ? 85  ILE A C    1 
ATOM 1436 O O    . ILE A 1 85  ? -1.847  -3.433  5.230   1.00 0.22  ? 85  ILE A O    1 
ATOM 1437 C CB   . ILE A 1 85  ? -0.004  -3.355  2.441   1.00 0.32  ? 85  ILE A CB   1 
ATOM 1438 C CG1  . ILE A 1 85  ? 1.305   -2.742  1.935   1.00 0.46  ? 85  ILE A CG1  1 
ATOM 1439 C CG2  . ILE A 1 85  ? -1.150  -2.367  2.247   1.00 0.46  ? 85  ILE A CG2  1 
ATOM 1440 C CD1  . ILE A 1 85  ? 1.174   -2.401  0.451   1.00 1.14  ? 85  ILE A CD1  1 
ATOM 1441 H H    . ILE A 1 85  ? 1.520   -5.146  3.079   1.00 0.24  ? 85  ILE A H    1 
ATOM 1442 H HA   . ILE A 1 85  ? 0.527   -2.854  4.466   1.00 0.29  ? 85  ILE A HA   1 
ATOM 1443 H HB   . ILE A 1 85  ? -0.214  -4.256  1.885   1.00 0.38  ? 85  ILE A HB   1 
ATOM 1444 H HG12 . ILE A 1 85  ? 1.522   -1.844  2.494   1.00 0.95  ? 85  ILE A HG12 1 
ATOM 1445 H HG13 . ILE A 1 85  ? 2.109   -3.451  2.068   1.00 1.18  ? 85  ILE A HG13 1 
ATOM 1446 H HG21 . ILE A 1 85  ? -1.441  -1.962  3.205   1.00 1.06  ? 85  ILE A HG21 1 
ATOM 1447 H HG22 . ILE A 1 85  ? -1.993  -2.877  1.802   1.00 1.15  ? 85  ILE A HG22 1 
ATOM 1448 H HG23 . ILE A 1 85  ? -0.830  -1.566  1.599   1.00 1.13  ? 85  ILE A HG23 1 
ATOM 1449 H HD11 . ILE A 1 85  ? 2.074   -1.909  0.114   1.00 1.79  ? 85  ILE A HD11 1 
ATOM 1450 H HD12 . ILE A 1 85  ? 0.329   -1.745  0.306   1.00 1.68  ? 85  ILE A HD12 1 
ATOM 1451 H HD13 . ILE A 1 85  ? 1.027   -3.309  -0.114  1.00 1.73  ? 85  ILE A HD13 1 
ATOM 1452 N N    . ALA A 1 86  ? -1.590  -5.365  4.228   1.00 0.22  ? 86  ALA A N    1 
ATOM 1453 C CA   . ALA A 1 86  ? -2.882  -5.879  4.758   1.00 0.28  ? 86  ALA A CA   1 
ATOM 1454 C C    . ALA A 1 86  ? -2.845  -5.897  6.279   1.00 0.27  ? 86  ALA A C    1 
ATOM 1455 O O    . ALA A 1 86  ? -3.827  -5.602  6.933   1.00 0.29  ? 86  ALA A O    1 
ATOM 1456 C CB   . ALA A 1 86  ? -3.005  -7.299  4.204   1.00 0.37  ? 86  ALA A CB   1 
ATOM 1457 H H    . ALA A 1 86  ? -1.042  -5.930  3.653   1.00 0.23  ? 86  ALA A H    1 
ATOM 1458 H HA   . ALA A 1 86  ? -3.701  -5.272  4.410   1.00 0.32  ? 86  ALA A HA   1 
ATOM 1459 H HB1  . ALA A 1 86  ? -3.922  -7.745  4.561   1.00 1.05  ? 86  ALA A HB1  1 
ATOM 1460 H HB2  . ALA A 1 86  ? -2.165  -7.889  4.535   1.00 1.11  ? 86  ALA A HB2  1 
ATOM 1461 H HB3  . ALA A 1 86  ? -3.019  -7.264  3.124   1.00 1.08  ? 86  ALA A HB3  1 
ATOM 1462 N N    . GLU A 1 87  ? -1.724  -6.250  6.854   1.00 0.27  ? 87  GLU A N    1 
ATOM 1463 C CA   . GLU A 1 87  ? -1.676  -6.278  8.338   1.00 0.33  ? 87  GLU A CA   1 
ATOM 1464 C C    . GLU A 1 87  ? -1.986  -4.872  8.840   1.00 0.26  ? 87  GLU A C    1 
ATOM 1465 O O    . GLU A 1 87  ? -2.863  -4.680  9.656   1.00 0.27  ? 87  GLU A O    1 
ATOM 1466 C CB   . GLU A 1 87  ? -0.243  -6.678  8.692   1.00 0.42  ? 87  GLU A CB   1 
ATOM 1467 C CG   . GLU A 1 87  ? -0.126  -6.882  10.205  1.00 1.24  ? 87  GLU A CG   1 
ATOM 1468 C CD   . GLU A 1 87  ? 1.330   -7.181  10.580  1.00 1.79  ? 87  GLU A CD   1 
ATOM 1469 O OE1  . GLU A 1 87  ? 2.164   -7.199  9.688   1.00 2.39  ? 87  GLU A OE1  1 
ATOM 1470 O OE2  . GLU A 1 87  ? 1.586   -7.386  11.755  1.00 2.24  ? 87  GLU A OE2  1 
ATOM 1471 H H    . GLU A 1 87  ? -0.960  -6.500  6.294   1.00 0.27  ? 87  GLU A H    1 
ATOM 1472 H HA   . GLU A 1 87  ? -2.381  -6.993  8.733   1.00 0.39  ? 87  GLU A HA   1 
ATOM 1473 H HB2  . GLU A 1 87  ? 0.009   -7.598  8.183   1.00 0.92  ? 87  GLU A HB2  1 
ATOM 1474 H HB3  . GLU A 1 87  ? 0.435   -5.898  8.382   1.00 0.89  ? 87  GLU A HB3  1 
ATOM 1475 H HG2  . GLU A 1 87  ? -0.451  -5.986  10.713  1.00 1.61  ? 87  GLU A HG2  1 
ATOM 1476 H HG3  . GLU A 1 87  ? -0.748  -7.711  10.504  1.00 1.74  ? 87  GLU A HG3  1 
ATOM 1477 N N    . ILE A 1 88  ? -1.265  -3.884  8.386   1.00 0.26  ? 88  ILE A N    1 
ATOM 1478 C CA   . ILE A 1 88  ? -1.531  -2.508  8.890   1.00 0.30  ? 88  ILE A CA   1 
ATOM 1479 C C    . ILE A 1 88  ? -2.992  -2.130  8.663   1.00 0.26  ? 88  ILE A C    1 
ATOM 1480 O O    . ILE A 1 88  ? -3.629  -1.580  9.539   1.00 0.28  ? 88  ILE A O    1 
ATOM 1481 C CB   . ILE A 1 88  ? -0.591  -1.601  8.111   1.00 0.39  ? 88  ILE A CB   1 
ATOM 1482 C CG1  . ILE A 1 88  ? 0.854   -1.990  8.433   1.00 0.51  ? 88  ILE A CG1  1 
ATOM 1483 C CG2  . ILE A 1 88  ? -0.833  -0.154  8.545   1.00 0.59  ? 88  ILE A CG2  1 
ATOM 1484 C CD1  . ILE A 1 88  ? 1.767   -1.559  7.290   1.00 1.33  ? 88  ILE A CD1  1 
ATOM 1485 H H    . ILE A 1 88  ? -0.487  -4.052  7.807   1.00 0.28  ? 88  ILE A H    1 
ATOM 1486 H HA   . ILE A 1 88  ? -1.299  -2.452  9.940   1.00 0.36  ? 88  ILE A HA   1 
ATOM 1487 H HB   . ILE A 1 88  ? -0.772  -1.704  7.048   1.00 0.35  ? 88  ILE A HB   1 
ATOM 1488 H HG12 . ILE A 1 88  ? 1.163   -1.497  9.344   1.00 1.38  ? 88  ILE A HG12 1 
ATOM 1489 H HG13 . ILE A 1 88  ? 0.924   -3.058  8.565   1.00 0.99  ? 88  ILE A HG13 1 
ATOM 1490 H HG21 . ILE A 1 88  ? -1.699  0.235   8.031   1.00 1.19  ? 88  ILE A HG21 1 
ATOM 1491 H HG22 . ILE A 1 88  ? 0.031   0.444   8.299   1.00 1.14  ? 88  ILE A HG22 1 
ATOM 1492 H HG23 . ILE A 1 88  ? -1.002  -0.123  9.612   1.00 1.26  ? 88  ILE A HG23 1 
ATOM 1493 H HD11 . ILE A 1 88  ? 1.168   -1.233  6.454   1.00 1.95  ? 88  ILE A HD11 1 
ATOM 1494 H HD12 . ILE A 1 88  ? 2.382   -2.394  6.987   1.00 1.88  ? 88  ILE A HD12 1 
ATOM 1495 H HD13 . ILE A 1 88  ? 2.396   -0.751  7.621   1.00 1.89  ? 88  ILE A HD13 1 
ATOM 1496 N N    . ARG A 1 89  ? -3.564  -2.449  7.529   1.00 0.28  ? 89  ARG A N    1 
ATOM 1497 C CA   . ARG A 1 89  ? -5.009  -2.125  7.340   1.00 0.36  ? 89  ARG A CA   1 
ATOM 1498 C C    . ARG A 1 89  ? -5.771  -2.813  8.476   1.00 0.33  ? 89  ARG A C    1 
ATOM 1499 O O    . ARG A 1 89  ? -6.612  -2.236  9.136   1.00 0.36  ? 89  ARG A O    1 
ATOM 1500 C CB   . ARG A 1 89  ? -5.362  -2.743  5.984   1.00 0.47  ? 89  ARG A CB   1 
ATOM 1501 C CG   . ARG A 1 89  ? -6.828  -2.476  5.646   1.00 0.73  ? 89  ARG A CG   1 
ATOM 1502 C CD   . ARG A 1 89  ? -7.175  -3.158  4.320   1.00 0.78  ? 89  ARG A CD   1 
ATOM 1503 N NE   . ARG A 1 89  ? -8.587  -2.773  4.052   1.00 1.11  ? 89  ARG A NE   1 
ATOM 1504 C CZ   . ARG A 1 89  ? -9.558  -3.519  4.498   1.00 1.16  ? 89  ARG A CZ   1 
ATOM 1505 N NH1  . ARG A 1 89  ? -9.594  -4.788  4.196   1.00 1.43  ? 89  ARG A NH1  1 
ATOM 1506 N NH2  . ARG A 1 89  ? -10.488 -2.999  5.251   1.00 1.58  ? 89  ARG A NH2  1 
ATOM 1507 H H    . ARG A 1 89  ? -3.070  -2.920  6.828   1.00 0.28  ? 89  ARG A H    1 
ATOM 1508 H HA   . ARG A 1 89  ? -5.175  -1.061  7.340   1.00 0.44  ? 89  ARG A HA   1 
ATOM 1509 H HB2  . ARG A 1 89  ? -4.734  -2.311  5.219   1.00 0.79  ? 89  ARG A HB2  1 
ATOM 1510 H HB3  . ARG A 1 89  ? -5.195  -3.809  6.023   1.00 0.83  ? 89  ARG A HB3  1 
ATOM 1511 H HG2  . ARG A 1 89  ? -7.457  -2.870  6.429   1.00 1.23  ? 89  ARG A HG2  1 
ATOM 1512 H HG3  . ARG A 1 89  ? -6.991  -1.414  5.551   1.00 1.19  ? 89  ARG A HG3  1 
ATOM 1513 H HD2  . ARG A 1 89  ? -6.528  -2.799  3.531   1.00 1.32  ? 89  ARG A HD2  1 
ATOM 1514 H HD3  . ARG A 1 89  ? -7.097  -4.229  4.416   1.00 1.31  ? 89  ARG A HD3  1 
ATOM 1515 H HE   . ARG A 1 89  ? -8.786  -1.960  3.543   1.00 1.87  ? 89  ARG A HE   1 
ATOM 1516 H HH11 . ARG A 1 89  ? -8.878  -5.186  3.622   1.00 1.66  ? 89  ARG A HH11 1 
ATOM 1517 H HH12 . ARG A 1 89  ? -10.337 -5.363  4.539   1.00 1.72  ? 89  ARG A HH12 1 
ATOM 1518 H HH21 . ARG A 1 89  ? -10.456 -2.028  5.485   1.00 1.81  ? 89  ARG A HH21 1 
ATOM 1519 H HH22 . ARG A 1 89  ? -11.232 -3.572  5.593   1.00 1.95  ? 89  ARG A HH22 1 
ATOM 1520 N N    . GLU A 1 90  ? -5.430  -4.047  8.708   1.00 0.31  ? 90  GLU A N    1 
ATOM 1521 C CA   . GLU A 1 90  ? -6.060  -4.837  9.806   1.00 0.37  ? 90  GLU A CA   1 
ATOM 1522 C C    . GLU A 1 90  ? -5.770  -4.174  11.161  1.00 0.32  ? 90  GLU A C    1 
ATOM 1523 O O    . GLU A 1 90  ? -6.572  -4.233  12.072  1.00 0.37  ? 90  GLU A O    1 
ATOM 1524 C CB   . GLU A 1 90  ? -5.417  -6.226  9.724   1.00 0.44  ? 90  GLU A CB   1 
ATOM 1525 C CG   . GLU A 1 90  ? -6.069  -7.162  10.747  1.00 1.08  ? 90  GLU A CG   1 
ATOM 1526 C CD   . GLU A 1 90  ? -7.506  -7.464  10.323  1.00 1.58  ? 90  GLU A CD   1 
ATOM 1527 O OE1  . GLU A 1 90  ? -7.804  -7.306  9.151   1.00 2.13  ? 90  GLU A OE1  1 
ATOM 1528 O OE2  . GLU A 1 90  ? -8.286  -7.849  11.180  1.00 2.19  ? 90  GLU A OE2  1 
ATOM 1529 H H    . GLU A 1 90  ? -4.752  -4.463  8.134   1.00 0.29  ? 90  GLU A H    1 
ATOM 1530 H HA   . GLU A 1 90  ? -7.123  -4.915  9.647   1.00 0.44  ? 90  GLU A HA   1 
ATOM 1531 H HB2  . GLU A 1 90  ? -5.556  -6.628  8.730   1.00 0.79  ? 90  GLU A HB2  1 
ATOM 1532 H HB3  . GLU A 1 90  ? -4.364  -6.151  9.935   1.00 0.88  ? 90  GLU A HB3  1 
ATOM 1533 H HG2  . GLU A 1 90  ? -5.507  -8.083  10.798  1.00 1.41  ? 90  GLU A HG2  1 
ATOM 1534 H HG3  . GLU A 1 90  ? -6.074  -6.688  11.716  1.00 1.70  ? 90  GLU A HG3  1 
ATOM 1535 N N    . GLN A 1 91  ? -4.639  -3.526  11.295  1.00 0.28  ? 91  GLN A N    1 
ATOM 1536 C CA   . GLN A 1 91  ? -4.343  -2.851  12.597  1.00 0.32  ? 91  GLN A CA   1 
ATOM 1537 C C    . GLN A 1 91  ? -5.426  -1.806  12.856  1.00 0.34  ? 91  GLN A C    1 
ATOM 1538 O O    . GLN A 1 91  ? -5.895  -1.635  13.964  1.00 0.36  ? 91  GLN A O    1 
ATOM 1539 C CB   . GLN A 1 91  ? -2.972  -2.182  12.456  1.00 0.42  ? 91  GLN A CB   1 
ATOM 1540 C CG   . GLN A 1 91  ? -1.879  -3.246  12.333  1.00 1.14  ? 91  GLN A CG   1 
ATOM 1541 C CD   . GLN A 1 91  ? -0.516  -2.562  12.217  1.00 1.51  ? 91  GLN A CD   1 
ATOM 1542 O OE1  . GLN A 1 91  ? -0.438  -1.353  12.114  1.00 1.87  ? 91  GLN A OE1  1 
ATOM 1543 N NE2  . GLN A 1 91  ? 0.568   -3.287  12.225  1.00 2.03  ? 91  GLN A NE2  1 
ATOM 1544 H H    . GLN A 1 91  ? -4.034  -3.458  10.523  1.00 0.27  ? 91  GLN A H    1 
ATOM 1545 H HA   . GLN A 1 91  ? -4.323  -3.574  13.396  1.00 0.38  ? 91  GLN A HA   1 
ATOM 1546 H HB2  . GLN A 1 91  ? -2.965  -1.554  11.580  1.00 0.94  ? 91  GLN A HB2  1 
ATOM 1547 H HB3  . GLN A 1 91  ? -2.780  -1.577  13.330  1.00 0.80  ? 91  GLN A HB3  1 
ATOM 1548 H HG2  . GLN A 1 91  ? -1.893  -3.880  13.206  1.00 1.54  ? 91  GLN A HG2  1 
ATOM 1549 H HG3  . GLN A 1 91  ? -2.055  -3.843  11.454  1.00 1.63  ? 91  GLN A HG3  1 
ATOM 1550 H HE21 . GLN A 1 91  ? 0.505   -4.262  12.306  1.00 2.36  ? 91  GLN A HE21 1 
ATOM 1551 H HE22 . GLN A 1 91  ? 1.445   -2.857  12.150  1.00 2.36  ? 91  GLN A HE22 1 
ATOM 1552 N N    . LYS A 1 92  ? -5.840  -1.122  11.825  1.00 0.41  ? 92  LYS A N    1 
ATOM 1553 C CA   . LYS A 1 92  ? -6.913  -0.102  11.975  1.00 0.54  ? 92  LYS A CA   1 
ATOM 1554 C C    . LYS A 1 92  ? -8.218  -0.790  12.380  1.00 0.57  ? 92  LYS A C    1 
ATOM 1555 O O    . LYS A 1 92  ? -9.058  -0.227  13.050  1.00 0.62  ? 92  LYS A O    1 
ATOM 1556 C CB   . LYS A 1 92  ? -7.046  0.530   10.591  1.00 0.70  ? 92  LYS A CB   1 
ATOM 1557 C CG   . LYS A 1 92  ? -7.997  1.723   10.659  1.00 1.13  ? 92  LYS A CG   1 
ATOM 1558 C CD   . LYS A 1 92  ? -8.142  2.332   9.263   1.00 1.45  ? 92  LYS A CD   1 
ATOM 1559 C CE   . LYS A 1 92  ? -8.979  3.611   9.344   1.00 2.11  ? 92  LYS A CE   1 
ATOM 1560 N NZ   . LYS A 1 92  ? -8.419  4.502   8.289   1.00 2.72  ? 92  LYS A NZ   1 
ATOM 1561 H H    . LYS A 1 92  ? -5.454  -1.296  10.940  1.00 0.42  ? 92  LYS A H    1 
ATOM 1562 H HA   . LYS A 1 92  ? -6.632  0.645   12.701  1.00 0.57  ? 92  LYS A HA   1 
ATOM 1563 H HB2  . LYS A 1 92  ? -6.074  0.861   10.251  1.00 0.78  ? 92  LYS A HB2  1 
ATOM 1564 H HB3  . LYS A 1 92  ? -7.438  -0.201  9.900   1.00 0.86  ? 92  LYS A HB3  1 
ATOM 1565 H HG2  . LYS A 1 92  ? -8.963  1.393   11.014  1.00 1.57  ? 92  LYS A HG2  1 
ATOM 1566 H HG3  . LYS A 1 92  ? -7.598  2.465   11.334  1.00 1.47  ? 92  LYS A HG3  1 
ATOM 1567 H HD2  . LYS A 1 92  ? -7.162  2.565   8.872   1.00 1.85  ? 92  LYS A HD2  1 
ATOM 1568 H HD3  . LYS A 1 92  ? -8.631  1.624   8.611   1.00 1.72  ? 92  LYS A HD3  1 
ATOM 1569 H HE2  . LYS A 1 92  ? -10.018 3.392   9.142   1.00 2.45  ? 92  LYS A HE2  1 
ATOM 1570 H HE3  . LYS A 1 92  ? -8.870  4.072   10.313  1.00 2.58  ? 92  LYS A HE3  1 
ATOM 1571 H HZ1  . LYS A 1 92  ? -7.381  4.505   8.352   1.00 2.95  ? 92  LYS A HZ1  1 
ATOM 1572 H HZ2  . LYS A 1 92  ? -8.778  5.469   8.425   1.00 3.20  ? 92  LYS A HZ2  1 
ATOM 1573 H HZ3  . LYS A 1 92  ? -8.705  4.153   7.353   1.00 3.13  ? 92  LYS A HZ3  1 
ATOM 1574 N N    . ARG A 1 93  ? -8.380  -2.018  11.976  1.00 0.62  ? 93  ARG A N    1 
ATOM 1575 C CA   . ARG A 1 93  ? -9.613  -2.769  12.337  1.00 0.78  ? 93  ARG A CA   1 
ATOM 1576 C C    . ARG A 1 93  ? -9.580  -3.143  13.822  1.00 0.73  ? 93  ARG A C    1 
ATOM 1577 O O    . ARG A 1 93  ? -10.541 -2.968  14.544  1.00 0.85  ? 93  ARG A O    1 
ATOM 1578 C CB   . ARG A 1 93  ? -9.573  -4.018  11.460  1.00 0.96  ? 93  ARG A CB   1 
ATOM 1579 C CG   . ARG A 1 93  ? -10.895 -4.773  11.577  1.00 1.56  ? 93  ARG A CG   1 
ATOM 1580 C CD   . ARG A 1 93  ? -10.834 -6.030  10.708  1.00 1.67  ? 93  ARG A CD   1 
ATOM 1581 N NE   . ARG A 1 93  ? -12.231 -6.535  10.659  1.00 2.21  ? 93  ARG A NE   1 
ATOM 1582 C CZ   . ARG A 1 93  ? -12.805 -6.743  9.507   1.00 2.58  ? 93  ARG A CZ   1 
ATOM 1583 N NH1  . ARG A 1 93  ? -12.786 -5.811  8.593   1.00 3.14  ? 93  ARG A NH1  1 
ATOM 1584 N NH2  . ARG A 1 93  ? -13.390 -7.885  9.265   1.00 2.90  ? 93  ARG A NH2  1 
ATOM 1585 H H    . ARG A 1 93  ? -7.670  -2.450  11.457  1.00 0.59  ? 93  ARG A H    1 
ATOM 1586 H HA   . ARG A 1 93  ? -10.490 -2.186  12.111  1.00 0.88  ? 93  ARG A HA   1 
ATOM 1587 H HB2  . ARG A 1 93  ? -9.414  -3.729  10.431  1.00 1.26  ? 93  ARG A HB2  1 
ATOM 1588 H HB3  . ARG A 1 93  ? -8.766  -4.657  11.783  1.00 1.34  ? 93  ARG A HB3  1 
ATOM 1589 H HG2  . ARG A 1 93  ? -11.059 -5.054  12.608  1.00 2.09  ? 93  ARG A HG2  1 
ATOM 1590 H HG3  . ARG A 1 93  ? -11.703 -4.142  11.241  1.00 2.06  ? 93  ARG A HG3  1 
ATOM 1591 H HD2  . ARG A 1 93  ? -10.488 -5.779  9.714   1.00 1.99  ? 93  ARG A HD2  1 
ATOM 1592 H HD3  . ARG A 1 93  ? -10.189 -6.768  11.157  1.00 1.77  ? 93  ARG A HD3  1 
ATOM 1593 H HE   . ARG A 1 93  ? -12.721 -6.708  11.490  1.00 2.71  ? 93  ARG A HE   1 
ATOM 1594 H HH11 . ARG A 1 93  ? -12.333 -4.938  8.779   1.00 3.27  ? 93  ARG A HH11 1 
ATOM 1595 H HH12 . ARG A 1 93  ? -13.225 -5.968  7.709   1.00 3.70  ? 93  ARG A HH12 1 
ATOM 1596 H HH21 . ARG A 1 93  ? -13.398 -8.600  9.964   1.00 2.97  ? 93  ARG A HH21 1 
ATOM 1597 H HH22 . ARG A 1 93  ? -13.828 -8.044  8.381   1.00 3.38  ? 93  ARG A HH22 1 
ATOM 1598 N N    . GLU A 1 94  ? -8.468  -3.659  14.275  1.00 0.66  ? 94  GLU A N    1 
ATOM 1599 C CA   . GLU A 1 94  ? -8.342  -4.058  15.709  1.00 0.77  ? 94  GLU A CA   1 
ATOM 1600 C C    . GLU A 1 94  ? -8.555  -2.854  16.626  1.00 0.80  ? 94  GLU A C    1 
ATOM 1601 O O    . GLU A 1 94  ? -9.174  -2.958  17.662  1.00 1.00  ? 94  GLU A O    1 
ATOM 1602 C CB   . GLU A 1 94  ? -6.912  -4.573  15.850  1.00 0.89  ? 94  GLU A CB   1 
ATOM 1603 C CG   . GLU A 1 94  ? -6.705  -5.107  17.266  1.00 1.54  ? 94  GLU A CG   1 
ATOM 1604 C CD   . GLU A 1 94  ? -7.552  -6.366  17.464  1.00 2.15  ? 94  GLU A CD   1 
ATOM 1605 O OE1  . GLU A 1 94  ? -7.885  -6.994  16.472  1.00 2.67  ? 94  GLU A OE1  1 
ATOM 1606 O OE2  . GLU A 1 94  ? -7.851  -6.680  18.603  1.00 2.75  ? 94  GLU A OE2  1 
ATOM 1607 H H    . GLU A 1 94  ? -7.714  -3.790  13.664  1.00 0.61  ? 94  GLU A H    1 
ATOM 1608 H HA   . GLU A 1 94  ? -9.041  -4.844  15.947  1.00 0.95  ? 94  GLU A HA   1 
ATOM 1609 H HB2  . GLU A 1 94  ? -6.740  -5.365  15.134  1.00 1.25  ? 94  GLU A HB2  1 
ATOM 1610 H HB3  . GLU A 1 94  ? -6.220  -3.765  15.667  1.00 1.41  ? 94  GLU A HB3  1 
ATOM 1611 H HG2  . GLU A 1 94  ? -5.662  -5.345  17.415  1.00 1.98  ? 94  GLU A HG2  1 
ATOM 1612 H HG3  . GLU A 1 94  ? -7.009  -4.357  17.980  1.00 2.10  ? 94  GLU A HG3  1 
ATOM 1613 N N    . GLN A 1 95  ? -8.046  -1.716  16.248  1.00 0.82  ? 95  GLN A N    1 
ATOM 1614 C CA   . GLN A 1 95  ? -8.218  -0.495  17.089  1.00 1.13  ? 95  GLN A CA   1 
ATOM 1615 C C    . GLN A 1 95  ? -8.813  0.608   16.210  1.00 1.95  ? 95  GLN A C    1 
ATOM 1616 O O    . GLN A 1 95  ? -8.381  0.799   15.092  1.00 2.80  ? 95  GLN A O    1 
ATOM 1617 C CB   . GLN A 1 95  ? -6.801  -0.128  17.545  1.00 2.24  ? 95  GLN A CB   1 
ATOM 1618 C CG   . GLN A 1 95  ? -6.136  -1.345  18.205  1.00 2.98  ? 95  GLN A CG   1 
ATOM 1619 C CD   . GLN A 1 95  ? -4.704  -1.000  18.646  1.00 4.30  ? 95  GLN A CD   1 
ATOM 1620 O OE1  . GLN A 1 95  ? -3.902  -1.887  18.867  1.00 4.80  ? 95  GLN A OE1  1 
ATOM 1621 N NE2  . GLN A 1 95  ? -4.345  0.249   18.802  1.00 5.17  ? 95  GLN A NE2  1 
ATOM 1622 H H    . GLN A 1 95  ? -7.550  -1.661  15.404  1.00 0.77  ? 95  GLN A H    1 
ATOM 1623 H HA   . GLN A 1 95  ? -8.852  -0.697  17.939  1.00 1.15  ? 95  GLN A HA   1 
ATOM 1624 H HB2  . GLN A 1 95  ? -6.217  0.182   16.691  1.00 2.77  ? 95  GLN A HB2  1 
ATOM 1625 H HB3  . GLN A 1 95  ? -6.854  0.679   18.260  1.00 2.75  ? 95  GLN A HB3  1 
ATOM 1626 H HG2  . GLN A 1 95  ? -6.713  -1.645  19.068  1.00 3.08  ? 95  GLN A HG2  1 
ATOM 1627 H HG3  . GLN A 1 95  ? -6.103  -2.160  17.496  1.00 3.10  ? 95  GLN A HG3  1 
ATOM 1628 H HE21 . GLN A 1 95  ? -4.985  0.971   18.642  1.00 5.14  ? 95  GLN A HE21 1 
ATOM 1629 H HE22 . GLN A 1 95  ? -3.431  0.461   19.082  1.00 6.03  ? 95  GLN A HE22 1 
ATOM 1630 N N    . LYS A 1 96  ? -9.804  1.325   16.672  1.00 2.35  ? 96  LYS A N    1 
ATOM 1631 C CA   . LYS A 1 96  ? -10.397 2.378   15.789  1.00 3.63  ? 96  LYS A CA   1 
ATOM 1632 C C    . LYS A 1 96  ? -10.272 3.770   16.403  1.00 4.06  ? 96  LYS A C    1 
ATOM 1633 O O    . LYS A 1 96  ? -11.181 4.576   16.319  1.00 4.45  ? 96  LYS A O    1 
ATOM 1634 C CB   . LYS A 1 96  ? -11.864 1.978   15.626  1.00 4.38  ? 96  LYS A CB   1 
ATOM 1635 C CG   . LYS A 1 96  ? -12.091 1.476   14.196  1.00 5.32  ? 96  LYS A CG   1 
ATOM 1636 C CD   . LYS A 1 96  ? -13.316 0.560   14.154  1.00 6.30  ? 96  LYS A CD   1 
ATOM 1637 C CE   . LYS A 1 96  ? -12.873 -0.870  13.825  1.00 7.29  ? 96  LYS A CE   1 
ATOM 1638 N NZ   . LYS A 1 96  ? -13.316 -1.690  14.987  1.00 8.06  ? 96  LYS A NZ   1 
ATOM 1639 H H    . LYS A 1 96  ? -10.168 1.163   17.579  1.00 2.14  ? 96  LYS A H    1 
ATOM 1640 H HA   . LYS A 1 96  ? -9.913  2.361   14.825  1.00 4.08  ? 96  LYS A HA   1 
ATOM 1641 H HB2  . LYS A 1 96  ? -12.106 1.194   16.329  1.00 4.36  ? 96  LYS A HB2  1 
ATOM 1642 H HB3  . LYS A 1 96  ? -12.495 2.835   15.810  1.00 4.75  ? 96  LYS A HB3  1 
ATOM 1643 H HG2  . LYS A 1 96  ? -12.255 2.322   13.543  1.00 5.58  ? 96  LYS A HG2  1 
ATOM 1644 H HG3  . LYS A 1 96  ? -11.221 0.929   13.864  1.00 5.39  ? 96  LYS A HG3  1 
ATOM 1645 H HD2  . LYS A 1 96  ? -13.810 0.574   15.114  1.00 6.43  ? 96  LYS A HD2  1 
ATOM 1646 H HD3  . LYS A 1 96  ? -13.998 0.905   13.391  1.00 6.46  ? 96  LYS A HD3  1 
ATOM 1647 H HE2  . LYS A 1 96  ? -13.352 -1.211  12.918  1.00 7.40  ? 96  LYS A HE2  1 
ATOM 1648 H HE3  . LYS A 1 96  ? -11.800 -0.920  13.725  1.00 7.59  ? 96  LYS A HE3  1 
ATOM 1649 H HZ1  . LYS A 1 96  ? -12.818 -2.602  14.978  1.00 8.41  ? 96  LYS A HZ1  1 
ATOM 1650 H HZ2  . LYS A 1 96  ? -14.342 -1.853  14.925  1.00 8.30  ? 96  LYS A HZ2  1 
ATOM 1651 H HZ3  . LYS A 1 96  ? -13.097 -1.187  15.871  1.00 8.25  ? 96  LYS A HZ3  1 
ATOM 1652 N N    . LYS A 1 97  ? -9.160  4.075   17.024  1.00 4.43  ? 97  LYS A N    1 
ATOM 1653 C CA   . LYS A 1 97  ? -9.003  5.430   17.631  1.00 5.10  ? 97  LYS A CA   1 
ATOM 1654 C C    . LYS A 1 97  ? -10.200 5.734   18.545  1.00 4.69  ? 97  LYS A C    1 
ATOM 1655 O O    . LYS A 1 97  ? -10.481 6.868   18.872  1.00 4.65  ? 97  LYS A O    1 
ATOM 1656 C CB   . LYS A 1 97  ? -8.980  6.375   16.431  1.00 6.18  ? 97  LYS A CB   1 
ATOM 1657 C CG   . LYS A 1 97  ? -8.631  7.790   16.887  1.00 6.96  ? 97  LYS A CG   1 
ATOM 1658 C CD   . LYS A 1 97  ? -8.562  8.700   15.663  1.00 8.06  ? 97  LYS A CD   1 
ATOM 1659 C CE   . LYS A 1 97  ? -7.934  10.035  16.061  1.00 8.94  ? 97  LYS A CE   1 
ATOM 1660 N NZ   . LYS A 1 97  ? -9.050  10.827  16.654  1.00 9.87  ? 97  LYS A NZ   1 
ATOM 1661 H H    . LYS A 1 97  ? -8.433  3.419   17.086  1.00 4.52  ? 97  LYS A H    1 
ATOM 1662 H HA   . LYS A 1 97  ? -8.077  5.500   18.179  1.00 5.43  ? 97  LYS A HA   1 
ATOM 1663 H HB2  . LYS A 1 97  ? -8.241  6.034   15.719  1.00 6.36  ? 97  LYS A HB2  1 
ATOM 1664 H HB3  . LYS A 1 97  ? -9.953  6.382   15.964  1.00 6.53  ? 97  LYS A HB3  1 
ATOM 1665 H HG2  . LYS A 1 97  ? -9.391  8.153   17.561  1.00 7.02  ? 97  LYS A HG2  1 
ATOM 1666 H HG3  . LYS A 1 97  ? -7.674  7.786   17.386  1.00 6.95  ? 97  LYS A HG3  1 
ATOM 1667 H HD2  . LYS A 1 97  ? -7.960  8.230   14.899  1.00 8.28  ? 97  LYS A HD2  1 
ATOM 1668 H HD3  . LYS A 1 97  ? -9.558  8.872   15.283  1.00 8.23  ? 97  LYS A HD3  1 
ATOM 1669 H HE2  . LYS A 1 97  ? -7.152  9.875   16.793  1.00 8.94  ? 97  LYS A HE2  1 
ATOM 1670 H HE3  . LYS A 1 97  ? -7.540  10.540  15.194  1.00 9.12  ? 97  LYS A HE3  1 
ATOM 1671 H HZ1  . LYS A 1 97  ? -8.662  11.557  17.283  1.00 10.13 ? 97  LYS A HZ1  1 
ATOM 1672 H HZ2  . LYS A 1 97  ? -9.673  10.195  17.199  1.00 10.21 ? 97  LYS A HZ2  1 
ATOM 1673 H HZ3  . LYS A 1 97  ? -9.595  11.281  15.893  1.00 10.11 ? 97  LYS A HZ3  1 
ATOM 1674 N N    . ASP A 1 98  ? -10.895 4.715   18.964  1.00 4.83  ? 98  ASP A N    1 
ATOM 1675 C CA   . ASP A 1 98  ? -12.065 4.905   19.855  1.00 5.02  ? 98  ASP A CA   1 
ATOM 1676 C C    . ASP A 1 98  ? -12.036 3.819   20.922  1.00 4.17  ? 98  ASP A C    1 
ATOM 1677 O O    . ASP A 1 98  ? -12.216 4.076   22.094  1.00 4.52  ? 98  ASP A O    1 
ATOM 1678 C CB   . ASP A 1 98  ? -13.290 4.731   18.954  1.00 5.88  ? 98  ASP A CB   1 
ATOM 1679 C CG   . ASP A 1 98  ? -13.404 5.907   17.980  1.00 6.06  ? 98  ASP A CG   1 
ATOM 1680 O OD1  . ASP A 1 98  ? -12.796 6.931   18.242  1.00 6.22  ? 98  ASP A OD1  1 
ATOM 1681 O OD2  . ASP A 1 98  ? -14.098 5.764   16.989  1.00 6.38  ? 98  ASP A OD2  1 
ATOM 1682 H H    . ASP A 1 98  ? -10.636 3.812   18.704  1.00 5.13  ? 98  ASP A H    1 
ATOM 1683 H HA   . ASP A 1 98  ? -12.058 5.887   20.301  1.00 5.52  ? 98  ASP A HA   1 
ATOM 1684 H HB2  . ASP A 1 98  ? -13.192 3.813   18.395  1.00 6.08  ? 98  ASP A HB2  1 
ATOM 1685 H HB3  . ASP A 1 98  ? -14.181 4.686   19.562  1.00 6.08  ? 98  ASP A HB3  1 
ATOM 1686 N N    . LYS A 1 99  ? -11.791 2.599   20.522  1.00 3.33  ? 99  LYS A N    1 
ATOM 1687 C CA   . LYS A 1 99  ? -11.730 1.501   21.516  1.00 2.94  ? 99  LYS A CA   1 
ATOM 1688 C C    . LYS A 1 99  ? -10.585 1.758   22.490  1.00 2.75  ? 99  LYS A C    1 
ATOM 1689 O O    . LYS A 1 99  ? -10.651 1.426   23.656  1.00 3.11  ? 99  LYS A O    1 
ATOM 1690 C CB   . LYS A 1 99  ? -11.460 0.228   20.719  1.00 2.99  ? 99  LYS A CB   1 
ATOM 1691 C CG   . LYS A 1 99  ? -12.649 -0.076  19.808  1.00 4.01  ? 99  LYS A CG   1 
ATOM 1692 C CD   . LYS A 1 99  ? -12.654 -1.571  19.473  1.00 4.80  ? 99  LYS A CD   1 
ATOM 1693 C CE   . LYS A 1 99  ? -11.331 -1.954  18.806  1.00 5.65  ? 99  LYS A CE   1 
ATOM 1694 N NZ   . LYS A 1 99  ? -10.734 -2.993  19.693  1.00 6.52  ? 99  LYS A NZ   1 
ATOM 1695 H H    . LYS A 1 99  ? -11.636 2.411   19.572  1.00 3.25  ? 99  LYS A H    1 
ATOM 1696 H HA   . LYS A 1 99  ? -12.664 1.418   22.034  1.00 3.46  ? 99  LYS A HA   1 
ATOM 1697 H HB2  . LYS A 1 99  ? -10.574 0.365   20.118  1.00 2.92  ? 99  LYS A HB2  1 
ATOM 1698 H HB3  . LYS A 1 99  ? -11.309 -0.598  21.399  1.00 3.00  ? 99  LYS A HB3  1 
ATOM 1699 H HG2  . LYS A 1 99  ? -13.567 0.186   20.313  1.00 4.39  ? 99  LYS A HG2  1 
ATOM 1700 H HG3  . LYS A 1 99  ? -12.562 0.496   18.896  1.00 4.31  ? 99  LYS A HG3  1 
ATOM 1701 H HD2  . LYS A 1 99  ? -12.778 -2.141  20.382  1.00 5.01  ? 99  LYS A HD2  1 
ATOM 1702 H HD3  . LYS A 1 99  ? -13.468 -1.786  18.799  1.00 4.99  ? 99  LYS A HD3  1 
ATOM 1703 H HE2  . LYS A 1 99  ? -11.511 -2.357  17.819  1.00 5.82  ? 99  LYS A HE2  1 
ATOM 1704 H HE3  . LYS A 1 99  ? -10.675 -1.098  18.750  1.00 5.81  ? 99  LYS A HE3  1 
ATOM 1705 H HZ1  . LYS A 1 99  ? -10.609 -2.604  20.650  1.00 6.74  ? 99  LYS A HZ1  1 
ATOM 1706 H HZ2  . LYS A 1 99  ? -9.810  -3.281  19.313  1.00 6.93  ? 99  LYS A HZ2  1 
ATOM 1707 H HZ3  . LYS A 1 99  ? -11.365 -3.818  19.736  1.00 6.78  ? 99  LYS A HZ3  1 
ATOM 1708 N N    . LYS A 1 100 ? -9.527  2.340   22.002  1.00 2.97  ? 100 LYS A N    1 
ATOM 1709 C CA   . LYS A 1 100 ? -8.355  2.617   22.866  1.00 3.59  ? 100 LYS A CA   1 
ATOM 1710 C C    . LYS A 1 100 ? -8.403  4.067   23.376  1.00 3.89  ? 100 LYS A C    1 
ATOM 1711 O O    . LYS A 1 100 ? -7.820  4.406   24.388  1.00 4.30  ? 100 LYS A O    1 
ATOM 1712 C CB   . LYS A 1 100 ? -7.160  2.392   21.932  1.00 4.26  ? 100 LYS A CB   1 
ATOM 1713 C CG   . LYS A 1 100 ? -7.072  3.536   20.917  1.00 4.83  ? 100 LYS A CG   1 
ATOM 1714 C CD   . LYS A 1 100 ? -5.987  3.230   19.888  1.00 5.90  ? 100 LYS A CD   1 
ATOM 1715 C CE   . LYS A 1 100 ? -4.805  4.173   20.111  1.00 6.81  ? 100 LYS A CE   1 
ATOM 1716 N NZ   . LYS A 1 100 ? -5.150  5.407   19.352  1.00 7.73  ? 100 LYS A NZ   1 
ATOM 1717 H H    . LYS A 1 100 ? -9.501  2.587   21.055  1.00 3.21  ? 100 LYS A H    1 
ATOM 1718 H HA   . LYS A 1 100 ? -8.319  1.922   23.689  1.00 3.90  ? 100 LYS A HA   1 
ATOM 1719 H HB2  . LYS A 1 100 ? -6.250  2.347   22.509  1.00 4.47  ? 100 LYS A HB2  1 
ATOM 1720 H HB3  . LYS A 1 100 ? -7.297  1.462   21.401  1.00 4.65  ? 100 LYS A HB3  1 
ATOM 1721 H HG2  . LYS A 1 100 ? -8.021  3.646   20.417  1.00 4.88  ? 100 LYS A HG2  1 
ATOM 1722 H HG3  . LYS A 1 100 ? -6.828  4.454   21.430  1.00 4.87  ? 100 LYS A HG3  1 
ATOM 1723 H HD2  . LYS A 1 100 ? -5.661  2.205   20.000  1.00 6.12  ? 100 LYS A HD2  1 
ATOM 1724 H HD3  . LYS A 1 100 ? -6.382  3.377   18.895  1.00 6.13  ? 100 LYS A HD3  1 
ATOM 1725 H HE2  . LYS A 1 100 ? -4.702  4.395   21.164  1.00 6.99  ? 100 LYS A HE2  1 
ATOM 1726 H HE3  . LYS A 1 100 ? -3.897  3.739   19.724  1.00 6.92  ? 100 LYS A HE3  1 
ATOM 1727 H HZ1  . LYS A 1 100 ? -4.534  6.185   19.661  1.00 8.18  ? 100 LYS A HZ1  1 
ATOM 1728 H HZ2  . LYS A 1 100 ? -6.144  5.657   19.534  1.00 7.91  ? 100 LYS A HZ2  1 
ATOM 1729 H HZ3  . LYS A 1 100 ? -5.014  5.242   18.335  1.00 7.97  ? 100 LYS A HZ3  1 
ATOM 1730 N N    . LYS A 1 101 ? -9.085  4.922   22.663  1.00 4.18  ? 101 LYS A N    1 
ATOM 1731 C CA   . LYS A 1 101 ? -9.169  6.355   23.076  1.00 4.84  ? 101 LYS A CA   1 
ATOM 1732 C C    . LYS A 1 101 ? -9.738  6.471   24.493  1.00 5.10  ? 101 LYS A C    1 
ATOM 1733 O O    . LYS A 1 101 ? -9.213  7.175   25.333  1.00 5.42  ? 101 LYS A O    1 
ATOM 1734 C CB   . LYS A 1 101 ? -10.136 6.985   22.075  1.00 5.30  ? 101 LYS A CB   1 
ATOM 1735 C CG   . LYS A 1 101 ? -10.175 8.498   22.284  1.00 5.86  ? 101 LYS A CG   1 
ATOM 1736 C CD   . LYS A 1 101 ? -11.606 8.934   22.593  1.00 6.74  ? 101 LYS A CD   1 
ATOM 1737 C CE   . LYS A 1 101 ? -12.430 8.927   21.310  1.00 7.47  ? 101 LYS A CE   1 
ATOM 1738 N NZ   . LYS A 1 101 ? -13.799 8.526   21.733  1.00 8.10  ? 101 LYS A NZ   1 
ATOM 1739 H H    . LYS A 1 101 ? -9.536  4.625   21.845  1.00 4.25  ? 101 LYS A H    1 
ATOM 1740 H HA   . LYS A 1 101 ? -8.203  6.832   23.009  1.00 5.25  ? 101 LYS A HA   1 
ATOM 1741 H HB2  . LYS A 1 101 ? -9.803  6.768   21.070  1.00 5.36  ? 101 LYS A HB2  1 
ATOM 1742 H HB3  . LYS A 1 101 ? -11.124 6.576   22.222  1.00 5.63  ? 101 LYS A HB3  1 
ATOM 1743 H HG2  . LYS A 1 101 ? -9.530  8.767   23.105  1.00 6.06  ? 101 LYS A HG2  1 
ATOM 1744 H HG3  . LYS A 1 101 ? -9.841  8.992   21.384  1.00 5.82  ? 101 LYS A HG3  1 
ATOM 1745 H HD2  . LYS A 1 101 ? -12.044 8.250   23.304  1.00 6.84  ? 101 LYS A HD2  1 
ATOM 1746 H HD3  . LYS A 1 101 ? -11.595 9.931   23.007  1.00 7.08  ? 101 LYS A HD3  1 
ATOM 1747 H HE2  . LYS A 1 101 ? -12.444 9.912   20.867  1.00 7.58  ? 101 LYS A HE2  1 
ATOM 1748 H HE3  . LYS A 1 101 ? -12.033 8.206   20.616  1.00 7.72  ? 101 LYS A HE3  1 
ATOM 1749 H HZ1  . LYS A 1 101 ? -13.770 7.567   22.135  1.00 8.30  ? 101 LYS A HZ1  1 
ATOM 1750 H HZ2  . LYS A 1 101 ? -14.431 8.539   20.907  1.00 8.57  ? 101 LYS A HZ2  1 
ATOM 1751 H HZ3  . LYS A 1 101 ? -14.150 9.189   22.450  1.00 8.10  ? 101 LYS A HZ3  1 
ATOM 1752 N N    . LYS A 1 102 ? -10.805 5.772   24.761  1.00 5.39  ? 102 LYS A N    1 
ATOM 1753 C CA   . LYS A 1 102 ? -11.412 5.826   26.119  1.00 6.05  ? 102 LYS A CA   1 
ATOM 1754 C C    . LYS A 1 102 ? -10.968 4.589   26.903  1.00 6.35  ? 102 LYS A C    1 
ATOM 1755 O O    . LYS A 1 102 ? -11.321 3.476   26.571  1.00 6.38  ? 102 LYS A O    1 
ATOM 1756 C CB   . LYS A 1 102 ? -12.923 5.802   25.872  1.00 6.60  ? 102 LYS A CB   1 
ATOM 1757 C CG   . LYS A 1 102 ? -13.654 6.357   27.093  1.00 7.30  ? 102 LYS A CG   1 
ATOM 1758 C CD   . LYS A 1 102 ? -13.548 7.882   27.087  1.00 8.23  ? 102 LYS A CD   1 
ATOM 1759 C CE   . LYS A 1 102 ? -14.544 8.480   28.081  1.00 9.23  ? 102 LYS A CE   1 
ATOM 1760 N NZ   . LYS A 1 102 ? -13.820 9.631   28.680  1.00 10.03 ? 102 LYS A NZ   1 
ATOM 1761 H H    . LYS A 1 102 ? -11.205 5.208   24.068  1.00 5.44  ? 102 LYS A H    1 
ATOM 1762 H HA   . LYS A 1 102 ? -11.126 6.731   26.630  1.00 6.29  ? 102 LYS A HA   1 
ATOM 1763 H HB2  . LYS A 1 102 ? -13.157 6.410   25.008  1.00 6.70  ? 102 LYS A HB2  1 
ATOM 1764 H HB3  . LYS A 1 102 ? -13.244 4.788   25.692  1.00 6.78  ? 102 LYS A HB3  1 
ATOM 1765 H HG2  . LYS A 1 102 ? -14.692 6.061   27.059  1.00 7.37  ? 102 LYS A HG2  1 
ATOM 1766 H HG3  . LYS A 1 102 ? -13.196 5.970   27.990  1.00 7.36  ? 102 LYS A HG3  1 
ATOM 1767 H HD2  . LYS A 1 102 ? -12.547 8.169   27.370  1.00 8.34  ? 102 LYS A HD2  1 
ATOM 1768 H HD3  . LYS A 1 102 ? -13.764 8.256   26.097  1.00 8.32  ? 102 LYS A HD3  1 
ATOM 1769 H HE2  . LYS A 1 102 ? -15.434 8.817   27.564  1.00 9.40  ? 102 LYS A HE2  1 
ATOM 1770 H HE3  . LYS A 1 102 ? -14.797 7.761   28.845  1.00 9.42  ? 102 LYS A HE3  1 
ATOM 1771 H HZ1  . LYS A 1 102 ? -12.843 9.351   28.900  1.00 10.39 ? 102 LYS A HZ1  1 
ATOM 1772 H HZ2  . LYS A 1 102 ? -14.303 9.929   29.552  1.00 10.14 ? 102 LYS A HZ2  1 
ATOM 1773 H HZ3  . LYS A 1 102 ? -13.807 10.419  28.003  1.00 10.30 ? 102 LYS A HZ3  1 
ATOM 1774 N N    . LYS A 1 103 ? -10.174 4.765   27.919  1.00 6.93  ? 103 LYS A N    1 
ATOM 1775 C CA   . LYS A 1 103 ? -9.688  3.580   28.686  1.00 7.58  ? 103 LYS A CA   1 
ATOM 1776 C C    . LYS A 1 103 ? -10.416 3.480   30.015  1.00 8.33  ? 103 LYS A C    1 
ATOM 1777 O O    . LYS A 1 103 ? -10.160 4.240   30.926  1.00 8.72  ? 103 LYS A O    1 
ATOM 1778 C CB   . LYS A 1 103 ? -8.209  3.855   28.947  1.00 8.13  ? 103 LYS A CB   1 
ATOM 1779 C CG   . LYS A 1 103 ? -7.519  4.308   27.663  1.00 8.33  ? 103 LYS A CG   1 
ATOM 1780 C CD   . LYS A 1 103 ? -6.026  4.465   27.933  1.00 8.99  ? 103 LYS A CD   1 
ATOM 1781 C CE   . LYS A 1 103 ? -5.360  5.128   26.729  1.00 9.50  ? 103 LYS A CE   1 
ATOM 1782 N NZ   . LYS A 1 103 ? -5.233  6.566   27.105  1.00 10.25 ? 103 LYS A NZ   1 
ATOM 1783 H H    . LYS A 1 103 ? -9.872  5.663   28.165  1.00 7.15  ? 103 LYS A H    1 
ATOM 1784 H HA   . LYS A 1 103 ? -9.805  2.677   28.110  1.00 7.39  ? 103 LYS A HA   1 
ATOM 1785 H HB2  . LYS A 1 103 ? -8.118  4.627   29.697  1.00 8.37  ? 103 LYS A HB2  1 
ATOM 1786 H HB3  . LYS A 1 103 ? -7.737  2.953   29.306  1.00 8.45  ? 103 LYS A HB3  1 
ATOM 1787 H HG2  . LYS A 1 103 ? -7.677  3.574   26.886  1.00 8.28  ? 103 LYS A HG2  1 
ATOM 1788 H HG3  . LYS A 1 103 ? -7.930  5.259   27.353  1.00 8.34  ? 103 LYS A HG3  1 
ATOM 1789 H HD2  . LYS A 1 103 ? -5.883  5.080   28.810  1.00 9.22  ? 103 LYS A HD2  1 
ATOM 1790 H HD3  . LYS A 1 103 ? -5.587  3.494   28.099  1.00 9.13  ? 103 LYS A HD3  1 
ATOM 1791 H HE2  . LYS A 1 103 ? -4.386  4.692   26.553  1.00 9.49  ? 103 LYS A HE2  1 
ATOM 1792 H HE3  . LYS A 1 103 ? -5.983  5.029   25.854  1.00 9.59  ? 103 LYS A HE3  1 
ATOM 1793 H HZ1  . LYS A 1 103 ? -4.384  6.698   27.690  1.00 10.67 ? 103 LYS A HZ1  1 
ATOM 1794 H HZ2  . LYS A 1 103 ? -6.075  6.860   27.642  1.00 10.46 ? 103 LYS A HZ2  1 
ATOM 1795 H HZ3  . LYS A 1 103 ? -5.152  7.144   26.245  1.00 10.34 ? 103 LYS A HZ3  1 
ATOM 1796 N N    . LYS A 1 104 ? -11.320 2.556   30.147  1.00 8.77  ? 104 LYS A N    1 
ATOM 1797 C CA   . LYS A 1 104 ? -12.059 2.432   31.432  1.00 9.67  ? 104 LYS A CA   1 
ATOM 1798 C C    . LYS A 1 104 ? -12.983 1.214   31.387  1.00 10.42 ? 104 LYS A C    1 
ATOM 1799 O O    . LYS A 1 104 ? -12.613 0.240   30.756  1.00 10.70 ? 104 LYS A O    1 
ATOM 1800 C CB   . LYS A 1 104 ? -12.874 3.721   31.535  1.00 9.93  ? 104 LYS A CB   1 
ATOM 1801 C CG   . LYS A 1 104 ? -13.825 3.809   30.343  1.00 10.29 ? 104 LYS A CG   1 
ATOM 1802 C CD   . LYS A 1 104 ? -14.491 5.182   30.322  1.00 10.72 ? 104 LYS A CD   1 
ATOM 1803 C CE   . LYS A 1 104 ? -15.466 5.284   31.493  1.00 11.26 ? 104 LYS A CE   1 
ATOM 1804 N NZ   . LYS A 1 104 ? -15.516 6.732   31.836  1.00 11.72 ? 104 LYS A NZ   1 
ATOM 1805 O OXT  . LYS A 1 104 ? -14.045 1.280   31.984  1.00 10.89 ? 104 LYS A OXT  1 
ATOM 1806 H H    . LYS A 1 104 ? -11.528 1.954   29.402  1.00 8.64  ? 104 LYS A H    1 
ATOM 1807 H HA   . LYS A 1 104 ? -11.371 2.359   32.259  1.00 9.82  ? 104 LYS A HA   1 
ATOM 1808 H HB2  . LYS A 1 104 ? -13.439 3.721   32.455  1.00 9.87  ? 104 LYS A HB2  1 
ATOM 1809 H HB3  . LYS A 1 104 ? -12.209 4.572   31.523  1.00 10.17 ? 104 LYS A HB3  1 
ATOM 1810 H HG2  . LYS A 1 104 ? -13.269 3.663   29.427  1.00 10.50 ? 104 LYS A HG2  1 
ATOM 1811 H HG3  . LYS A 1 104 ? -14.583 3.044   30.431  1.00 10.29 ? 104 LYS A HG3  1 
ATOM 1812 H HD2  . LYS A 1 104 ? -13.735 5.949   30.412  1.00 10.69 ? 104 LYS A HD2  1 
ATOM 1813 H HD3  . LYS A 1 104 ? -15.028 5.310   29.395  1.00 10.90 ? 104 LYS A HD3  1 
ATOM 1814 H HE2  . LYS A 1 104 ? -16.444 4.929   31.196  1.00 11.35 ? 104 LYS A HE2  1 
ATOM 1815 H HE3  . LYS A 1 104 ? -15.099 4.718   32.336  1.00 11.42 ? 104 LYS A HE3  1 
ATOM 1816 H HZ1  . LYS A 1 104 ? -15.497 7.298   30.964  1.00 12.06 ? 104 LYS A HZ1  1 
ATOM 1817 H HZ2  . LYS A 1 104 ? -14.696 6.978   32.428  1.00 11.98 ? 104 LYS A HZ2  1 
ATOM 1818 H HZ3  . LYS A 1 104 ? -16.392 6.935   32.357  1.00 11.62 ? 104 LYS A HZ3  1 
# 
